data_7Q5B
#
_entry.id   7Q5B
#
_cell.length_a   1.00
_cell.length_b   1.00
_cell.length_c   1.00
_cell.angle_alpha   90.00
_cell.angle_beta   90.00
_cell.angle_gamma   90.00
#
_symmetry.space_group_name_H-M   'P 1'
#
loop_
_entity.id
_entity.type
_entity.pdbx_description
1 polymer 'DNA (56-MER)'
2 polymer 'DNA (31-MER)'
3 polymer 'DNA (34-MER)'
4 polymer 'DNA (9-MER)'
5 polymer 'Transposon Ty3-G Gag-Pol polyprotein'
6 polymer "Transcription factor TFIIIB component B''"
7 polymer 'TATA-box-binding protein'
8 polymer 'Transcription factor IIIB 70 kDa subunit'
9 polymer 'DNA (19-MER)'
#
loop_
_entity_poly.entity_id
_entity_poly.type
_entity_poly.pdbx_seq_one_letter_code
_entity_poly.pdbx_strand_id
1 'polydeoxyribonucleotide'
;(DG)(DA)(DG)(DC)(DC)(DC)(DG)(DT)(DA)(DA)(DT)(DA)(DC)(DA)(DA)(DC)(DA)(DG)(DA)(DT)
(DT)(DT)(DT)(DT)(DT)(DC)(DT)(DC)(DT)(DT)(DA)(DG)(DT)(DT)(DT)(DT)(DA)(DA)(DA)(DT)
(DT)(DT)(DT)(DT)(DA)(DT)(DA)(DT)(DT)(DT)(DC)(DG)(DT)(DC)(DG)(DA)
;
R
2 'polydeoxyribonucleotide'
;(DG)(DA)(DG)(DC)(DC)(DC)(DG)(DT)(DA)(DA)(DT)(DA)(DC)(DA)(DA)(DC)(DA)(DA)(DA)(DA)
(DT)(DC)(DC)(DA)(DA)(DC)(DA)(DA)(DA)(DT)(DA)
;
S
3 'polydeoxyribonucleotide'
;(DT)(DC)(DG)(DA)(DC)(DG)(DA)(DA)(DA)(DT)(DA)(DT)(DA)(DA)(DA)(DA)(DA)(DT)(DT)(DT)
(DA)(DA)(DA)(DA)(DC)(DT)(DA)(DA)(DG)(DA)(DG)(DA)(DA)(DA)
;
r
4 'polydeoxyribonucleotide' (DT)(DA)(DT)(DT)(DT)(DG)(DT)(DT)(DG) s
5 'polypeptide(L)'
;MSFMDQIPGGGNYPKLPVECLPNFPIQPSLTFRGRNDSHKLKNFISEIMLNMSMISWPNDASRIVYCRRHLLNPAAQWAN
DFVQEQGILEITFDTFIQGLYQHFYKPPDINKIFNAITQLSEAKLGIERLNQRFRKIWDRMPPDFMTEKAAIMTYTRLLT
KETYNIVRMHKPETLKDAMEEAYQTTALTERFFPGFELDADGDTIIGATTHLQEEYDSDYDSEDNLTQNGYVHTVRTRRS
YNKPMSNHRNRRNNNPSREECIKNRLCFYCKKEGHRLNECRARKAVLTDLELESKDQQTPFIKTLPIVHYIAIPEMDNTA
EKTIKIQNTKVKTLFDSGSPTSFIRRDIVELLKYEIYETPPLRFRGFVATKSAVTSEAVTIDLKINDLHITLAAYILDNM
DYQLLIGNPILRRYPKILHTVLNTRESPDSLKPKTYRSETVNNVRTYSAGNRGNPRNIKLSFAPTILEATDPKSAGNRGD
SRTKTLSLATTTPAAIDPLTTLDNPGSTQSTFAQFPIPEEASILEEDGKYSNVVSTIQSVEPNATDHSNKDTFCTLPVWL
QQKYREIIRNDLPPRPADINNIPVKHDIEIKPGARLPRLQPYHVTEKNEQEINKIVQKLLDNKFIVPSKSPCSSPVVLVP
KKDGTFRLCVDYRTLNKATISDPFPLPRIDNLLSRIGNAQIFTTLDLHSGYHQIPMEPKDRYKTAFVTPSGKYEYTVMPF
GLVNAPSTFARYMADTFRDLRFVNVYLDDILIFSESPEEHWKHLDTVLERLKNENLIVKKKKCKFASEETEFLGYSIGIQ
KIAPLQHKCAAIRDFPTPKTVKQAQRFLGMINYYRRFIPNCSKIAQPIQLFICDKSQWTEKQDKAIDKLKDALCNSPVLV
PFNNKANYRLTTDASKDGIGAVLEEVDNKNKLVGVVGYFSKSLESAQKNYPAGELELLGIIKALHHFRYMLHGKHFTLRT
DHISLLSLQNKNEPARRVQRWLDDLATYDFTLEYLAGPKNVVADAISRAVYTITPETSRPIDTESWKSYYKSDPLCSAVL
IHMKELTQHNVTPEDMSAFRSYQKKLELSETFRKNYSLEDEMIYYQDRLVVPIKQQNAVMRLYHDHTLFGGHFGVTVTLA
KISPIYYWPKLQHSIIQYIRTCVQCQLIKSHRPRLHGLLQPLPIAEGRWLDISMDFVTGLPPTSNNLNMILVVVDRFSKR
AHFIATRKTLDATQLIDLLFRYIFSYHGFPRTITSDRDVRMTADKYQELTKRLGIKSTMSSANHPQTDGQSERTIQTLNR
LLRAYASTNIQNWHVYLPQIEFVYNSTPTRTLGKSPFEIDLGYLPNTPAIKSDDEVNARSFTAVELAKHLKALTIQTKEQ
LEHAQIEMETNNNQRRKPLLLNIGDHVLVHRDAYFKKGAYMKVQQIYVGPFRVVKKINDNAYELDLNSHKKKHRVINVQF
LKKFVYRPDAYPKNKPISSTERIKRAHEVTALIGIDTTHKTYLCHMQDVDPTLSVEYSEAEFCQIPERTRRSILANFRQL
YETQDNPEREEDVVSQNEICQYDNTSP
;
A,B,C,D
6 'polypeptide(L)'
;MSSIVNKSGTRFAPKVRQRRAATGGTPTPKPRTPQLFIPESKEIEEDNSDNDKGVDENETAIVEKPSLVGERSLEGFTLT
GTNGHDNEIGDEGPIDASTQNPKADVIEDNVTLKPAPLQTHRDQKVPRSSRLASLSKDNESRPSFKPSFLDSSSNSNGTA
RRLSTISNKLPKKIRLGSITENDMNLKTFKRHRVLGKPSSAKKPAGAHRISIVSKISPPTAMTDSLDRNEFSSETSTSRE
ADENENYVISKVKDIPKKVRDGESAKYFIDEENFTMAELCKPNFPIGQISENFEKSKMAKKAKLEKRRHLRELRMRARQE
FKPLHSLTKEEQEEEEEKRKEERDKLLNADIPESDRKAHTAIQLKLNPDGTMAIDEETMVVDRHKNASIENEYKEKVDEN
PFANLYNYGSYGRGSYTDPWTVEEMIKFYKALSMWGTDFNLISQLYPYRSRKQVKAKFVNEEKKRPILIELALRSKLPPN
FDEYCCEIKKNIGTVADFNEKLIELQNEHKHHMKEIEEAKNTAKEEDQTAQRLNDANLNKKGSGGIMTNDLKVYRKTEVV
LGTIDDLKRKKLKERNNDDNEDNEGSEEEPEIDQ
;
X
7 'polypeptide(L)'
;MADEERLKEFKEANKIVFDPNTRQVWENQNRDGTKPATTFQSEEDIKRAAPESEKDTSATSGIVPTLQNIVATVTLGCRL
DLKTVALHARNAEYNPKRFAAVIMRIREPKTTALIFASGKMVVTGAKSEDDSKLASRKYARIIQKIGFAAKFTDFKIQNI
VGSCDVKFPIRLEGLAFSHGTFSSYEPELFPGLIYRMVKPKIVLLIFVSGKIVLTGAKQREEIYQAFEAIYPVLSEFRKM
;
Y
8 'polypeptide(L)'
;MPVCKNCHGTEFERDLSNANNDLVCKACGVVSEDNPIVSEVTFGETSAGAAVVQGSFIGAGQSHAAFGGSSALESREATL
NNARRKLRAVSYALHIPEYITDAAFQWYKLALANNFVQGRRSQNVIASCLYVACRKEKTHHMLIDFSSRLQVSVYSIGAT
FLKMVKKLHITELPLADPSLFIQHFAEKLDLADKKIKVVKDAVKLAQRMSKDWMFEGRRPAGIAGACILLACRMNNLRRT
HTEIVAVSHVAEETLQQRLNEFKNTKAAKLSVQKFRENDVEDGEARPPSFVKNRKKERKIKDSLDKEEMFQTSEEALNKN
PILTQVLGEQELSSKEVLFYLKQFSERRARVVERIKATNGIDGENIYHEGSENETRKRKLSEVSIQNEHVEGEDKETEGT
EEKVKKVKTKTSEEKKENESGHFQDAIDGYSLETDPYCPRNLHLLPTTDTYLSKVSDDPDNLEDVDDEELNAHLLNEEAS
KLKERIWIGLNADFLLEQESKRLKQEADIATGNTSVKKKRTRRRNNTRSDEPTKTVDAAAAIGLMSDLQDKSGLHAALKA
AEESGDFTTADSVKNMLQKASFSKKINYDAIDGLFR
;
Z
9 'polydeoxyribonucleotide' (DG)(DG)(DT)(DG)(DT)(DT)(DG)(DT)(DA)(DT)(DT)(DA)(DC)(DG)(DG)(DG)(DC)(DT)(DC) t,u
#
# COMPACT_ATOMS: atom_id res chain seq x y z
N SER E 1028 27.28 44.64 -25.02
CA SER E 1028 26.66 43.44 -25.57
C SER E 1028 25.14 43.50 -25.40
N TYR E 1029 24.52 44.50 -26.01
CA TYR E 1029 23.08 44.69 -25.93
C TYR E 1029 22.41 44.22 -27.22
N TYR E 1030 21.09 44.04 -27.13
CA TYR E 1030 20.30 43.48 -28.21
C TYR E 1030 19.71 44.60 -29.07
N LYS E 1031 18.80 44.22 -29.97
CA LYS E 1031 18.07 45.11 -30.87
C LYS E 1031 18.98 45.86 -31.85
N SER E 1032 20.23 45.42 -32.01
CA SER E 1032 21.12 45.99 -33.00
C SER E 1032 21.08 45.21 -34.30
N ASP E 1033 19.87 45.03 -34.85
CA ASP E 1033 19.68 44.21 -36.03
C ASP E 1033 18.40 44.60 -36.74
N PRO E 1034 18.42 44.80 -38.05
CA PRO E 1034 17.18 45.05 -38.79
C PRO E 1034 16.56 43.75 -39.28
N LEU E 1035 15.23 43.68 -39.18
CA LEU E 1035 14.49 42.50 -39.60
C LEU E 1035 13.31 42.95 -40.46
N CYS E 1036 13.46 42.82 -41.77
CA CYS E 1036 12.41 43.17 -42.72
C CYS E 1036 11.46 42.02 -43.01
N SER E 1037 11.61 40.89 -42.31
CA SER E 1037 10.80 39.70 -42.55
C SER E 1037 10.30 39.17 -41.21
N ALA E 1038 9.12 39.65 -40.79
CA ALA E 1038 8.50 39.25 -39.54
C ALA E 1038 7.02 39.59 -39.61
N VAL E 1039 6.31 39.44 -38.50
CA VAL E 1039 4.88 39.74 -38.45
C VAL E 1039 4.63 41.23 -38.51
N LEU E 1040 5.44 42.02 -37.80
CA LEU E 1040 5.19 43.46 -37.67
C LEU E 1040 5.56 44.26 -38.92
N ILE E 1041 5.95 43.60 -40.01
CA ILE E 1041 6.33 44.33 -41.23
C ILE E 1041 5.11 45.03 -41.82
N HIS E 1042 3.97 44.35 -41.84
CA HIS E 1042 2.74 44.95 -42.34
C HIS E 1042 2.32 46.15 -41.48
N MET E 1043 2.56 46.06 -40.18
CA MET E 1043 2.25 47.19 -39.30
C MET E 1043 3.21 48.35 -39.53
N LYS E 1044 4.48 48.05 -39.77
CA LYS E 1044 5.47 49.11 -39.95
C LYS E 1044 5.48 49.72 -41.34
N GLU E 1045 4.85 49.07 -42.33
CA GLU E 1045 4.75 49.67 -43.65
C GLU E 1045 3.56 50.63 -43.77
N LEU E 1046 2.81 50.82 -42.68
CA LEU E 1046 1.76 51.83 -42.66
C LEU E 1046 2.31 53.24 -42.84
N THR E 1047 3.59 53.45 -42.53
CA THR E 1047 4.28 54.70 -42.80
C THR E 1047 5.29 54.57 -43.93
N GLN E 1048 5.97 53.44 -44.02
CA GLN E 1048 7.07 53.27 -44.99
C GLN E 1048 6.55 52.97 -46.39
N HIS E 1049 5.72 51.93 -46.52
CA HIS E 1049 5.09 51.50 -47.78
C HIS E 1049 6.11 51.13 -48.85
N ASN E 1050 7.33 50.73 -48.46
CA ASN E 1050 8.40 50.50 -49.43
C ASN E 1050 8.53 49.03 -49.81
N VAL E 1051 8.86 48.16 -48.85
CA VAL E 1051 9.21 46.77 -49.13
C VAL E 1051 8.33 45.87 -48.27
N THR E 1052 7.82 44.79 -48.87
CA THR E 1052 6.96 43.82 -48.18
C THR E 1052 7.45 42.39 -48.42
N PRO E 1053 8.62 42.04 -47.86
CA PRO E 1053 9.16 40.68 -48.07
C PRO E 1053 8.63 39.69 -47.04
N GLU E 1054 7.36 39.32 -47.19
CA GLU E 1054 6.73 38.40 -46.26
C GLU E 1054 7.28 36.99 -46.43
N ASP E 1055 7.04 36.15 -45.43
CA ASP E 1055 7.58 34.81 -45.36
C ASP E 1055 6.45 33.77 -45.42
N MET E 1056 6.82 32.52 -45.21
CA MET E 1056 5.82 31.45 -45.09
C MET E 1056 5.03 31.63 -43.80
N SER E 1057 3.73 31.33 -43.88
CA SER E 1057 2.78 31.46 -42.76
C SER E 1057 2.71 32.89 -42.24
N ALA E 1058 2.96 33.86 -43.11
CA ALA E 1058 2.85 35.28 -42.77
C ALA E 1058 1.51 35.86 -43.16
N PHE E 1059 0.54 35.02 -43.52
CA PHE E 1059 -0.82 35.50 -43.80
C PHE E 1059 -1.52 36.01 -42.56
N ARG E 1060 -1.04 35.65 -41.36
CA ARG E 1060 -1.54 36.28 -40.14
C ARG E 1060 -1.22 37.76 -40.11
N SER E 1061 -0.08 38.15 -40.68
CA SER E 1061 0.27 39.56 -40.76
C SER E 1061 -0.71 40.32 -41.66
N TYR E 1062 -1.16 39.69 -42.74
CA TYR E 1062 -2.15 40.32 -43.61
C TYR E 1062 -3.47 40.55 -42.87
N GLN E 1063 -3.92 39.57 -42.10
CA GLN E 1063 -5.16 39.72 -41.34
C GLN E 1063 -5.01 40.76 -40.23
N LYS E 1064 -3.85 40.80 -39.59
CA LYS E 1064 -3.60 41.80 -38.55
C LYS E 1064 -3.56 43.21 -39.16
N LYS E 1065 -2.96 43.35 -40.35
CA LYS E 1065 -2.95 44.64 -41.02
C LYS E 1065 -4.34 45.04 -41.47
N LEU E 1066 -5.17 44.08 -41.90
CA LEU E 1066 -6.55 44.38 -42.25
C LEU E 1066 -7.34 44.86 -41.04
N GLU E 1067 -7.15 44.20 -39.89
CA GLU E 1067 -7.81 44.62 -38.67
C GLU E 1067 -7.33 46.00 -38.21
N LEU E 1068 -6.04 46.27 -38.40
CA LEU E 1068 -5.50 47.60 -38.10
C LEU E 1068 -6.08 48.65 -39.03
N SER E 1069 -6.29 48.30 -40.31
CA SER E 1069 -6.83 49.24 -41.27
C SER E 1069 -8.29 49.57 -40.98
N GLU E 1070 -9.10 48.56 -40.62
CA GLU E 1070 -10.50 48.84 -40.33
C GLU E 1070 -10.72 49.48 -38.97
N THR E 1071 -9.69 49.55 -38.13
CA THR E 1071 -9.76 50.25 -36.84
C THR E 1071 -8.87 51.48 -36.87
N PHE E 1072 -8.81 52.16 -35.73
CA PHE E 1072 -7.95 53.32 -35.53
C PHE E 1072 -7.25 53.16 -34.18
N ARG E 1073 -6.10 52.49 -34.20
CA ARG E 1073 -5.28 52.30 -33.01
C ARG E 1073 -3.80 52.55 -33.32
N LYS E 1074 -3.54 53.42 -34.31
CA LYS E 1074 -2.17 53.68 -34.76
C LYS E 1074 -1.41 54.42 -33.66
N ASN E 1075 -0.51 53.71 -32.99
CA ASN E 1075 0.36 54.32 -31.98
C ASN E 1075 1.81 53.86 -32.12
N TYR E 1076 2.15 53.16 -33.20
CA TYR E 1076 3.52 52.70 -33.38
C TYR E 1076 4.42 53.87 -33.77
N SER E 1077 5.56 53.96 -33.11
CA SER E 1077 6.52 55.03 -33.37
C SER E 1077 7.71 54.47 -34.14
N LEU E 1078 8.08 55.14 -35.22
CA LEU E 1078 9.21 54.74 -36.05
C LEU E 1078 10.32 55.76 -35.90
N GLU E 1079 11.35 55.40 -35.14
CA GLU E 1079 12.46 56.31 -34.84
C GLU E 1079 13.75 55.51 -35.05
N ASP E 1080 14.52 55.89 -36.08
CA ASP E 1080 15.87 55.43 -36.44
C ASP E 1080 16.16 53.95 -36.12
N GLU E 1081 15.37 53.06 -36.73
CA GLU E 1081 15.37 51.58 -36.68
C GLU E 1081 14.73 51.08 -35.38
N MET E 1082 14.48 51.95 -34.39
CA MET E 1082 13.77 51.55 -33.18
C MET E 1082 12.28 51.76 -33.41
N ILE E 1083 11.62 50.69 -33.85
CA ILE E 1083 10.18 50.68 -34.01
C ILE E 1083 9.58 50.16 -32.71
N TYR E 1084 8.69 50.94 -32.11
CA TYR E 1084 8.15 50.54 -30.81
C TYR E 1084 6.72 51.04 -30.67
N TYR E 1085 6.09 50.64 -29.55
CA TYR E 1085 4.74 51.00 -29.18
C TYR E 1085 4.73 52.41 -28.58
N GLN E 1086 3.66 52.77 -27.87
CA GLN E 1086 3.55 54.11 -27.30
C GLN E 1086 4.70 54.42 -26.33
N ASP E 1087 5.08 53.45 -25.50
CA ASP E 1087 6.25 53.61 -24.66
C ASP E 1087 7.05 52.33 -24.51
N ARG E 1088 6.68 51.25 -25.18
CA ARG E 1088 7.30 49.95 -25.01
C ARG E 1088 7.83 49.43 -26.33
N LEU E 1089 8.94 48.71 -26.27
CA LEU E 1089 9.62 48.21 -27.47
C LEU E 1089 8.93 46.94 -27.96
N VAL E 1090 8.32 47.01 -29.15
CA VAL E 1090 7.84 45.79 -29.77
C VAL E 1090 9.01 44.99 -30.29
N VAL E 1091 8.96 43.68 -30.11
CA VAL E 1091 10.09 42.81 -30.43
C VAL E 1091 9.70 41.93 -31.61
N PRO E 1092 10.57 41.74 -32.59
CA PRO E 1092 10.27 40.82 -33.69
C PRO E 1092 10.18 39.37 -33.19
N ILE E 1093 9.38 38.58 -33.90
CA ILE E 1093 9.05 37.22 -33.46
C ILE E 1093 10.23 36.26 -33.58
N LYS E 1094 11.31 36.66 -34.28
CA LYS E 1094 12.49 35.81 -34.37
C LYS E 1094 13.15 35.65 -33.00
N GLN E 1095 13.22 36.72 -32.23
CA GLN E 1095 13.89 36.72 -30.93
C GLN E 1095 12.91 36.82 -29.77
N GLN E 1096 11.72 36.23 -29.92
CA GLN E 1096 10.78 36.17 -28.81
C GLN E 1096 11.30 35.29 -27.69
N ASN E 1097 11.73 34.08 -28.03
CA ASN E 1097 12.20 33.12 -27.04
C ASN E 1097 13.46 33.63 -26.34
N ALA E 1098 14.33 34.33 -27.08
CA ALA E 1098 15.53 34.89 -26.48
C ALA E 1098 15.19 35.94 -25.42
N VAL E 1099 14.22 36.80 -25.71
CA VAL E 1099 13.84 37.84 -24.77
C VAL E 1099 13.15 37.25 -23.53
N MET E 1100 12.22 36.31 -23.73
CA MET E 1100 11.53 35.75 -22.56
C MET E 1100 12.44 34.84 -21.75
N ARG E 1101 13.43 34.20 -22.39
CA ARG E 1101 14.42 33.44 -21.63
C ARG E 1101 15.36 34.38 -20.88
N LEU E 1102 15.70 35.51 -21.49
CA LEU E 1102 16.54 36.50 -20.83
C LEU E 1102 15.86 37.07 -19.59
N TYR E 1103 14.56 37.34 -19.68
CA TYR E 1103 13.82 37.89 -18.55
C TYR E 1103 13.15 36.83 -17.70
N HIS E 1104 13.38 35.55 -18.00
CA HIS E 1104 12.88 34.46 -17.17
C HIS E 1104 13.99 33.65 -16.52
N ASP E 1105 15.11 33.44 -17.19
CA ASP E 1105 16.25 32.76 -16.60
C ASP E 1105 17.20 33.80 -16.00
N HIS E 1106 18.34 33.34 -15.49
CA HIS E 1106 19.23 34.19 -14.72
C HIS E 1106 20.30 34.84 -15.58
N THR E 1107 20.11 34.88 -16.90
CA THR E 1107 21.08 35.54 -17.77
C THR E 1107 21.14 37.04 -17.50
N LEU E 1108 19.98 37.67 -17.31
CA LEU E 1108 19.90 39.04 -16.81
C LEU E 1108 18.98 39.12 -15.60
N PHE E 1109 19.13 38.13 -14.71
CA PHE E 1109 18.50 38.09 -13.39
C PHE E 1109 16.96 38.12 -13.48
N GLY E 1110 16.45 37.01 -13.99
CA GLY E 1110 15.03 36.70 -13.92
C GLY E 1110 14.81 35.90 -12.66
N GLY E 1111 14.68 34.59 -12.76
CA GLY E 1111 14.58 33.80 -11.55
C GLY E 1111 13.57 32.67 -11.61
N HIS E 1112 13.00 32.44 -12.80
CA HIS E 1112 11.98 31.43 -13.05
C HIS E 1112 10.77 31.67 -12.15
N PHE E 1113 10.12 32.80 -12.37
CA PHE E 1113 8.92 33.17 -11.64
C PHE E 1113 7.70 32.92 -12.51
N GLY E 1114 6.54 33.33 -12.02
CA GLY E 1114 5.29 33.10 -12.70
C GLY E 1114 5.04 34.12 -13.80
N VAL E 1115 3.81 34.11 -14.30
CA VAL E 1115 3.46 35.00 -15.40
C VAL E 1115 3.39 36.46 -14.93
N THR E 1116 3.02 36.67 -13.66
CA THR E 1116 2.85 38.04 -13.17
C THR E 1116 4.19 38.76 -13.05
N VAL E 1117 5.18 38.11 -12.44
CA VAL E 1117 6.50 38.71 -12.32
C VAL E 1117 7.16 38.84 -13.69
N THR E 1118 6.91 37.88 -14.58
CA THR E 1118 7.44 37.97 -15.94
C THR E 1118 6.84 39.16 -16.69
N LEU E 1119 5.53 39.39 -16.53
CA LEU E 1119 4.91 40.58 -17.09
C LEU E 1119 5.49 41.85 -16.50
N ALA E 1120 5.66 41.87 -15.17
CA ALA E 1120 6.25 43.03 -14.50
C ALA E 1120 7.68 43.28 -14.92
N LYS E 1121 8.38 42.24 -15.41
CA LYS E 1121 9.71 42.44 -15.95
C LYS E 1121 9.69 42.87 -17.42
N ILE E 1122 8.71 42.41 -18.19
CA ILE E 1122 8.70 42.61 -19.64
C ILE E 1122 7.77 43.74 -20.05
N SER E 1123 6.53 43.72 -19.56
CA SER E 1123 5.54 44.71 -20.01
C SER E 1123 5.85 46.17 -19.68
N PRO E 1124 6.59 46.53 -18.61
CA PRO E 1124 7.07 47.92 -18.53
C PRO E 1124 8.04 48.31 -19.64
N ILE E 1125 8.68 47.36 -20.32
CA ILE E 1125 9.63 47.68 -21.36
C ILE E 1125 9.19 47.22 -22.75
N TYR E 1126 8.38 46.17 -22.87
CA TYR E 1126 8.00 45.61 -24.16
C TYR E 1126 6.49 45.45 -24.25
N TYR E 1127 5.98 45.42 -25.48
CA TYR E 1127 4.54 45.37 -25.71
C TYR E 1127 4.04 43.97 -26.00
N TRP E 1128 4.51 43.35 -27.09
CA TRP E 1128 4.22 41.96 -27.46
C TRP E 1128 2.74 41.59 -27.51
N PRO E 1129 2.03 41.87 -28.63
CA PRO E 1129 0.62 41.47 -28.78
C PRO E 1129 0.32 40.05 -28.30
N LYS E 1130 -0.68 39.92 -27.41
CA LYS E 1130 -0.96 38.70 -26.65
C LYS E 1130 0.28 38.27 -25.84
N LEU E 1131 0.73 39.16 -24.96
CA LEU E 1131 1.91 38.85 -24.15
C LEU E 1131 1.59 37.83 -23.06
N GLN E 1132 0.41 37.95 -22.45
CA GLN E 1132 0.04 37.05 -21.36
C GLN E 1132 -0.05 35.60 -21.82
N HIS E 1133 -0.66 35.39 -23.00
CA HIS E 1133 -0.76 34.03 -23.55
C HIS E 1133 0.61 33.48 -23.91
N SER E 1134 1.48 34.33 -24.48
CA SER E 1134 2.83 33.89 -24.81
C SER E 1134 3.61 33.52 -23.56
N ILE E 1135 3.44 34.29 -22.48
CA ILE E 1135 4.18 34.03 -21.25
C ILE E 1135 3.68 32.77 -20.55
N ILE E 1136 2.35 32.55 -20.53
CA ILE E 1136 1.86 31.31 -19.91
C ILE E 1136 2.25 30.10 -20.78
N GLN E 1137 2.32 30.29 -22.10
CA GLN E 1137 2.85 29.25 -22.96
C GLN E 1137 4.32 28.96 -22.65
N TYR E 1138 5.09 30.00 -22.36
CA TYR E 1138 6.49 29.80 -21.99
C TYR E 1138 6.62 29.10 -20.64
N ILE E 1139 5.71 29.42 -19.70
CA ILE E 1139 5.70 28.76 -18.40
C ILE E 1139 5.41 27.27 -18.57
N ARG E 1140 4.43 26.94 -19.43
CA ARG E 1140 4.20 25.55 -19.77
C ARG E 1140 5.28 24.97 -20.67
N THR E 1141 6.18 25.80 -21.19
CA THR E 1141 7.30 25.37 -22.03
C THR E 1141 8.57 25.13 -21.22
N CYS E 1142 8.90 26.03 -20.29
CA CYS E 1142 10.15 25.92 -19.54
C CYS E 1142 10.09 24.72 -18.60
N VAL E 1143 11.13 23.87 -18.68
CA VAL E 1143 11.08 22.57 -18.03
C VAL E 1143 11.23 22.68 -16.52
N GLN E 1144 12.16 23.52 -16.03
CA GLN E 1144 12.40 23.61 -14.60
C GLN E 1144 11.20 24.15 -13.86
N CYS E 1145 10.46 25.08 -14.49
CA CYS E 1145 9.21 25.55 -13.91
C CYS E 1145 8.18 24.43 -13.82
N GLN E 1146 8.20 23.49 -14.77
CA GLN E 1146 7.29 22.36 -14.67
C GLN E 1146 7.68 21.41 -13.55
N LEU E 1147 8.99 21.20 -13.36
CA LEU E 1147 9.43 20.26 -12.33
C LEU E 1147 9.47 20.86 -10.92
N ILE E 1148 9.65 22.17 -10.78
CA ILE E 1148 9.85 22.78 -9.47
C ILE E 1148 8.55 23.33 -8.88
N LYS E 1149 7.79 24.08 -9.68
CA LYS E 1149 6.57 24.70 -9.18
C LYS E 1149 5.51 23.65 -8.88
N SER E 1150 4.57 24.03 -8.01
CA SER E 1150 3.46 23.16 -7.65
C SER E 1150 2.14 23.69 -8.19
N HIS E 1151 1.77 24.92 -7.84
CA HIS E 1151 0.53 25.58 -8.24
C HIS E 1151 -0.70 24.71 -7.95
N ARG E 1152 -0.96 24.56 -6.64
CA ARG E 1152 -2.01 23.75 -6.00
C ARG E 1152 -2.14 22.38 -6.66
N PRO E 1153 -1.17 21.47 -6.47
CA PRO E 1153 -1.30 20.14 -7.06
C PRO E 1153 -2.14 19.20 -6.22
N ARG E 1154 -3.28 19.71 -5.74
CA ARG E 1154 -4.29 18.90 -5.08
C ARG E 1154 -5.64 19.04 -5.78
N LEU E 1155 -5.73 19.93 -6.76
CA LEU E 1155 -6.92 20.13 -7.59
C LEU E 1155 -6.48 19.86 -9.02
N HIS E 1156 -6.47 18.59 -9.41
CA HIS E 1156 -6.07 18.21 -10.76
C HIS E 1156 -7.06 17.29 -11.45
N GLY E 1157 -8.04 16.76 -10.74
CA GLY E 1157 -9.09 15.97 -11.37
C GLY E 1157 -10.41 16.25 -10.68
N LEU E 1158 -11.48 15.88 -11.36
CA LEU E 1158 -12.81 16.01 -10.79
C LEU E 1158 -12.96 15.06 -9.59
N LEU E 1159 -14.08 15.23 -8.87
CA LEU E 1159 -14.35 14.35 -7.74
C LEU E 1159 -14.50 12.91 -8.21
N GLN E 1160 -15.53 12.65 -9.04
CA GLN E 1160 -15.85 11.34 -9.61
C GLN E 1160 -15.87 10.25 -8.55
N PRO E 1161 -16.88 10.24 -7.68
CA PRO E 1161 -16.85 9.34 -6.52
C PRO E 1161 -17.08 7.88 -6.90
N LEU E 1162 -17.08 7.02 -5.88
CA LEU E 1162 -17.32 5.60 -6.08
C LEU E 1162 -18.76 5.39 -6.59
N PRO E 1163 -18.99 4.33 -7.35
CA PRO E 1163 -20.38 3.91 -7.62
C PRO E 1163 -21.07 3.60 -6.30
N ILE E 1164 -22.34 4.01 -6.21
CA ILE E 1164 -23.00 4.17 -4.92
C ILE E 1164 -23.13 2.84 -4.15
N ALA E 1165 -23.82 1.85 -4.71
CA ALA E 1165 -24.08 0.62 -3.97
C ALA E 1165 -24.71 -0.48 -4.81
N GLU E 1166 -25.05 -1.56 -4.13
CA GLU E 1166 -25.92 -2.62 -4.62
C GLU E 1166 -26.79 -3.00 -3.42
N GLY E 1167 -27.35 -4.22 -3.44
CA GLY E 1167 -27.96 -4.78 -2.25
C GLY E 1167 -27.05 -4.74 -1.03
N ARG E 1168 -27.64 -4.85 0.17
CA ARG E 1168 -26.93 -4.50 1.39
C ARG E 1168 -25.78 -5.47 1.67
N TRP E 1169 -24.68 -4.89 2.18
CA TRP E 1169 -23.45 -5.61 2.53
C TRP E 1169 -22.81 -6.28 1.30
N LEU E 1170 -22.58 -5.49 0.26
CA LEU E 1170 -21.83 -5.93 -0.91
C LEU E 1170 -20.56 -5.14 -1.18
N ASP E 1171 -20.50 -3.88 -0.78
CA ASP E 1171 -19.28 -3.09 -0.85
C ASP E 1171 -18.83 -2.77 0.57
N ILE E 1172 -17.53 -2.93 0.83
CA ILE E 1172 -16.99 -2.78 2.18
C ILE E 1172 -15.71 -1.95 2.10
N SER E 1173 -15.57 -0.98 3.01
CA SER E 1173 -14.41 -0.12 3.08
C SER E 1173 -13.48 -0.58 4.21
N MET E 1174 -12.18 -0.63 3.91
CA MET E 1174 -11.19 -1.19 4.83
C MET E 1174 -10.02 -0.24 5.01
N ASP E 1175 -9.74 0.12 6.26
CA ASP E 1175 -8.51 0.79 6.66
C ASP E 1175 -8.44 0.75 8.19
N PHE E 1176 -7.29 1.20 8.70
CA PHE E 1176 -7.05 1.22 10.14
C PHE E 1176 -5.96 2.22 10.45
N VAL E 1177 -6.02 2.77 11.66
CA VAL E 1177 -4.95 3.63 12.16
C VAL E 1177 -3.88 2.75 12.79
N THR E 1178 -2.61 3.06 12.50
CA THR E 1178 -1.53 2.14 12.79
C THR E 1178 -1.28 1.99 14.29
N GLY E 1179 -1.27 3.10 15.02
CA GLY E 1179 -0.88 3.04 16.42
C GLY E 1179 -1.71 3.87 17.37
N LEU E 1180 -1.96 3.30 18.54
CA LEU E 1180 -2.64 3.91 19.66
C LEU E 1180 -1.77 3.68 20.89
N PRO E 1181 -1.97 4.46 21.96
CA PRO E 1181 -1.37 4.10 23.25
C PRO E 1181 -1.77 2.70 23.66
N PRO E 1182 -0.79 1.79 23.78
CA PRO E 1182 -1.10 0.37 23.94
C PRO E 1182 -1.81 0.05 25.25
N THR E 1183 -2.67 -0.97 25.19
CA THR E 1183 -3.33 -1.51 26.36
C THR E 1183 -2.40 -2.46 27.10
N SER E 1184 -2.96 -3.28 27.98
CA SER E 1184 -2.27 -4.51 28.38
C SER E 1184 -1.94 -5.31 27.14
N ASN E 1185 -0.75 -5.92 27.12
CA ASN E 1185 -0.10 -6.29 25.86
C ASN E 1185 -0.82 -7.41 25.13
N ASN E 1186 -2.05 -7.13 24.69
CA ASN E 1186 -2.84 -8.03 23.86
C ASN E 1186 -3.53 -7.34 22.71
N LEU E 1187 -3.62 -6.01 22.69
CA LEU E 1187 -4.33 -5.25 21.68
C LEU E 1187 -3.57 -3.96 21.43
N ASN E 1188 -3.46 -3.57 20.15
CA ASN E 1188 -2.64 -2.39 19.85
C ASN E 1188 -3.36 -1.34 19.02
N MET E 1189 -4.17 -1.74 18.04
CA MET E 1189 -4.76 -0.77 17.12
C MET E 1189 -6.14 -1.25 16.70
N ILE E 1190 -6.91 -0.33 16.15
CA ILE E 1190 -8.32 -0.55 15.80
C ILE E 1190 -8.45 -0.58 14.28
N LEU E 1191 -9.11 -1.63 13.79
CA LEU E 1191 -9.50 -1.78 12.39
C LEU E 1191 -11.01 -1.61 12.30
N VAL E 1192 -11.48 -1.05 11.19
CA VAL E 1192 -12.89 -0.74 11.01
C VAL E 1192 -13.42 -1.38 9.74
N VAL E 1193 -14.66 -1.83 9.79
CA VAL E 1193 -15.40 -2.26 8.62
C VAL E 1193 -16.72 -1.50 8.63
N VAL E 1194 -16.93 -0.64 7.63
CA VAL E 1194 -18.22 -0.03 7.38
C VAL E 1194 -18.56 -0.23 5.91
N ASP E 1195 -19.79 -0.67 5.64
CA ASP E 1195 -20.19 -0.90 4.27
C ASP E 1195 -20.53 0.42 3.58
N ARG E 1196 -20.31 0.47 2.27
CA ARG E 1196 -20.55 1.69 1.51
C ARG E 1196 -22.02 2.07 1.51
N PHE E 1197 -22.92 1.08 1.57
CA PHE E 1197 -24.35 1.35 1.53
C PHE E 1197 -24.86 1.87 2.87
N SER E 1198 -24.74 1.06 3.92
CA SER E 1198 -25.42 1.33 5.18
C SER E 1198 -24.56 2.02 6.21
N LYS E 1199 -23.23 1.99 6.06
CA LYS E 1199 -22.26 2.58 7.00
C LYS E 1199 -22.46 2.02 8.40
N ARG E 1200 -22.23 0.71 8.52
CA ARG E 1200 -22.43 -0.03 9.75
C ARG E 1200 -21.09 -0.20 10.45
N ALA E 1201 -21.00 0.30 11.68
CA ALA E 1201 -19.73 0.35 12.40
C ALA E 1201 -19.28 -1.04 12.84
N HIS E 1202 -17.98 -1.18 13.05
CA HIS E 1202 -17.40 -2.44 13.49
C HIS E 1202 -16.14 -2.20 14.32
N PHE E 1203 -15.77 -3.22 15.09
CA PHE E 1203 -14.89 -3.10 16.25
C PHE E 1203 -13.61 -3.92 16.15
N ILE E 1204 -13.05 -4.06 14.95
CA ILE E 1204 -11.97 -5.02 14.73
C ILE E 1204 -10.73 -4.53 15.46
N ALA E 1205 -10.42 -5.13 16.60
CA ALA E 1205 -9.31 -4.69 17.45
C ALA E 1205 -8.13 -5.61 17.23
N THR E 1206 -7.14 -5.13 16.46
CA THR E 1206 -5.99 -5.93 16.07
C THR E 1206 -4.75 -5.57 16.88
N ARG E 1207 -3.61 -6.12 16.50
CA ARG E 1207 -2.36 -6.01 17.24
C ARG E 1207 -1.24 -5.46 16.36
N LYS E 1208 -1.58 -4.48 15.53
CA LYS E 1208 -0.65 -3.81 14.61
C LYS E 1208 0.10 -4.78 13.68
N ALA E 1212 -2.83 -7.85 11.29
CA ALA E 1212 -1.47 -7.96 11.79
C ALA E 1212 -0.68 -9.00 10.99
N THR E 1213 -0.80 -10.25 11.40
CA THR E 1213 -0.14 -11.37 10.73
C THR E 1213 -1.01 -11.83 9.57
N GLN E 1214 -0.69 -13.00 9.01
CA GLN E 1214 -1.55 -13.58 7.97
C GLN E 1214 -2.89 -14.03 8.51
N LEU E 1215 -3.05 -14.07 9.84
CA LEU E 1215 -4.32 -14.30 10.52
C LEU E 1215 -5.25 -13.10 10.46
N ILE E 1216 -4.95 -12.09 9.63
CA ILE E 1216 -5.90 -11.03 9.35
C ILE E 1216 -7.18 -11.60 8.78
N ASP E 1217 -7.06 -12.59 7.88
CA ASP E 1217 -8.23 -13.22 7.28
C ASP E 1217 -9.08 -13.95 8.30
N LEU E 1218 -8.49 -14.40 9.40
CA LEU E 1218 -9.26 -15.02 10.47
C LEU E 1218 -10.17 -14.01 11.15
N LEU E 1219 -9.59 -12.94 11.70
CA LEU E 1219 -10.39 -11.93 12.38
C LEU E 1219 -11.32 -11.20 11.42
N PHE E 1220 -10.82 -10.88 10.22
CA PHE E 1220 -11.65 -10.22 9.22
C PHE E 1220 -12.80 -11.10 8.82
N ARG E 1221 -12.54 -12.40 8.61
CA ARG E 1221 -13.60 -13.35 8.28
C ARG E 1221 -14.61 -13.47 9.40
N TYR E 1222 -14.14 -13.51 10.64
CA TYR E 1222 -15.07 -13.62 11.77
C TYR E 1222 -15.93 -12.39 11.93
N ILE E 1223 -15.49 -11.24 11.44
CA ILE E 1223 -16.27 -10.03 11.68
C ILE E 1223 -17.05 -9.55 10.45
N PHE E 1224 -16.65 -9.93 9.22
CA PHE E 1224 -17.62 -9.61 8.16
C PHE E 1224 -18.55 -10.77 7.89
N SER E 1225 -18.04 -12.01 7.99
CA SER E 1225 -18.82 -13.21 7.73
C SER E 1225 -19.93 -13.41 8.73
N TYR E 1226 -19.95 -12.61 9.80
CA TYR E 1226 -21.13 -12.46 10.62
C TYR E 1226 -22.33 -12.05 9.76
N HIS E 1227 -22.11 -11.15 8.80
CA HIS E 1227 -23.13 -10.83 7.80
C HIS E 1227 -22.97 -11.67 6.54
N GLY E 1228 -21.84 -11.53 5.86
CA GLY E 1228 -21.59 -12.33 4.67
C GLY E 1228 -20.55 -11.71 3.77
N PHE E 1229 -20.24 -12.45 2.71
CA PHE E 1229 -19.13 -12.09 1.82
C PHE E 1229 -19.52 -10.91 0.92
N PRO E 1230 -18.67 -9.90 0.79
CA PRO E 1230 -18.97 -8.76 -0.08
C PRO E 1230 -18.57 -9.03 -1.52
N ARG E 1231 -18.70 -7.99 -2.35
CA ARG E 1231 -18.32 -8.06 -3.76
C ARG E 1231 -17.00 -7.36 -4.04
N THR E 1232 -16.79 -6.16 -3.50
CA THR E 1232 -15.53 -5.46 -3.67
C THR E 1232 -15.10 -4.88 -2.33
N ILE E 1233 -13.80 -4.69 -2.18
CA ILE E 1233 -13.21 -4.09 -0.99
C ILE E 1233 -12.56 -2.78 -1.41
N THR E 1234 -13.01 -1.68 -0.83
CA THR E 1234 -12.42 -0.37 -1.10
C THR E 1234 -11.43 -0.07 0.00
N SER E 1235 -10.14 -0.14 -0.33
CA SER E 1235 -9.09 -0.04 0.68
C SER E 1235 -7.86 0.59 0.05
N ASP E 1236 -6.78 0.64 0.82
CA ASP E 1236 -5.52 1.22 0.42
C ASP E 1236 -4.56 0.12 -0.03
N ARG E 1237 -3.38 0.52 -0.52
CA ARG E 1237 -2.38 -0.47 -0.91
C ARG E 1237 -1.56 -0.91 0.30
N ASP E 1238 -2.21 -1.32 1.38
CA ASP E 1238 -1.48 -1.64 2.58
C ASP E 1238 -1.00 -3.08 2.53
N VAL E 1239 0.13 -3.35 3.18
CA VAL E 1239 0.80 -4.64 3.05
C VAL E 1239 -0.03 -5.76 3.66
N ARG E 1240 -0.89 -5.44 4.62
CA ARG E 1240 -1.84 -6.43 5.11
C ARG E 1240 -3.00 -6.66 4.14
N MET E 1241 -3.11 -5.86 3.09
CA MET E 1241 -4.13 -6.03 2.08
C MET E 1241 -3.60 -6.07 0.65
N THR E 1242 -2.44 -5.48 0.37
CA THR E 1242 -1.76 -5.76 -0.89
C THR E 1242 -1.41 -7.24 -0.98
N ALA E 1243 -0.71 -7.75 0.03
CA ALA E 1243 -0.89 -9.08 0.63
C ALA E 1243 -1.23 -10.19 -0.36
N ASP E 1244 -0.28 -10.53 -1.25
CA ASP E 1244 -0.43 -11.54 -2.29
C ASP E 1244 -1.12 -12.82 -1.82
N LYS E 1245 -0.84 -13.23 -0.59
CA LYS E 1245 -1.57 -14.36 0.00
C LYS E 1245 -3.05 -14.03 0.18
N TYR E 1246 -3.36 -12.81 0.65
CA TYR E 1246 -4.75 -12.44 0.88
C TYR E 1246 -5.48 -12.07 -0.40
N GLN E 1247 -4.78 -11.49 -1.39
CA GLN E 1247 -5.44 -11.13 -2.65
C GLN E 1247 -5.91 -12.36 -3.41
N GLU E 1248 -5.09 -13.41 -3.45
CA GLU E 1248 -5.49 -14.64 -4.15
C GLU E 1248 -6.72 -15.26 -3.50
N LEU E 1249 -6.87 -15.10 -2.19
CA LEU E 1249 -8.10 -15.54 -1.51
C LEU E 1249 -9.31 -14.80 -2.06
N THR E 1250 -9.16 -13.49 -2.29
CA THR E 1250 -10.29 -12.71 -2.81
C THR E 1250 -10.57 -13.06 -4.27
N LYS E 1251 -9.52 -13.32 -5.06
CA LYS E 1251 -9.72 -13.72 -6.44
C LYS E 1251 -10.42 -15.07 -6.54
N ARG E 1252 -10.04 -16.01 -5.68
CA ARG E 1252 -10.73 -17.31 -5.66
C ARG E 1252 -12.15 -17.17 -5.15
N LEU E 1253 -12.36 -16.39 -4.10
CA LEU E 1253 -13.68 -16.34 -3.47
C LEU E 1253 -14.67 -15.52 -4.28
N GLY E 1254 -14.18 -14.53 -5.04
CA GLY E 1254 -15.07 -13.69 -5.81
C GLY E 1254 -15.22 -12.30 -5.22
N ILE E 1255 -14.13 -11.74 -4.71
CA ILE E 1255 -14.12 -10.43 -4.08
C ILE E 1255 -13.13 -9.55 -4.84
N LYS E 1256 -13.61 -8.40 -5.30
CA LYS E 1256 -12.75 -7.46 -6.01
C LYS E 1256 -11.94 -6.63 -5.01
N SER E 1257 -11.10 -5.75 -5.52
CA SER E 1257 -10.22 -4.94 -4.67
C SER E 1257 -9.89 -3.65 -5.40
N THR E 1258 -10.37 -2.53 -4.86
CA THR E 1258 -10.10 -1.24 -5.50
C THR E 1258 -8.65 -0.82 -5.28
N MET E 1259 -8.16 -0.96 -4.04
CA MET E 1259 -6.74 -0.80 -3.70
C MET E 1259 -6.23 0.60 -4.07
N SER E 1260 -6.75 1.59 -3.34
CA SER E 1260 -6.36 2.99 -3.49
C SER E 1260 -4.85 3.15 -3.47
N SER E 1261 -4.36 4.04 -4.34
CA SER E 1261 -2.94 4.14 -4.65
C SER E 1261 -2.13 4.65 -3.45
N ALA E 1262 -0.81 4.69 -3.65
CA ALA E 1262 0.10 5.15 -2.61
C ALA E 1262 -0.21 6.58 -2.22
N ASN E 1263 -0.15 6.83 -0.90
CA ASN E 1263 -0.48 8.08 -0.18
C ASN E 1263 -1.64 8.85 -0.82
N HIS E 1264 -2.71 8.12 -1.11
CA HIS E 1264 -3.98 8.68 -1.55
C HIS E 1264 -5.10 8.00 -0.77
N PRO E 1265 -5.29 8.37 0.50
CA PRO E 1265 -6.27 7.67 1.34
C PRO E 1265 -7.71 8.13 1.12
N GLN E 1266 -7.96 8.99 0.13
CA GLN E 1266 -9.31 9.54 -0.04
C GLN E 1266 -10.30 8.48 -0.47
N THR E 1267 -9.86 7.47 -1.22
CA THR E 1267 -10.77 6.46 -1.76
C THR E 1267 -11.38 5.61 -0.66
N ASP E 1268 -10.64 5.37 0.42
CA ASP E 1268 -11.16 4.56 1.52
C ASP E 1268 -12.41 5.19 2.12
N GLY E 1269 -12.38 6.50 2.34
CA GLY E 1269 -13.61 7.23 2.52
C GLY E 1269 -14.42 6.93 3.77
N GLN E 1270 -15.46 6.12 3.59
CA GLN E 1270 -16.41 5.80 4.65
C GLN E 1270 -15.72 5.28 5.90
N SER E 1271 -14.69 4.45 5.74
CA SER E 1271 -13.92 4.00 6.90
C SER E 1271 -13.08 5.14 7.47
N GLU E 1272 -12.51 5.98 6.60
CA GLU E 1272 -11.76 7.16 7.08
C GLU E 1272 -12.68 8.13 7.80
N ARG E 1273 -13.88 8.34 7.27
CA ARG E 1273 -14.82 9.23 7.94
C ARG E 1273 -15.33 8.62 9.24
N THR E 1274 -15.44 7.29 9.27
CA THR E 1274 -15.86 6.60 10.49
C THR E 1274 -14.79 6.71 11.58
N ILE E 1275 -13.51 6.53 11.22
CA ILE E 1275 -12.45 6.67 12.22
C ILE E 1275 -12.28 8.13 12.62
N GLN E 1276 -12.70 9.07 11.76
CA GLN E 1276 -12.83 10.44 12.21
C GLN E 1276 -13.89 10.54 13.30
N THR E 1277 -15.06 9.95 13.06
CA THR E 1277 -16.09 9.93 14.08
C THR E 1277 -15.72 9.02 15.24
N LEU E 1278 -14.99 7.94 14.96
CA LEU E 1278 -14.55 7.04 16.03
C LEU E 1278 -13.53 7.72 16.93
N ASN E 1279 -12.63 8.52 16.36
CA ASN E 1279 -11.61 9.21 17.16
C ASN E 1279 -12.23 10.14 18.18
N ARG E 1280 -13.25 10.90 17.77
CA ARG E 1280 -13.99 11.73 18.71
C ARG E 1280 -14.71 10.87 19.74
N LEU E 1281 -15.33 9.78 19.29
CA LEU E 1281 -16.03 8.88 20.21
C LEU E 1281 -15.06 8.20 21.16
N LEU E 1282 -13.89 7.78 20.65
CA LEU E 1282 -12.93 7.11 21.50
C LEU E 1282 -12.31 8.08 22.50
N ARG E 1283 -12.11 9.33 22.10
CA ARG E 1283 -11.68 10.36 23.05
C ARG E 1283 -12.75 10.61 24.11
N ALA E 1284 -14.01 10.61 23.70
CA ALA E 1284 -15.11 10.84 24.64
C ALA E 1284 -15.21 9.72 25.66
N TYR E 1285 -15.08 8.47 25.21
CA TYR E 1285 -15.24 7.33 26.11
C TYR E 1285 -13.95 6.90 26.79
N ALA E 1286 -12.81 7.47 26.41
CA ALA E 1286 -11.53 7.09 27.00
C ALA E 1286 -10.67 8.29 27.32
N SER E 1287 -11.30 9.40 27.73
CA SER E 1287 -10.54 10.58 28.14
C SER E 1287 -9.79 10.31 29.44
N THR E 1288 -10.48 9.78 30.45
CA THR E 1288 -9.88 9.42 31.72
C THR E 1288 -9.61 7.92 31.82
N ASN E 1289 -9.84 7.17 30.76
CA ASN E 1289 -9.78 5.70 30.78
C ASN E 1289 -8.95 5.18 29.62
N ILE E 1290 -7.73 5.73 29.49
CA ILE E 1290 -6.75 5.23 28.52
C ILE E 1290 -6.32 3.84 28.95
N GLN E 1291 -5.73 3.08 28.03
CA GLN E 1291 -5.08 1.78 28.20
C GLN E 1291 -6.09 0.65 28.39
N ASN E 1292 -7.39 0.94 28.43
CA ASN E 1292 -8.42 -0.09 28.42
C ASN E 1292 -9.59 0.31 27.54
N TRP E 1293 -9.30 0.85 26.35
CA TRP E 1293 -10.37 1.29 25.46
C TRP E 1293 -10.99 0.14 24.68
N HIS E 1294 -10.42 -1.06 24.74
CA HIS E 1294 -10.99 -2.21 24.06
C HIS E 1294 -12.31 -2.64 24.68
N VAL E 1295 -12.53 -2.32 25.95
CA VAL E 1295 -13.84 -2.55 26.56
C VAL E 1295 -14.87 -1.60 25.97
N TYR E 1296 -14.49 -0.35 25.75
CA TYR E 1296 -15.43 0.65 25.25
C TYR E 1296 -15.61 0.63 23.75
N LEU E 1297 -14.75 -0.08 23.00
CA LEU E 1297 -14.88 -0.14 21.55
C LEU E 1297 -16.21 -0.69 21.05
N PRO E 1298 -16.80 -1.77 21.61
CA PRO E 1298 -18.19 -2.10 21.21
C PRO E 1298 -19.19 -1.02 21.51
N GLN E 1299 -19.00 -0.27 22.59
CA GLN E 1299 -19.88 0.88 22.86
C GLN E 1299 -19.69 1.96 21.81
N ILE E 1300 -18.44 2.14 21.35
CA ILE E 1300 -18.16 3.11 20.28
C ILE E 1300 -18.93 2.74 19.02
N GLU E 1301 -18.84 1.46 18.62
CA GLU E 1301 -19.49 1.05 17.39
C GLU E 1301 -21.01 1.03 17.53
N PHE E 1302 -21.52 0.66 18.71
CA PHE E 1302 -22.97 0.67 18.92
C PHE E 1302 -23.52 2.09 18.91
N VAL E 1303 -22.77 3.04 19.48
CA VAL E 1303 -23.19 4.44 19.46
C VAL E 1303 -23.16 4.98 18.02
N TYR E 1304 -22.10 4.67 17.27
CA TYR E 1304 -22.06 5.06 15.86
C TYR E 1304 -23.20 4.44 15.08
N ASN E 1305 -23.60 3.22 15.44
CA ASN E 1305 -24.66 2.53 14.74
C ASN E 1305 -26.03 3.11 15.05
N SER E 1306 -26.25 3.52 16.31
CA SER E 1306 -27.55 4.03 16.70
C SER E 1306 -27.78 5.49 16.32
N THR E 1307 -26.73 6.24 15.99
CA THR E 1307 -26.89 7.66 15.69
C THR E 1307 -27.15 7.86 14.20
N PRO E 1308 -28.23 8.53 13.82
CA PRO E 1308 -28.47 8.81 12.39
C PRO E 1308 -27.40 9.74 11.81
N THR E 1309 -27.10 9.52 10.54
CA THR E 1309 -26.14 10.34 9.81
C THR E 1309 -26.87 11.44 9.05
N ARG E 1310 -26.13 12.20 8.24
CA ARG E 1310 -26.69 13.31 7.47
C ARG E 1310 -26.92 12.96 6.02
N THR E 1311 -25.94 12.32 5.36
CA THR E 1311 -26.07 11.98 3.94
C THR E 1311 -27.11 10.90 3.68
N LEU E 1312 -27.56 10.19 4.72
CA LEU E 1312 -28.67 9.26 4.58
C LEU E 1312 -29.87 9.63 5.43
N GLY E 1313 -29.67 10.38 6.52
CA GLY E 1313 -30.76 10.85 7.34
C GLY E 1313 -31.36 9.82 8.27
N LYS E 1314 -30.89 8.57 8.22
CA LYS E 1314 -31.42 7.50 9.05
C LYS E 1314 -30.27 6.82 9.79
N SER E 1315 -30.61 6.14 10.87
CA SER E 1315 -29.63 5.35 11.59
C SER E 1315 -29.18 4.17 10.75
N PRO E 1316 -27.92 3.77 10.83
CA PRO E 1316 -27.45 2.61 10.05
C PRO E 1316 -28.14 1.29 10.39
N PHE E 1317 -28.76 1.17 11.57
CA PHE E 1317 -29.74 0.10 11.75
C PHE E 1317 -30.91 0.25 10.79
N GLU E 1318 -31.44 1.47 10.64
CA GLU E 1318 -32.59 1.64 9.76
C GLU E 1318 -32.22 1.53 8.29
N ILE E 1319 -30.96 1.83 7.94
CA ILE E 1319 -30.52 1.59 6.56
C ILE E 1319 -30.43 0.10 6.28
N ASP E 1320 -30.01 -0.68 7.29
CA ASP E 1320 -30.17 -2.13 7.26
C ASP E 1320 -31.58 -2.50 7.68
N LEU E 1321 -31.78 -3.76 8.05
CA LEU E 1321 -33.02 -4.15 8.73
C LEU E 1321 -33.26 -3.27 9.93
N GLY E 1322 -34.37 -2.53 9.91
CA GLY E 1322 -34.49 -1.46 10.87
C GLY E 1322 -35.00 -1.99 12.19
N TYR E 1323 -34.06 -2.33 13.06
CA TYR E 1323 -34.37 -2.93 14.35
C TYR E 1323 -33.50 -2.31 15.44
N LEU E 1324 -33.52 -0.98 15.53
CA LEU E 1324 -32.97 -0.26 16.67
C LEU E 1324 -33.52 -0.89 17.95
N PRO E 1325 -32.70 -1.61 18.72
CA PRO E 1325 -33.24 -2.45 19.79
C PRO E 1325 -33.50 -1.70 21.08
N ASN E 1326 -32.86 -0.52 21.20
CA ASN E 1326 -32.95 0.26 22.43
C ASN E 1326 -34.35 0.82 22.63
N THR E 1327 -34.94 1.35 21.54
CA THR E 1327 -36.20 2.08 21.43
C THR E 1327 -36.54 2.94 22.65
N PRO E 1328 -35.74 3.98 22.93
CA PRO E 1328 -36.09 4.89 24.05
C PRO E 1328 -37.42 5.58 23.85
N ALA E 1329 -37.75 5.92 22.60
CA ALA E 1329 -39.05 6.47 22.25
C ALA E 1329 -39.28 6.21 20.77
N ILE E 1330 -40.55 6.15 20.38
CA ILE E 1330 -40.89 5.94 18.98
C ILE E 1330 -40.55 7.20 18.19
N LYS E 1331 -40.07 7.01 16.97
CA LYS E 1331 -39.66 8.12 16.13
C LYS E 1331 -40.89 8.82 15.53
N SER E 1332 -40.65 9.85 14.73
CA SER E 1332 -41.73 10.58 14.09
C SER E 1332 -42.44 9.70 13.07
N ASP E 1333 -43.67 10.11 12.73
CA ASP E 1333 -44.61 9.30 11.94
C ASP E 1333 -44.82 7.94 12.60
N ASP E 1334 -45.42 8.00 13.79
CA ASP E 1334 -45.60 6.83 14.64
C ASP E 1334 -46.41 5.75 13.93
N GLU E 1335 -45.91 4.52 14.00
CA GLU E 1335 -46.48 3.39 13.29
C GLU E 1335 -46.28 2.17 14.19
N VAL E 1336 -46.36 0.97 13.61
CA VAL E 1336 -46.05 -0.24 14.36
C VAL E 1336 -44.60 -0.21 14.81
N ASN E 1337 -43.68 0.11 13.89
CA ASN E 1337 -42.24 0.29 14.14
C ASN E 1337 -41.60 -0.94 14.77
N ALA E 1338 -42.22 -2.11 14.65
CA ALA E 1338 -41.75 -3.35 15.25
C ALA E 1338 -41.55 -4.34 14.13
N ARG E 1339 -40.32 -4.34 13.57
CA ARG E 1339 -40.01 -5.22 12.45
C ARG E 1339 -39.87 -6.68 12.87
N SER E 1340 -39.86 -6.95 14.18
CA SER E 1340 -39.90 -8.33 14.65
C SER E 1340 -41.22 -9.00 14.34
N PHE E 1341 -42.32 -8.23 14.42
CA PHE E 1341 -43.64 -8.77 14.11
C PHE E 1341 -43.74 -9.20 12.65
N THR E 1342 -43.14 -8.42 11.75
CA THR E 1342 -43.12 -8.77 10.35
C THR E 1342 -42.21 -9.98 10.14
N ALA E 1343 -42.70 -10.99 9.43
CA ALA E 1343 -42.00 -12.25 9.26
C ALA E 1343 -41.66 -12.56 7.81
N VAL E 1344 -42.63 -12.48 6.91
CA VAL E 1344 -42.42 -12.77 5.50
C VAL E 1344 -42.39 -11.51 4.65
N GLU E 1345 -43.10 -10.45 5.05
CA GLU E 1345 -43.21 -9.20 4.31
C GLU E 1345 -41.96 -8.33 4.40
N LEU E 1346 -40.81 -8.81 4.90
CA LEU E 1346 -39.63 -7.96 4.98
C LEU E 1346 -39.06 -7.59 3.62
N ALA E 1347 -39.42 -8.34 2.56
CA ALA E 1347 -38.88 -8.08 1.23
C ALA E 1347 -39.30 -6.70 0.72
N LYS E 1348 -40.58 -6.36 0.88
CA LYS E 1348 -41.05 -5.04 0.43
C LYS E 1348 -40.47 -3.93 1.29
N HIS E 1349 -40.30 -4.17 2.58
CA HIS E 1349 -39.70 -3.16 3.47
C HIS E 1349 -38.25 -2.90 3.11
N LEU E 1350 -37.47 -3.97 2.86
CA LEU E 1350 -36.08 -3.78 2.47
C LEU E 1350 -35.98 -3.17 1.09
N LYS E 1351 -36.93 -3.48 0.20
CA LYS E 1351 -36.95 -2.85 -1.12
C LYS E 1351 -37.22 -1.36 -1.01
N ALA E 1352 -38.16 -0.96 -0.16
CA ALA E 1352 -38.46 0.45 0.04
C ALA E 1352 -37.26 1.19 0.64
N LEU E 1353 -36.64 0.58 1.66
CA LEU E 1353 -35.46 1.18 2.27
C LEU E 1353 -34.32 1.29 1.27
N THR E 1354 -34.14 0.25 0.44
CA THR E 1354 -33.11 0.26 -0.59
C THR E 1354 -33.34 1.37 -1.60
N ILE E 1355 -34.59 1.56 -2.04
CA ILE E 1355 -34.89 2.58 -3.04
C ILE E 1355 -34.63 3.98 -2.47
N GLN E 1356 -35.15 4.27 -1.27
CA GLN E 1356 -34.97 5.60 -0.72
C GLN E 1356 -33.51 5.87 -0.34
N THR E 1357 -32.80 4.85 0.15
CA THR E 1357 -31.40 5.05 0.49
C THR E 1357 -30.53 5.16 -0.76
N LYS E 1358 -30.91 4.49 -1.85
CA LYS E 1358 -30.19 4.64 -3.11
C LYS E 1358 -30.36 6.05 -3.66
N GLU E 1359 -31.58 6.60 -3.62
CA GLU E 1359 -31.73 7.97 -4.10
C GLU E 1359 -31.07 8.96 -3.15
N GLN E 1360 -31.01 8.63 -1.84
CA GLN E 1360 -30.28 9.49 -0.91
C GLN E 1360 -28.78 9.45 -1.16
N LEU E 1361 -28.25 8.27 -1.53
CA LEU E 1361 -26.84 8.16 -1.89
C LEU E 1361 -26.56 8.95 -3.17
N GLU E 1362 -27.47 8.91 -4.13
CA GLU E 1362 -27.30 9.72 -5.34
C GLU E 1362 -27.35 11.21 -5.01
N HIS E 1363 -28.23 11.60 -4.09
CA HIS E 1363 -28.28 13.00 -3.65
C HIS E 1363 -26.99 13.40 -2.96
N ALA E 1364 -26.44 12.52 -2.12
CA ALA E 1364 -25.16 12.82 -1.47
C ALA E 1364 -24.04 12.93 -2.49
N GLN E 1365 -24.06 12.07 -3.50
CA GLN E 1365 -23.07 12.12 -4.57
C GLN E 1365 -23.12 13.44 -5.32
N ILE E 1366 -24.32 13.86 -5.74
CA ILE E 1366 -24.42 15.08 -6.53
C ILE E 1366 -24.14 16.31 -5.66
N GLU E 1367 -24.52 16.27 -4.37
CA GLU E 1367 -24.20 17.38 -3.49
C GLU E 1367 -22.70 17.51 -3.25
N MET E 1368 -22.02 16.37 -3.06
CA MET E 1368 -20.57 16.37 -2.94
C MET E 1368 -19.90 16.91 -4.19
N GLU E 1369 -20.40 16.47 -5.36
CA GLU E 1369 -19.83 16.91 -6.62
C GLU E 1369 -20.04 18.40 -6.85
N THR E 1370 -21.20 18.93 -6.42
CA THR E 1370 -21.43 20.36 -6.55
C THR E 1370 -20.52 21.17 -5.63
N ASN E 1371 -20.45 20.79 -4.35
CA ASN E 1371 -19.68 21.62 -3.43
C ASN E 1371 -18.17 21.38 -3.52
N ASN E 1372 -17.72 20.40 -4.30
CA ASN E 1372 -16.29 20.17 -4.46
C ASN E 1372 -15.73 20.63 -5.80
N ASN E 1373 -16.47 20.43 -6.90
CA ASN E 1373 -15.94 20.70 -8.23
C ASN E 1373 -16.04 22.15 -8.65
N GLN E 1374 -16.20 23.08 -7.72
CA GLN E 1374 -16.25 24.50 -8.06
C GLN E 1374 -14.90 25.00 -8.58
N ARG E 1375 -13.80 24.31 -8.26
CA ARG E 1375 -12.49 24.70 -8.74
C ARG E 1375 -11.70 23.51 -9.29
N ARG E 1376 -12.18 22.28 -9.11
CA ARG E 1376 -11.46 21.09 -9.57
C ARG E 1376 -11.43 21.06 -11.10
N LYS E 1377 -10.27 21.36 -11.67
CA LYS E 1377 -10.13 21.30 -13.12
C LYS E 1377 -9.84 19.86 -13.55
N PRO E 1378 -10.53 19.34 -14.56
CA PRO E 1378 -10.30 17.95 -14.97
C PRO E 1378 -9.00 17.79 -15.74
N LEU E 1379 -8.54 16.54 -15.81
CA LEU E 1379 -7.38 16.18 -16.61
C LEU E 1379 -7.69 14.84 -17.27
N LEU E 1380 -7.90 14.85 -18.60
CA LEU E 1380 -8.28 13.65 -19.34
C LEU E 1380 -7.29 13.45 -20.47
N LEU E 1381 -6.39 12.47 -20.32
CA LEU E 1381 -5.35 12.18 -21.30
C LEU E 1381 -5.51 10.80 -21.93
N ASN E 1382 -5.50 9.76 -21.11
CA ASN E 1382 -5.89 8.38 -21.39
C ASN E 1382 -4.92 7.60 -22.29
N ILE E 1383 -3.97 8.28 -22.93
CA ILE E 1383 -2.99 7.62 -23.80
C ILE E 1383 -1.85 8.57 -24.15
N GLY E 1384 -0.64 8.01 -24.32
CA GLY E 1384 0.44 8.63 -25.06
C GLY E 1384 0.96 9.99 -24.61
N ASP E 1385 1.22 10.16 -23.32
CA ASP E 1385 1.76 11.41 -22.80
C ASP E 1385 3.00 11.11 -21.98
N HIS E 1386 3.64 12.19 -21.50
CA HIS E 1386 4.91 12.08 -20.81
C HIS E 1386 4.83 12.63 -19.39
N VAL E 1387 3.78 12.23 -18.65
CA VAL E 1387 3.45 12.86 -17.37
C VAL E 1387 4.55 12.63 -16.31
N LEU E 1388 4.47 13.42 -15.24
CA LEU E 1388 5.41 13.41 -14.13
C LEU E 1388 4.70 12.91 -12.87
N VAL E 1389 5.49 12.74 -11.80
CA VAL E 1389 4.98 12.51 -10.44
C VAL E 1389 5.88 13.30 -9.50
N HIS E 1390 5.35 14.37 -8.92
CA HIS E 1390 6.17 15.36 -8.21
C HIS E 1390 6.50 14.88 -6.78
N ARG E 1391 7.33 13.84 -6.73
CA ARG E 1391 7.99 13.37 -5.49
C ARG E 1391 7.00 13.06 -4.38
N ASP E 1392 5.86 12.49 -4.75
CA ASP E 1392 4.88 12.02 -3.78
C ASP E 1392 4.18 10.83 -4.40
N ALA E 1393 4.25 9.68 -3.72
CA ALA E 1393 3.98 8.32 -4.18
C ALA E 1393 5.03 7.81 -5.16
N TYR E 1394 6.00 8.63 -5.54
CA TYR E 1394 7.13 8.18 -6.33
C TYR E 1394 8.25 7.69 -5.41
N PHE E 1395 8.75 8.57 -4.55
CA PHE E 1395 9.65 8.18 -3.49
C PHE E 1395 8.84 7.66 -2.30
N LYS E 1396 9.56 7.21 -1.27
CA LYS E 1396 8.91 6.60 -0.12
C LYS E 1396 8.11 7.64 0.66
N LYS E 1397 7.00 7.19 1.25
CA LYS E 1397 6.29 8.02 2.22
C LYS E 1397 7.16 8.28 3.44
N GLY E 1398 8.01 7.32 3.80
CA GLY E 1398 9.01 7.52 4.84
C GLY E 1398 10.24 8.27 4.40
N ALA E 1399 10.39 8.54 3.10
CA ALA E 1399 11.47 9.41 2.65
C ALA E 1399 11.16 10.84 3.03
N TYR E 1400 12.16 11.52 3.59
CA TYR E 1400 11.94 12.86 4.13
C TYR E 1400 11.79 13.88 3.02
N MET E 1401 10.83 14.78 3.19
CA MET E 1401 10.63 15.90 2.28
C MET E 1401 11.35 17.12 2.85
N LYS E 1402 12.16 17.75 2.03
CA LYS E 1402 13.01 18.85 2.49
C LYS E 1402 13.18 19.83 1.34
N VAL E 1403 14.20 20.69 1.45
CA VAL E 1403 14.48 21.71 0.44
C VAL E 1403 15.33 21.11 -0.68
N GLN E 1404 15.49 19.79 -0.67
CA GLN E 1404 16.13 19.08 -1.76
C GLN E 1404 15.34 19.28 -3.04
N GLN E 1405 16.05 19.37 -4.16
CA GLN E 1405 15.44 19.71 -5.44
C GLN E 1405 14.42 18.66 -5.88
N ILE E 1406 13.37 19.12 -6.53
CA ILE E 1406 12.32 18.25 -7.05
C ILE E 1406 12.52 18.17 -8.55
N TYR E 1407 13.28 17.16 -8.96
CA TYR E 1407 13.69 16.94 -10.35
C TYR E 1407 13.36 15.51 -10.78
N VAL E 1408 12.11 15.11 -10.56
CA VAL E 1408 11.62 13.84 -11.09
C VAL E 1408 11.65 13.87 -12.61
N GLY E 1409 12.14 12.79 -13.21
CA GLY E 1409 12.29 12.74 -14.64
C GLY E 1409 10.96 12.62 -15.35
N PRO E 1410 10.98 12.92 -16.66
CA PRO E 1410 9.75 12.77 -17.46
C PRO E 1410 9.41 11.31 -17.70
N PHE E 1411 8.35 10.84 -17.06
CA PHE E 1411 7.93 9.45 -17.18
C PHE E 1411 7.08 9.28 -18.43
N ARG E 1412 6.39 8.15 -18.55
CA ARG E 1412 5.46 7.90 -19.64
C ARG E 1412 4.20 7.26 -19.08
N VAL E 1413 3.12 7.38 -19.83
CA VAL E 1413 1.84 6.75 -19.51
C VAL E 1413 1.47 5.81 -20.64
N VAL E 1414 1.02 4.60 -20.27
CA VAL E 1414 0.67 3.60 -21.27
C VAL E 1414 -0.78 3.16 -21.18
N LYS E 1415 -1.49 3.41 -20.08
CA LYS E 1415 -2.84 2.90 -19.92
C LYS E 1415 -3.68 3.90 -19.13
N LYS E 1416 -4.99 3.88 -19.40
CA LYS E 1416 -5.96 4.67 -18.64
C LYS E 1416 -6.65 3.70 -17.69
N ILE E 1417 -6.08 3.55 -16.50
CA ILE E 1417 -6.61 2.62 -15.50
C ILE E 1417 -7.93 3.11 -14.93
N ASN E 1418 -8.13 4.42 -14.86
CA ASN E 1418 -9.37 5.00 -14.36
C ASN E 1418 -9.49 6.41 -14.91
N ASP E 1419 -10.64 7.03 -14.64
CA ASP E 1419 -10.84 8.42 -15.05
C ASP E 1419 -9.95 9.37 -14.27
N ASN E 1420 -9.64 9.04 -13.01
CA ASN E 1420 -8.88 9.92 -12.14
C ASN E 1420 -7.49 9.39 -11.83
N ALA E 1421 -6.94 8.52 -12.68
CA ALA E 1421 -5.55 8.10 -12.53
C ALA E 1421 -5.05 7.52 -13.84
N TYR E 1422 -3.73 7.41 -13.93
CA TYR E 1422 -3.06 6.86 -15.09
C TYR E 1422 -1.87 6.05 -14.60
N GLU E 1423 -1.72 4.82 -15.09
CA GLU E 1423 -0.56 4.04 -14.71
C GLU E 1423 0.67 4.54 -15.46
N LEU E 1424 1.84 4.35 -14.86
CA LEU E 1424 3.09 4.85 -15.42
C LEU E 1424 4.10 3.71 -15.51
N ASP E 1425 5.09 3.91 -16.37
CA ASP E 1425 6.22 2.98 -16.47
C ASP E 1425 7.36 3.53 -15.61
N LEU E 1426 7.28 3.24 -14.31
CA LEU E 1426 8.24 3.73 -13.33
C LEU E 1426 9.63 3.16 -13.60
N ASN E 1427 10.55 4.03 -14.00
CA ASN E 1427 11.91 3.63 -14.36
C ASN E 1427 12.73 3.36 -13.10
N SER E 1428 12.39 2.26 -12.43
CA SER E 1428 13.06 1.79 -11.24
C SER E 1428 13.10 0.28 -11.28
N HIS E 1429 13.40 -0.35 -10.15
CA HIS E 1429 13.39 -1.81 -10.08
C HIS E 1429 11.97 -2.34 -10.31
N LYS E 1430 11.04 -2.03 -9.42
CA LYS E 1430 9.61 -2.19 -9.65
C LYS E 1430 8.77 -1.02 -9.15
N LYS E 1431 9.21 -0.30 -8.11
CA LYS E 1431 8.47 0.71 -7.33
C LYS E 1431 7.29 0.12 -6.58
N LYS E 1432 7.06 -1.19 -6.72
CA LYS E 1432 6.09 -2.02 -6.01
C LYS E 1432 4.63 -1.68 -6.34
N HIS E 1433 4.41 -0.60 -7.08
CA HIS E 1433 3.12 -0.11 -7.55
C HIS E 1433 3.38 0.88 -8.67
N ARG E 1434 2.41 1.00 -9.58
CA ARG E 1434 2.55 1.95 -10.67
C ARG E 1434 1.27 2.75 -10.88
N VAL E 1435 0.39 2.80 -9.89
CA VAL E 1435 -0.88 3.52 -9.97
C VAL E 1435 -0.72 4.87 -9.26
N ILE E 1436 -0.95 5.95 -9.98
CA ILE E 1436 -0.79 7.30 -9.45
C ILE E 1436 -2.08 8.07 -9.68
N ASN E 1437 -2.74 8.45 -8.60
CA ASN E 1437 -3.93 9.30 -8.71
C ASN E 1437 -3.53 10.70 -9.18
N VAL E 1438 -4.49 11.37 -9.84
CA VAL E 1438 -4.22 12.62 -10.57
C VAL E 1438 -3.71 13.74 -9.68
N GLN E 1439 -3.84 13.62 -8.36
CA GLN E 1439 -3.31 14.62 -7.45
C GLN E 1439 -1.76 14.62 -7.37
N PHE E 1440 -1.02 13.90 -8.20
CA PHE E 1440 0.43 13.98 -8.22
C PHE E 1440 1.01 14.12 -9.62
N LEU E 1441 0.20 14.24 -10.66
CA LEU E 1441 0.73 14.10 -12.02
C LEU E 1441 1.41 15.36 -12.54
N LYS E 1442 0.64 16.43 -12.75
CA LYS E 1442 1.14 17.68 -13.36
C LYS E 1442 1.85 17.39 -14.69
N LYS E 1443 1.02 17.04 -15.68
CA LYS E 1443 1.42 16.61 -17.02
C LYS E 1443 2.54 17.46 -17.62
N PHE E 1444 3.60 16.78 -18.04
CA PHE E 1444 4.74 17.43 -18.68
C PHE E 1444 4.42 17.73 -20.13
N VAL E 1445 4.84 18.90 -20.60
CA VAL E 1445 4.66 19.32 -21.99
C VAL E 1445 6.02 19.71 -22.54
N TYR E 1446 6.38 19.14 -23.69
CA TYR E 1446 7.65 19.46 -24.34
C TYR E 1446 7.49 20.66 -25.24
N ARG E 1447 8.53 20.94 -26.03
CA ARG E 1447 8.53 21.96 -27.07
C ARG E 1447 9.68 21.74 -28.03
N PRO E 1448 9.41 21.76 -29.33
CA PRO E 1448 10.44 21.58 -30.34
C PRO E 1448 11.34 22.81 -30.43
N SER F 1028 -40.75 2.79 34.31
CA SER F 1028 -39.41 3.24 34.60
C SER F 1028 -38.95 4.27 33.57
N TYR F 1029 -39.90 5.05 33.07
CA TYR F 1029 -39.63 6.07 32.07
C TYR F 1029 -39.97 7.45 32.65
N TYR F 1030 -39.90 8.46 31.80
CA TYR F 1030 -40.30 9.82 32.17
C TYR F 1030 -41.78 10.02 31.88
N LYS F 1031 -42.25 11.25 32.11
CA LYS F 1031 -43.59 11.77 31.81
C LYS F 1031 -44.69 11.10 32.61
N SER F 1032 -44.38 10.20 33.54
CA SER F 1032 -45.39 9.60 34.41
C SER F 1032 -45.54 10.40 35.70
N ASP F 1033 -45.74 11.71 35.56
CA ASP F 1033 -45.80 12.62 36.70
C ASP F 1033 -46.47 13.92 36.28
N PRO F 1034 -47.34 14.48 37.13
CA PRO F 1034 -48.00 15.75 36.77
C PRO F 1034 -47.18 16.97 37.16
N LEU F 1035 -47.27 17.99 36.31
CA LEU F 1035 -46.62 19.28 36.55
C LEU F 1035 -47.62 20.36 36.18
N CYS F 1036 -48.32 20.88 37.17
CA CYS F 1036 -49.38 21.87 36.95
C CYS F 1036 -48.86 23.30 36.96
N SER F 1037 -47.57 23.51 37.17
CA SER F 1037 -47.00 24.87 37.23
C SER F 1037 -45.70 24.88 36.42
N ALA F 1038 -45.80 25.37 35.19
CA ALA F 1038 -44.68 25.49 34.26
C ALA F 1038 -45.08 26.48 33.17
N VAL F 1039 -44.27 26.57 32.12
CA VAL F 1039 -44.53 27.50 31.04
C VAL F 1039 -45.75 27.07 30.22
N LEU F 1040 -45.88 25.75 29.97
CA LEU F 1040 -46.91 25.24 29.08
C LEU F 1040 -48.32 25.23 29.68
N ILE F 1041 -48.50 25.78 30.88
CA ILE F 1041 -49.81 25.72 31.54
C ILE F 1041 -50.82 26.57 30.78
N HIS F 1042 -50.43 27.78 30.39
CA HIS F 1042 -51.34 28.63 29.62
C HIS F 1042 -51.60 28.05 28.24
N MET F 1043 -50.63 27.33 27.69
CA MET F 1043 -50.83 26.68 26.40
C MET F 1043 -51.83 25.53 26.50
N LYS F 1044 -51.74 24.73 27.57
CA LYS F 1044 -52.61 23.56 27.68
C LYS F 1044 -53.88 23.82 28.47
N GLU F 1045 -54.10 25.04 28.96
CA GLU F 1045 -55.41 25.43 29.49
C GLU F 1045 -56.26 26.15 28.46
N LEU F 1046 -55.81 26.22 27.20
CA LEU F 1046 -56.63 26.78 26.13
C LEU F 1046 -57.90 25.97 25.89
N THR F 1047 -57.90 24.69 26.24
CA THR F 1047 -59.07 23.84 26.12
C THR F 1047 -59.74 23.54 27.45
N GLN F 1048 -58.97 23.44 28.53
CA GLN F 1048 -59.52 23.07 29.84
C GLN F 1048 -60.00 24.28 30.63
N HIS F 1049 -59.14 25.30 30.77
CA HIS F 1049 -59.42 26.54 31.52
C HIS F 1049 -59.82 26.26 32.97
N ASN F 1050 -58.99 25.48 33.66
CA ASN F 1050 -59.32 25.09 35.03
C ASN F 1050 -58.66 26.01 36.06
N VAL F 1051 -57.32 26.00 36.13
CA VAL F 1051 -56.56 26.70 37.16
C VAL F 1051 -55.43 27.43 36.45
N THR F 1052 -55.03 28.58 37.00
CA THR F 1052 -53.92 29.38 36.50
C THR F 1052 -52.78 29.49 37.51
N PRO F 1053 -52.16 28.35 37.88
CA PRO F 1053 -51.18 28.38 38.98
C PRO F 1053 -49.79 28.78 38.52
N GLU F 1054 -49.64 30.05 38.16
CA GLU F 1054 -48.35 30.56 37.74
C GLU F 1054 -47.41 30.67 38.94
N ASP F 1055 -46.12 30.79 38.63
CA ASP F 1055 -45.06 30.87 39.62
C ASP F 1055 -44.36 32.23 39.49
N MET F 1056 -43.26 32.38 40.23
CA MET F 1056 -42.45 33.59 40.11
C MET F 1056 -41.79 33.63 38.74
N SER F 1057 -41.83 34.81 38.12
CA SER F 1057 -41.31 35.05 36.76
C SER F 1057 -41.94 34.11 35.73
N ALA F 1058 -43.21 33.76 35.94
CA ALA F 1058 -43.96 32.93 35.01
C ALA F 1058 -44.93 33.74 34.16
N PHE F 1059 -44.83 35.07 34.19
CA PHE F 1059 -45.69 35.91 33.34
C PHE F 1059 -45.35 35.78 31.87
N ARG F 1060 -44.17 35.22 31.53
CA ARG F 1060 -43.84 34.92 30.15
C ARG F 1060 -44.81 33.90 29.56
N SER F 1061 -45.35 33.02 30.40
CA SER F 1061 -46.38 32.08 29.93
C SER F 1061 -47.63 32.81 29.48
N TYR F 1062 -48.05 33.84 30.22
CA TYR F 1062 -49.22 34.62 29.83
C TYR F 1062 -48.97 35.40 28.54
N GLN F 1063 -47.75 35.94 28.38
CA GLN F 1063 -47.41 36.64 27.15
C GLN F 1063 -47.37 35.69 25.96
N LYS F 1064 -46.86 34.47 26.17
CA LYS F 1064 -46.89 33.46 25.12
C LYS F 1064 -48.31 33.06 24.78
N LYS F 1065 -49.19 32.99 25.79
CA LYS F 1065 -50.61 32.71 25.54
C LYS F 1065 -51.25 33.83 24.73
N LEU F 1066 -50.92 35.08 25.04
CA LEU F 1066 -51.44 36.21 24.27
C LEU F 1066 -50.95 36.17 22.84
N GLU F 1067 -49.67 35.83 22.65
CA GLU F 1067 -49.11 35.69 21.30
C GLU F 1067 -49.79 34.56 20.54
N LEU F 1068 -50.10 33.47 21.22
CA LEU F 1068 -50.84 32.37 20.62
C LEU F 1068 -52.25 32.80 20.23
N SER F 1069 -52.89 33.61 21.08
CA SER F 1069 -54.25 34.06 20.80
C SER F 1069 -54.29 35.02 19.61
N GLU F 1070 -53.33 35.92 19.50
CA GLU F 1070 -53.37 36.88 18.38
C GLU F 1070 -52.94 36.27 17.06
N THR F 1071 -52.42 35.05 17.06
CA THR F 1071 -52.11 34.31 15.83
C THR F 1071 -52.96 33.05 15.79
N PHE F 1072 -52.67 32.18 14.82
CA PHE F 1072 -53.31 30.86 14.73
C PHE F 1072 -52.24 29.81 14.47
N ARG F 1073 -51.68 29.27 15.55
CA ARG F 1073 -50.85 28.07 15.48
C ARG F 1073 -51.33 27.02 16.48
N LYS F 1074 -52.60 27.05 16.84
CA LYS F 1074 -53.16 26.12 17.82
C LYS F 1074 -53.25 24.73 17.21
N ASN F 1075 -52.31 23.86 17.58
CA ASN F 1075 -52.31 22.48 17.10
C ASN F 1075 -51.94 21.48 18.19
N TYR F 1076 -51.90 21.90 19.44
CA TYR F 1076 -51.56 21.00 20.53
C TYR F 1076 -52.68 20.00 20.76
N SER F 1077 -52.32 18.73 20.92
CA SER F 1077 -53.29 17.66 21.17
C SER F 1077 -53.36 17.40 22.68
N LEU F 1078 -54.58 17.41 23.21
CA LEU F 1078 -54.81 17.23 24.63
C LEU F 1078 -55.76 16.07 24.85
N GLU F 1079 -55.23 14.97 25.41
CA GLU F 1079 -56.02 13.78 25.72
C GLU F 1079 -55.51 13.26 27.06
N ASP F 1080 -56.36 13.36 28.10
CA ASP F 1080 -56.21 12.80 29.46
C ASP F 1080 -54.78 12.77 30.01
N GLU F 1081 -54.16 13.96 30.10
CA GLU F 1081 -52.82 14.31 30.60
C GLU F 1081 -51.72 13.93 29.59
N MET F 1082 -52.06 13.23 28.50
CA MET F 1082 -51.11 13.07 27.39
C MET F 1082 -51.21 14.30 26.50
N ILE F 1083 -50.57 15.37 26.96
CA ILE F 1083 -50.57 16.65 26.25
C ILE F 1083 -49.33 16.69 25.37
N TYR F 1084 -49.55 16.86 24.06
CA TYR F 1084 -48.43 16.87 23.13
C TYR F 1084 -48.82 17.61 21.85
N TYR F 1085 -47.85 17.73 20.96
CA TYR F 1085 -47.96 18.48 19.71
C TYR F 1085 -48.64 17.56 18.68
N GLN F 1086 -48.56 17.86 17.39
CA GLN F 1086 -49.24 17.04 16.38
C GLN F 1086 -48.71 15.61 16.38
N ASP F 1087 -47.39 15.44 16.53
CA ASP F 1087 -46.80 14.11 16.67
C ASP F 1087 -45.66 14.09 17.67
N ARG F 1088 -45.44 15.18 18.42
CA ARG F 1088 -44.25 15.34 19.24
C ARG F 1088 -44.66 15.64 20.67
N LEU F 1089 -43.97 15.02 21.63
CA LEU F 1089 -44.32 15.16 23.04
C LEU F 1089 -43.70 16.45 23.58
N VAL F 1090 -44.56 17.42 23.93
CA VAL F 1090 -44.08 18.63 24.55
C VAL F 1090 -43.62 18.33 25.98
N VAL F 1091 -42.53 18.97 26.40
CA VAL F 1091 -41.91 18.67 27.69
C VAL F 1091 -41.97 19.92 28.57
N PRO F 1092 -42.36 19.78 29.83
CA PRO F 1092 -42.28 20.92 30.75
C PRO F 1092 -40.84 21.33 31.01
N ILE F 1093 -40.68 22.61 31.40
CA ILE F 1093 -39.36 23.19 31.56
C ILE F 1093 -38.62 22.63 32.78
N LYS F 1094 -39.32 21.94 33.69
CA LYS F 1094 -38.67 21.39 34.87
C LYS F 1094 -37.70 20.27 34.49
N GLN F 1095 -38.12 19.38 33.59
CA GLN F 1095 -37.30 18.23 33.18
C GLN F 1095 -36.70 18.45 31.78
N GLN F 1096 -36.39 19.70 31.45
CA GLN F 1096 -35.64 19.99 30.24
C GLN F 1096 -34.26 19.35 30.26
N ASN F 1097 -33.54 19.50 31.38
CA ASN F 1097 -32.21 18.94 31.51
C ASN F 1097 -32.25 17.43 31.46
N ALA F 1098 -33.31 16.81 32.00
CA ALA F 1098 -33.46 15.36 31.94
C ALA F 1098 -33.55 14.87 30.51
N VAL F 1099 -34.34 15.56 29.67
CA VAL F 1099 -34.53 15.14 28.28
C VAL F 1099 -33.25 15.32 27.48
N MET F 1100 -32.61 16.49 27.61
CA MET F 1100 -31.40 16.72 26.82
C MET F 1100 -30.25 15.84 27.29
N ARG F 1101 -30.19 15.53 28.59
CA ARG F 1101 -29.19 14.59 29.09
C ARG F 1101 -29.50 13.18 28.64
N LEU F 1102 -30.79 12.85 28.51
CA LEU F 1102 -31.18 11.52 28.05
C LEU F 1102 -30.77 11.30 26.61
N TYR F 1103 -31.01 12.28 25.74
CA TYR F 1103 -30.77 12.10 24.31
C TYR F 1103 -29.46 12.72 23.83
N HIS F 1104 -28.61 13.21 24.73
CA HIS F 1104 -27.28 13.62 24.37
C HIS F 1104 -26.19 12.83 25.06
N ASP F 1105 -26.41 12.37 26.30
CA ASP F 1105 -25.45 11.55 27.01
C ASP F 1105 -25.77 10.07 26.81
N HIS F 1106 -25.07 9.22 27.55
CA HIS F 1106 -24.93 7.81 27.20
C HIS F 1106 -25.87 6.91 28.00
N THR F 1107 -26.88 7.47 28.65
CA THR F 1107 -27.81 6.65 29.43
C THR F 1107 -28.65 5.74 28.54
N LEU F 1108 -29.11 6.25 27.40
CA LEU F 1108 -29.81 5.47 26.38
C LEU F 1108 -29.16 5.67 25.02
N PHE F 1109 -27.82 5.56 24.99
CA PHE F 1109 -27.01 5.50 23.78
C PHE F 1109 -27.17 6.75 22.93
N GLY F 1110 -26.65 7.84 23.47
CA GLY F 1110 -26.55 9.09 22.76
C GLY F 1110 -25.21 9.13 22.05
N GLY F 1111 -24.24 9.85 22.59
CA GLY F 1111 -22.91 9.78 22.02
C GLY F 1111 -22.13 11.08 22.02
N HIS F 1112 -22.74 12.13 22.56
CA HIS F 1112 -22.16 13.47 22.63
C HIS F 1112 -21.80 13.97 21.23
N PHE F 1113 -22.82 14.09 20.39
CA PHE F 1113 -22.67 14.52 19.01
C PHE F 1113 -23.01 16.00 18.89
N GLY F 1114 -23.06 16.49 17.66
CA GLY F 1114 -23.32 17.89 17.39
C GLY F 1114 -24.79 18.24 17.54
N VAL F 1115 -25.11 19.45 17.13
CA VAL F 1115 -26.48 19.94 17.24
C VAL F 1115 -27.40 19.21 16.26
N THR F 1116 -26.87 18.84 15.08
CA THR F 1116 -27.70 18.23 14.05
C THR F 1116 -28.18 16.84 14.46
N VAL F 1117 -27.28 16.02 14.98
CA VAL F 1117 -27.65 14.67 15.41
C VAL F 1117 -28.56 14.75 16.64
N THR F 1118 -28.34 15.73 17.51
CA THR F 1118 -29.21 15.91 18.67
C THR F 1118 -30.61 16.33 18.24
N LEU F 1119 -30.71 17.16 17.20
CA LEU F 1119 -32.01 17.48 16.62
C LEU F 1119 -32.65 16.23 16.02
N ALA F 1120 -31.87 15.46 15.27
CA ALA F 1120 -32.39 14.24 14.64
C ALA F 1120 -32.81 13.19 15.65
N LYS F 1121 -32.31 13.28 16.88
CA LYS F 1121 -32.78 12.43 17.96
C LYS F 1121 -33.99 13.01 18.68
N ILE F 1122 -34.06 14.33 18.83
CA ILE F 1122 -35.06 14.98 19.66
C ILE F 1122 -36.25 15.47 18.83
N SER F 1123 -35.99 16.18 17.73
CA SER F 1123 -37.08 16.74 16.93
C SER F 1123 -38.03 15.71 16.31
N PRO F 1124 -37.67 14.44 16.06
CA PRO F 1124 -38.73 13.47 15.75
C PRO F 1124 -39.64 13.15 16.91
N ILE F 1125 -39.26 13.44 18.15
CA ILE F 1125 -40.02 13.00 19.31
C ILE F 1125 -40.59 14.15 20.14
N TYR F 1126 -39.95 15.31 20.18
CA TYR F 1126 -40.40 16.41 21.04
C TYR F 1126 -40.45 17.71 20.25
N TYR F 1127 -41.17 18.68 20.80
CA TYR F 1127 -41.44 19.94 20.10
C TYR F 1127 -40.42 21.03 20.43
N TRP F 1128 -40.33 21.42 21.71
CA TRP F 1128 -39.38 22.40 22.23
C TRP F 1128 -39.40 23.76 21.53
N PRO F 1129 -40.31 24.69 21.90
CA PRO F 1129 -40.19 26.07 21.42
C PRO F 1129 -38.77 26.62 21.56
N LYS F 1130 -38.20 27.09 20.44
CA LYS F 1130 -36.77 27.40 20.30
C LYS F 1130 -35.91 26.17 20.60
N LEU F 1131 -36.11 25.13 19.78
CA LEU F 1131 -35.42 23.86 19.99
C LEU F 1131 -33.93 23.96 19.70
N GLN F 1132 -33.56 24.51 18.54
CA GLN F 1132 -32.16 24.52 18.13
C GLN F 1132 -31.33 25.41 19.02
N HIS F 1133 -31.92 26.52 19.50
CA HIS F 1133 -31.23 27.37 20.46
C HIS F 1133 -30.98 26.64 21.77
N SER F 1134 -31.97 25.87 22.24
CA SER F 1134 -31.78 25.06 23.44
C SER F 1134 -30.71 24.00 23.24
N ILE F 1135 -30.66 23.42 22.04
CA ILE F 1135 -29.68 22.37 21.76
C ILE F 1135 -28.26 22.93 21.73
N ILE F 1136 -28.07 24.07 21.05
CA ILE F 1136 -26.73 24.68 21.04
C ILE F 1136 -26.37 25.21 22.43
N GLN F 1137 -27.38 25.62 23.22
CA GLN F 1137 -27.13 25.99 24.60
C GLN F 1137 -26.63 24.80 25.42
N TYR F 1138 -27.22 23.63 25.20
CA TYR F 1138 -26.76 22.44 25.93
C TYR F 1138 -25.39 21.99 25.45
N ILE F 1139 -25.10 22.18 24.17
CA ILE F 1139 -23.77 21.88 23.64
C ILE F 1139 -22.74 22.79 24.30
N ARG F 1140 -23.10 24.05 24.53
CA ARG F 1140 -22.17 24.96 25.18
C ARG F 1140 -22.06 24.74 26.68
N THR F 1141 -23.13 24.31 27.35
CA THR F 1141 -23.13 24.18 28.80
C THR F 1141 -22.81 22.77 29.29
N CYS F 1142 -22.43 21.87 28.39
CA CYS F 1142 -22.00 20.53 28.77
C CYS F 1142 -20.69 20.60 29.58
N VAL F 1143 -20.32 19.47 30.16
CA VAL F 1143 -19.10 19.39 30.96
C VAL F 1143 -17.92 18.85 30.15
N GLN F 1144 -18.17 17.83 29.34
CA GLN F 1144 -17.13 17.23 28.51
C GLN F 1144 -17.25 17.61 27.05
N CYS F 1145 -18.44 18.01 26.60
CA CYS F 1145 -18.72 18.16 25.18
C CYS F 1145 -17.92 19.31 24.56
N GLN F 1146 -17.65 20.37 25.34
CA GLN F 1146 -16.80 21.44 24.84
C GLN F 1146 -15.37 20.94 24.60
N LEU F 1147 -14.89 20.10 25.50
CA LEU F 1147 -13.47 19.76 25.53
C LEU F 1147 -13.11 18.60 24.62
N ILE F 1148 -14.06 17.72 24.29
CA ILE F 1148 -13.73 16.55 23.49
C ILE F 1148 -13.81 16.83 21.98
N LYS F 1149 -14.66 17.75 21.56
CA LYS F 1149 -14.86 18.02 20.14
C LYS F 1149 -14.06 19.24 19.70
N SER F 1150 -14.26 19.65 18.46
CA SER F 1150 -13.60 20.81 17.90
C SER F 1150 -14.44 21.32 16.73
N HIS F 1151 -14.38 22.63 16.50
CA HIS F 1151 -15.13 23.20 15.37
C HIS F 1151 -14.35 24.42 14.85
N ARG F 1152 -13.50 24.17 13.85
CA ARG F 1152 -12.68 25.14 13.15
C ARG F 1152 -12.00 26.16 14.07
N PRO F 1153 -11.05 25.73 14.92
CA PRO F 1153 -10.40 26.67 15.82
C PRO F 1153 -9.44 27.63 15.13
N ARG F 1154 -9.05 27.34 13.88
CA ARG F 1154 -8.09 28.19 13.19
C ARG F 1154 -8.66 29.57 12.87
N LEU F 1155 -9.96 29.65 12.62
CA LEU F 1155 -10.59 30.91 12.23
C LEU F 1155 -11.06 31.75 13.41
N HIS F 1156 -10.76 31.35 14.64
CA HIS F 1156 -11.03 32.22 15.78
C HIS F 1156 -10.15 33.46 15.71
N GLY F 1157 -10.77 34.62 15.93
CA GLY F 1157 -10.04 35.87 15.91
C GLY F 1157 -9.94 36.43 14.51
N LEU F 1158 -10.38 37.67 14.32
CA LEU F 1158 -10.26 38.32 13.03
C LEU F 1158 -8.78 38.59 12.72
N LEU F 1159 -8.46 38.57 11.43
CA LEU F 1159 -7.08 38.77 11.01
C LEU F 1159 -6.72 40.25 11.19
N GLN F 1160 -5.88 40.53 12.17
CA GLN F 1160 -5.42 41.88 12.45
C GLN F 1160 -3.98 42.00 12.02
N PRO F 1161 -3.69 42.68 10.92
CA PRO F 1161 -2.28 42.87 10.52
C PRO F 1161 -1.53 43.73 11.52
N LEU F 1162 -0.24 43.47 11.64
CA LEU F 1162 0.63 44.24 12.53
C LEU F 1162 0.83 45.65 11.96
N PRO F 1163 1.32 46.62 12.82
CA PRO F 1163 1.59 47.99 12.35
C PRO F 1163 2.30 48.11 11.01
N ILE F 1164 1.87 49.11 10.24
CA ILE F 1164 2.04 49.09 8.79
C ILE F 1164 3.51 49.16 8.38
N ALA F 1165 4.19 50.25 8.72
CA ALA F 1165 5.55 50.48 8.24
C ALA F 1165 6.15 51.60 9.07
N GLU F 1166 7.46 51.72 8.96
CA GLU F 1166 8.21 52.75 9.68
C GLU F 1166 9.28 53.29 8.73
N GLY F 1167 10.27 53.98 9.28
CA GLY F 1167 11.32 54.57 8.48
C GLY F 1167 12.38 53.57 8.07
N ARG F 1168 12.09 52.76 7.05
CA ARG F 1168 13.02 51.81 6.46
C ARG F 1168 13.52 50.77 7.48
N TRP F 1169 12.57 49.90 7.82
CA TRP F 1169 12.76 48.66 8.60
C TRP F 1169 13.13 48.94 10.05
N LEU F 1170 12.53 49.98 10.63
CA LEU F 1170 12.47 50.06 12.09
C LEU F 1170 11.58 48.97 12.66
N ASP F 1171 10.69 48.39 11.85
CA ASP F 1171 10.00 47.16 12.19
C ASP F 1171 10.57 46.05 11.31
N ILE F 1172 10.85 44.90 11.92
CA ILE F 1172 11.53 43.81 11.23
C ILE F 1172 10.97 42.48 11.74
N SER F 1173 11.19 41.42 10.95
CA SER F 1173 10.79 40.08 11.31
C SER F 1173 11.90 39.10 10.98
N MET F 1174 11.94 37.99 11.72
CA MET F 1174 12.86 36.91 11.40
C MET F 1174 12.34 35.61 12.00
N ASP F 1175 12.78 34.50 11.42
CA ASP F 1175 12.32 33.18 11.82
C ASP F 1175 13.32 32.14 11.33
N PHE F 1176 13.17 30.92 11.82
CA PHE F 1176 14.02 29.79 11.45
C PHE F 1176 13.17 28.68 10.85
N VAL F 1177 13.73 28.01 9.85
CA VAL F 1177 13.25 26.71 9.39
C VAL F 1177 14.45 25.79 9.25
N THR F 1178 14.21 24.50 9.45
CA THR F 1178 15.28 23.51 9.43
C THR F 1178 14.94 22.41 8.42
N GLY F 1179 15.73 21.34 8.44
CA GLY F 1179 15.60 20.28 7.47
C GLY F 1179 16.51 20.42 6.27
N LEU F 1180 17.40 21.39 6.26
CA LEU F 1180 18.28 21.61 5.14
C LEU F 1180 19.41 20.59 5.16
N PRO F 1181 19.86 20.10 3.99
CA PRO F 1181 20.92 19.09 3.98
C PRO F 1181 22.26 19.70 4.32
N PRO F 1182 23.14 18.93 4.99
CA PRO F 1182 24.43 19.50 5.41
C PRO F 1182 25.38 19.69 4.23
N THR F 1183 26.22 20.71 4.34
CA THR F 1183 27.35 20.89 3.44
C THR F 1183 28.67 21.08 4.17
N SER F 1184 28.67 21.79 5.29
CA SER F 1184 29.82 21.94 6.17
C SER F 1184 29.34 21.86 7.62
N ASN F 1185 28.49 20.87 7.89
CA ASN F 1185 27.71 20.75 9.14
C ASN F 1185 26.88 22.02 9.37
N ASN F 1186 26.12 22.40 8.36
CA ASN F 1186 25.37 23.65 8.37
C ASN F 1186 23.88 23.42 8.25
N LEU F 1187 23.33 22.49 9.04
CA LEU F 1187 21.91 22.15 8.89
C LEU F 1187 20.99 23.08 9.66
N ASN F 1188 21.20 24.39 9.59
CA ASN F 1188 20.12 25.35 9.75
C ASN F 1188 20.05 26.30 8.56
N MET F 1189 21.09 27.10 8.35
CA MET F 1189 21.40 27.87 7.14
C MET F 1189 20.30 28.85 6.73
N ILE F 1190 19.22 28.95 7.50
CA ILE F 1190 18.12 29.86 7.20
C ILE F 1190 17.95 30.74 8.43
N LEU F 1191 18.63 31.87 8.43
CA LEU F 1191 18.34 32.96 9.35
C LEU F 1191 17.90 34.10 8.45
N VAL F 1192 16.61 34.11 8.13
CA VAL F 1192 16.06 35.08 7.19
C VAL F 1192 15.56 36.30 7.96
N VAL F 1193 16.05 37.47 7.58
CA VAL F 1193 15.66 38.73 8.19
C VAL F 1193 15.03 39.60 7.09
N VAL F 1194 13.78 40.00 7.31
CA VAL F 1194 12.99 40.63 6.27
C VAL F 1194 12.73 42.09 6.65
N ASP F 1195 13.25 43.00 5.83
CA ASP F 1195 13.16 44.43 6.10
C ASP F 1195 11.74 44.90 5.78
N ARG F 1196 10.84 44.65 6.73
CA ARG F 1196 9.38 44.70 6.62
C ARG F 1196 8.81 45.86 5.80
N PHE F 1197 9.38 47.05 5.94
CA PHE F 1197 8.95 48.18 5.14
C PHE F 1197 9.26 47.96 3.66
N SER F 1198 10.54 47.79 3.34
CA SER F 1198 10.96 47.64 1.96
C SER F 1198 10.99 46.19 1.50
N LYS F 1199 10.82 45.23 2.42
CA LYS F 1199 10.82 43.79 2.13
C LYS F 1199 12.12 43.35 1.47
N ARG F 1200 13.24 43.91 1.93
CA ARG F 1200 14.55 43.59 1.35
C ARG F 1200 14.90 42.12 1.57
N ALA F 1201 14.54 41.58 2.73
CA ALA F 1201 14.48 40.14 3.00
C ALA F 1201 15.84 39.45 2.85
N HIS F 1202 16.75 39.81 3.74
CA HIS F 1202 18.05 39.17 3.79
C HIS F 1202 17.97 37.81 4.47
N PHE F 1203 18.84 36.89 4.04
CA PHE F 1203 19.01 35.61 4.70
C PHE F 1203 20.44 35.14 4.54
N ILE F 1204 21.06 34.74 5.64
CA ILE F 1204 22.48 34.44 5.72
C ILE F 1204 22.66 33.00 6.18
N ALA F 1205 23.66 32.31 5.60
CA ALA F 1205 23.94 30.94 5.94
C ALA F 1205 24.45 30.82 7.38
N THR F 1206 24.02 29.77 8.07
CA THR F 1206 24.40 29.54 9.47
C THR F 1206 24.25 28.06 9.77
N ARG F 1207 24.33 27.71 11.06
CA ARG F 1207 24.11 26.35 11.50
C ARG F 1207 23.56 26.39 12.92
N LYS F 1208 23.03 25.23 13.36
CA LYS F 1208 22.55 25.11 14.73
C LYS F 1208 23.67 25.26 15.74
N THR F 1209 24.83 24.67 15.44
CA THR F 1209 25.92 24.54 16.42
C THR F 1209 26.89 25.71 16.42
N LEU F 1210 26.70 26.71 15.57
CA LEU F 1210 27.56 27.90 15.62
C LEU F 1210 27.33 28.66 16.91
N ASP F 1211 26.07 28.89 17.26
CA ASP F 1211 25.74 29.67 18.44
C ASP F 1211 24.35 29.30 18.92
N ALA F 1212 24.06 29.73 20.14
CA ALA F 1212 22.73 29.74 20.71
C ALA F 1212 22.48 31.08 21.37
N THR F 1213 22.75 32.14 20.60
CA THR F 1213 22.54 33.56 20.90
C THR F 1213 23.55 33.99 21.96
N GLN F 1214 24.74 33.40 21.97
CA GLN F 1214 25.78 33.73 22.94
C GLN F 1214 26.96 34.44 22.30
N LEU F 1215 27.60 33.82 21.32
CA LEU F 1215 28.90 34.27 20.84
C LEU F 1215 28.87 34.78 19.40
N ILE F 1216 28.45 33.97 18.42
CA ILE F 1216 28.60 34.33 17.02
C ILE F 1216 27.27 34.68 16.36
N ASP F 1217 26.12 34.30 16.95
CA ASP F 1217 24.83 34.65 16.37
C ASP F 1217 24.62 36.16 16.34
N LEU F 1218 24.96 36.83 17.44
CA LEU F 1218 24.88 38.28 17.47
C LEU F 1218 25.83 38.92 16.48
N LEU F 1219 26.96 38.27 16.17
CA LEU F 1219 27.96 38.91 15.33
C LEU F 1219 27.49 39.03 13.89
N PHE F 1220 26.95 37.96 13.31
CA PHE F 1220 26.36 38.18 11.99
C PHE F 1220 24.99 38.86 12.06
N ARG F 1221 24.32 38.84 13.22
CA ARG F 1221 23.16 39.70 13.38
C ARG F 1221 23.54 41.17 13.28
N TYR F 1222 24.71 41.55 13.82
CA TYR F 1222 25.19 42.92 13.68
C TYR F 1222 25.75 43.21 12.31
N ILE F 1223 26.36 42.22 11.63
CA ILE F 1223 26.86 42.53 10.28
C ILE F 1223 25.67 42.69 9.33
N PHE F 1224 24.54 42.05 9.63
CA PHE F 1224 23.29 42.44 8.98
C PHE F 1224 22.84 43.82 9.45
N SER F 1225 22.89 44.05 10.76
CA SER F 1225 22.46 45.31 11.36
C SER F 1225 23.45 46.43 11.15
N TYR F 1226 24.63 46.13 10.60
CA TYR F 1226 25.57 47.17 10.17
C TYR F 1226 24.95 48.10 9.14
N HIS F 1227 24.00 47.59 8.34
CA HIS F 1227 23.28 48.41 7.38
C HIS F 1227 22.03 49.05 7.97
N GLY F 1228 22.03 49.31 9.29
CA GLY F 1228 20.93 49.97 9.95
C GLY F 1228 20.32 49.18 11.09
N PHE F 1229 20.38 49.75 12.29
CA PHE F 1229 19.71 49.12 13.43
C PHE F 1229 18.20 49.18 13.25
N PRO F 1230 17.48 48.14 13.63
CA PRO F 1230 16.02 48.21 13.66
C PRO F 1230 15.54 48.83 14.96
N ARG F 1231 14.22 48.85 15.11
CA ARG F 1231 13.58 49.31 16.34
C ARG F 1231 12.57 48.31 16.88
N THR F 1232 12.08 47.38 16.05
CA THR F 1232 11.14 46.37 16.50
C THR F 1232 11.46 45.05 15.84
N ILE F 1233 11.55 43.99 16.64
CA ILE F 1233 11.65 42.62 16.16
C ILE F 1233 10.27 41.99 16.27
N THR F 1234 9.94 41.09 15.34
CA THR F 1234 8.85 40.14 15.52
C THR F 1234 9.40 38.75 15.21
N SER F 1235 9.36 37.87 16.19
CA SER F 1235 9.95 36.55 16.02
C SER F 1235 9.08 35.51 16.73
N ASP F 1236 9.59 34.29 16.82
CA ASP F 1236 8.86 33.16 17.35
C ASP F 1236 9.26 32.90 18.81
N ARG F 1237 8.74 31.82 19.38
CA ARG F 1237 9.10 31.37 20.71
C ARG F 1237 10.29 30.42 20.71
N ASP F 1238 11.18 30.57 19.73
CA ASP F 1238 12.36 29.71 19.62
C ASP F 1238 13.28 29.92 20.81
N VAL F 1239 14.01 28.86 21.17
CA VAL F 1239 14.92 28.91 22.32
C VAL F 1239 16.11 29.82 22.03
N ARG F 1240 16.42 30.04 20.75
CA ARG F 1240 17.50 30.95 20.40
C ARG F 1240 17.14 32.42 20.60
N MET F 1241 15.88 32.74 20.92
CA MET F 1241 15.49 34.11 21.18
C MET F 1241 14.64 34.31 22.43
N THR F 1242 14.27 33.26 23.14
CA THR F 1242 13.61 33.40 24.43
C THR F 1242 14.60 33.43 25.59
N ALA F 1243 15.90 33.36 25.29
CA ALA F 1243 16.92 33.36 26.33
C ALA F 1243 16.99 34.72 27.02
N ASP F 1244 17.50 34.72 28.25
CA ASP F 1244 17.64 35.96 29.00
C ASP F 1244 18.69 36.86 28.38
N LYS F 1245 19.72 36.27 27.77
CA LYS F 1245 20.77 37.06 27.12
C LYS F 1245 20.23 37.85 25.95
N TYR F 1246 19.35 37.26 25.15
CA TYR F 1246 18.83 37.93 23.97
C TYR F 1246 17.89 39.07 24.33
N GLN F 1247 16.95 38.83 25.25
CA GLN F 1247 15.94 39.82 25.57
C GLN F 1247 16.57 41.06 26.22
N GLU F 1248 17.54 40.85 27.13
CA GLU F 1248 18.13 41.97 27.83
C GLU F 1248 19.03 42.80 26.92
N LEU F 1249 19.78 42.15 26.02
CA LEU F 1249 20.62 42.90 25.10
C LEU F 1249 19.78 43.71 24.12
N THR F 1250 18.65 43.15 23.68
CA THR F 1250 17.75 43.91 22.82
C THR F 1250 17.10 45.07 23.57
N LYS F 1251 16.77 44.86 24.84
CA LYS F 1251 16.21 45.93 25.66
C LYS F 1251 17.22 47.06 25.86
N ARG F 1252 18.49 46.72 26.09
CA ARG F 1252 19.53 47.73 26.14
C ARG F 1252 19.81 48.35 24.78
N LEU F 1253 19.46 47.66 23.70
CA LEU F 1253 19.53 48.22 22.36
C LEU F 1253 18.30 49.04 22.00
N GLY F 1254 17.29 49.06 22.86
CA GLY F 1254 16.07 49.81 22.58
C GLY F 1254 15.20 49.19 21.53
N ILE F 1255 15.33 47.89 21.29
CA ILE F 1255 14.58 47.18 20.26
C ILE F 1255 13.71 46.13 20.94
N LYS F 1256 12.41 46.15 20.64
CA LYS F 1256 11.48 45.24 21.27
C LYS F 1256 11.69 43.81 20.78
N SER F 1257 11.05 42.86 21.48
CA SER F 1257 11.13 41.46 21.14
C SER F 1257 9.89 41.01 20.35
N THR F 1258 8.70 41.13 20.96
CA THR F 1258 7.40 40.77 20.38
C THR F 1258 7.42 39.36 19.78
N MET F 1259 7.57 38.39 20.68
CA MET F 1259 7.70 36.99 20.31
C MET F 1259 6.34 36.44 19.85
N SER F 1260 6.29 35.15 19.55
CA SER F 1260 5.05 34.51 19.13
C SER F 1260 4.33 33.89 20.32
N SER F 1261 3.33 33.06 20.03
CA SER F 1261 2.32 32.64 21.00
C SER F 1261 2.21 31.13 21.07
N ALA F 1262 3.35 30.44 21.26
CA ALA F 1262 3.40 29.00 21.48
C ALA F 1262 2.84 28.22 20.28
N ASN F 1263 3.66 28.20 19.23
CA ASN F 1263 3.39 27.54 17.93
C ASN F 1263 2.32 28.29 17.15
N HIS F 1264 2.49 29.60 17.05
CA HIS F 1264 1.68 30.46 16.19
C HIS F 1264 2.62 31.24 15.28
N PRO F 1265 3.11 30.60 14.22
CA PRO F 1265 4.10 31.27 13.35
C PRO F 1265 3.52 32.36 12.47
N GLN F 1266 2.20 32.56 12.47
CA GLN F 1266 1.59 33.59 11.63
C GLN F 1266 1.96 35.00 12.09
N THR F 1267 2.46 35.15 13.32
CA THR F 1267 3.03 36.43 13.74
C THR F 1267 4.26 36.78 12.90
N ASP F 1268 5.02 35.77 12.49
CA ASP F 1268 6.17 35.96 11.62
C ASP F 1268 5.83 35.75 10.16
N GLY F 1269 4.62 36.17 9.75
CA GLY F 1269 4.07 35.74 8.48
C GLY F 1269 4.89 36.17 7.28
N GLN F 1270 5.40 37.40 7.29
CA GLN F 1270 6.06 37.93 6.10
C GLN F 1270 7.44 37.30 5.92
N SER F 1271 8.11 36.99 7.04
CA SER F 1271 9.35 36.21 6.97
C SER F 1271 9.09 34.80 6.47
N GLU F 1272 8.02 34.17 6.96
CA GLU F 1272 7.67 32.83 6.52
C GLU F 1272 7.21 32.82 5.07
N ARG F 1273 6.53 33.88 4.63
CA ARG F 1273 6.17 34.00 3.23
C ARG F 1273 7.40 34.20 2.36
N THR F 1274 8.41 34.92 2.87
CA THR F 1274 9.68 35.02 2.17
C THR F 1274 10.36 33.65 2.07
N ILE F 1275 10.28 32.86 3.14
CA ILE F 1275 10.80 31.49 3.12
C ILE F 1275 10.09 30.68 2.04
N GLN F 1276 8.77 30.83 1.96
CA GLN F 1276 7.98 30.15 0.92
C GLN F 1276 8.43 30.56 -0.48
N THR F 1277 8.73 31.84 -0.67
CA THR F 1277 9.34 32.26 -1.94
C THR F 1277 10.78 31.77 -2.02
N LEU F 1278 11.49 31.72 -0.89
CA LEU F 1278 12.89 31.29 -0.89
C LEU F 1278 13.01 29.80 -1.23
N ASN F 1279 12.08 28.99 -0.73
CA ASN F 1279 12.18 27.53 -0.91
C ASN F 1279 12.08 27.14 -2.37
N ARG F 1280 11.19 27.79 -3.13
CA ARG F 1280 11.08 27.52 -4.56
C ARG F 1280 12.38 27.88 -5.29
N LEU F 1281 12.94 29.05 -4.97
CA LEU F 1281 14.20 29.45 -5.58
C LEU F 1281 15.35 28.58 -5.10
N LEU F 1282 15.29 28.09 -3.86
CA LEU F 1282 16.29 27.16 -3.36
C LEU F 1282 16.25 25.85 -4.12
N ARG F 1283 15.06 25.33 -4.40
CA ARG F 1283 14.96 24.12 -5.23
C ARG F 1283 15.40 24.39 -6.66
N ALA F 1284 15.15 25.62 -7.16
CA ALA F 1284 15.62 25.97 -8.50
C ALA F 1284 17.13 25.98 -8.58
N TYR F 1285 17.80 26.49 -7.56
CA TYR F 1285 19.25 26.59 -7.56
C TYR F 1285 19.95 25.41 -6.89
N ALA F 1286 19.21 24.41 -6.43
CA ALA F 1286 19.75 23.35 -5.59
C ALA F 1286 20.05 22.07 -6.35
N SER F 1287 20.54 22.16 -7.59
CA SER F 1287 20.92 20.97 -8.34
C SER F 1287 22.08 20.24 -7.68
N THR F 1288 23.10 20.97 -7.24
CA THR F 1288 24.20 20.41 -6.46
C THR F 1288 23.82 20.48 -4.99
N ASN F 1289 22.96 19.53 -4.58
CA ASN F 1289 22.34 19.59 -3.27
C ASN F 1289 23.34 19.39 -2.14
N ILE F 1290 24.32 18.51 -2.34
CA ILE F 1290 25.20 18.07 -1.27
C ILE F 1290 26.63 18.56 -1.46
N GLN F 1291 27.08 18.71 -2.71
CA GLN F 1291 28.50 18.95 -2.96
C GLN F 1291 28.94 20.36 -2.64
N ASN F 1292 28.42 21.35 -3.38
CA ASN F 1292 28.87 22.73 -3.22
C ASN F 1292 27.78 23.72 -3.68
N TRP F 1293 27.06 24.27 -2.70
CA TRP F 1293 25.95 25.14 -3.03
C TRP F 1293 25.79 26.33 -2.09
N HIS F 1294 26.71 26.57 -1.15
CA HIS F 1294 26.58 27.73 -0.27
C HIS F 1294 26.80 29.04 -0.99
N VAL F 1295 27.31 29.01 -2.22
CA VAL F 1295 27.39 30.21 -3.05
C VAL F 1295 26.04 30.65 -3.59
N TYR F 1296 25.01 29.81 -3.48
CA TYR F 1296 23.73 30.09 -4.11
C TYR F 1296 22.82 30.99 -3.27
N LEU F 1297 22.97 30.99 -1.94
CA LEU F 1297 22.18 31.90 -1.11
C LEU F 1297 22.39 33.37 -1.41
N PRO F 1298 23.61 33.90 -1.58
CA PRO F 1298 23.70 35.29 -2.05
C PRO F 1298 23.14 35.48 -3.46
N GLN F 1299 23.27 34.46 -4.32
CA GLN F 1299 22.65 34.53 -5.64
C GLN F 1299 21.13 34.58 -5.54
N ILE F 1300 20.55 33.76 -4.65
CA ILE F 1300 19.11 33.77 -4.44
C ILE F 1300 18.67 35.11 -3.86
N GLU F 1301 19.47 35.67 -2.95
CA GLU F 1301 19.18 37.00 -2.40
C GLU F 1301 19.14 38.06 -3.49
N PHE F 1302 20.17 38.07 -4.35
CA PHE F 1302 20.25 39.10 -5.39
C PHE F 1302 19.16 38.93 -6.43
N VAL F 1303 18.78 37.69 -6.73
CA VAL F 1303 17.69 37.47 -7.67
C VAL F 1303 16.36 37.91 -7.06
N TYR F 1304 16.10 37.49 -5.82
CA TYR F 1304 14.79 37.72 -5.21
C TYR F 1304 14.56 39.20 -4.90
N ASN F 1305 15.61 39.92 -4.50
CA ASN F 1305 15.45 41.34 -4.22
C ASN F 1305 15.16 42.15 -5.48
N SER F 1306 15.79 41.78 -6.60
CA SER F 1306 15.61 42.52 -7.84
C SER F 1306 14.27 42.22 -8.51
N THR F 1307 13.63 41.12 -8.17
CA THR F 1307 12.37 40.76 -8.80
C THR F 1307 11.22 41.58 -8.24
N PRO F 1308 10.41 42.22 -9.07
CA PRO F 1308 9.25 42.96 -8.57
C PRO F 1308 8.24 42.05 -7.88
N THR F 1309 7.65 42.58 -6.80
CA THR F 1309 6.64 41.86 -6.05
C THR F 1309 5.25 42.20 -6.59
N ARG F 1310 4.22 41.80 -5.86
CA ARG F 1310 2.84 42.04 -6.27
C ARG F 1310 2.13 43.11 -5.45
N THR F 1311 2.28 43.08 -4.11
CA THR F 1311 1.55 43.98 -3.24
C THR F 1311 2.03 45.43 -3.34
N LEU F 1312 3.19 45.68 -3.93
CA LEU F 1312 3.70 47.03 -4.05
C LEU F 1312 3.98 47.48 -5.48
N GLY F 1313 4.16 46.55 -6.42
CA GLY F 1313 4.40 46.90 -7.80
C GLY F 1313 5.83 47.29 -8.11
N LYS F 1314 6.68 47.46 -7.11
CA LYS F 1314 8.08 47.81 -7.29
C LYS F 1314 8.93 46.71 -6.67
N SER F 1315 10.12 46.51 -7.21
CA SER F 1315 11.01 45.50 -6.66
C SER F 1315 11.50 45.96 -5.29
N PRO F 1316 11.61 45.04 -4.32
CA PRO F 1316 12.10 45.44 -2.99
C PRO F 1316 13.50 46.00 -2.97
N PHE F 1317 14.32 45.71 -3.99
CA PHE F 1317 15.65 46.31 -4.08
C PHE F 1317 15.56 47.80 -4.33
N GLU F 1318 14.67 48.24 -5.23
CA GLU F 1318 14.61 49.65 -5.59
C GLU F 1318 13.75 50.46 -4.64
N ILE F 1319 12.97 49.80 -3.78
CA ILE F 1319 12.13 50.52 -2.83
C ILE F 1319 12.99 51.24 -1.80
N ASP F 1320 13.98 50.55 -1.25
CA ASP F 1320 14.84 51.17 -0.25
C ASP F 1320 15.98 51.93 -0.92
N LEU F 1321 16.75 51.25 -1.77
CA LEU F 1321 17.94 51.86 -2.34
C LEU F 1321 17.63 52.89 -3.41
N GLY F 1322 16.38 53.02 -3.85
CA GLY F 1322 16.12 53.96 -4.92
C GLY F 1322 16.29 53.30 -6.27
N TYR F 1323 17.50 53.39 -6.81
CA TYR F 1323 17.88 52.78 -8.07
C TYR F 1323 17.72 51.27 -8.10
N LEU F 1324 17.87 50.68 -9.27
CA LEU F 1324 17.93 49.25 -9.49
C LEU F 1324 19.39 48.83 -9.56
N PRO F 1325 19.69 47.50 -9.53
CA PRO F 1325 21.09 47.07 -9.72
C PRO F 1325 21.63 47.35 -11.11
N ASN F 1326 22.87 46.88 -11.36
CA ASN F 1326 23.57 47.14 -12.61
C ASN F 1326 22.87 46.50 -13.81
N THR F 1327 23.42 46.74 -15.02
CA THR F 1327 22.79 46.47 -16.31
C THR F 1327 21.41 47.13 -16.34
N PRO F 1328 21.34 48.45 -16.51
CA PRO F 1328 20.04 49.14 -16.42
C PRO F 1328 19.06 48.70 -17.50
N ALA F 1329 17.87 48.34 -17.05
CA ALA F 1329 16.75 47.98 -17.92
C ALA F 1329 15.61 48.92 -17.60
N ILE F 1330 15.91 50.22 -17.56
CA ILE F 1330 15.03 51.29 -17.09
C ILE F 1330 13.70 51.28 -17.83
N LYS F 1331 12.61 51.27 -17.06
CA LYS F 1331 11.28 51.15 -17.62
C LYS F 1331 10.84 52.47 -18.27
N SER F 1332 9.61 52.48 -18.76
CA SER F 1332 9.08 53.62 -19.51
C SER F 1332 8.51 54.70 -18.62
N ASP F 1333 8.79 54.69 -17.31
CA ASP F 1333 8.26 55.74 -16.44
C ASP F 1333 9.04 57.04 -16.63
N ASP F 1334 10.30 57.04 -16.26
CA ASP F 1334 11.23 58.18 -16.33
C ASP F 1334 12.65 57.61 -16.25
N GLU F 1335 13.61 58.51 -16.06
CA GLU F 1335 14.98 58.15 -15.73
C GLU F 1335 15.21 58.08 -14.22
N VAL F 1336 14.14 58.22 -13.43
CA VAL F 1336 14.23 58.37 -11.99
C VAL F 1336 14.76 57.11 -11.31
N ASN F 1337 14.60 55.94 -11.94
CA ASN F 1337 15.13 54.70 -11.38
C ASN F 1337 16.64 54.54 -11.63
N ALA F 1338 17.28 55.53 -12.23
CA ALA F 1338 18.72 55.54 -12.44
C ALA F 1338 19.31 56.67 -11.61
N ARG F 1339 18.86 56.77 -10.37
CA ARG F 1339 19.02 57.86 -9.42
C ARG F 1339 20.50 58.00 -8.86
N SER F 1340 21.44 57.21 -9.39
CA SER F 1340 22.83 57.23 -8.93
C SER F 1340 23.50 58.52 -9.39
N PHE F 1341 23.25 59.58 -8.62
CA PHE F 1341 23.89 60.89 -8.78
C PHE F 1341 23.80 61.62 -7.44
N THR F 1342 23.92 62.95 -7.48
CA THR F 1342 24.12 63.78 -6.28
C THR F 1342 23.02 63.55 -5.23
N ALA F 1343 23.45 63.44 -3.97
CA ALA F 1343 22.66 62.86 -2.90
C ALA F 1343 21.92 63.86 -2.02
N VAL F 1344 22.05 65.16 -2.28
CA VAL F 1344 21.42 66.13 -1.38
C VAL F 1344 19.91 66.18 -1.61
N GLU F 1345 19.43 65.75 -2.78
CA GLU F 1345 18.01 65.70 -3.07
C GLU F 1345 17.40 64.31 -2.96
N LEU F 1346 18.13 63.35 -2.38
CA LEU F 1346 17.58 62.00 -2.24
C LEU F 1346 16.44 61.97 -1.23
N ALA F 1347 16.49 62.82 -0.20
CA ALA F 1347 15.53 62.74 0.89
C ALA F 1347 14.10 62.96 0.40
N LYS F 1348 13.90 63.94 -0.49
CA LYS F 1348 12.56 64.29 -0.95
C LYS F 1348 11.90 63.14 -1.72
N HIS F 1349 12.58 62.62 -2.73
CA HIS F 1349 11.95 61.59 -3.55
C HIS F 1349 11.98 60.22 -2.88
N LEU F 1350 12.97 59.95 -2.03
CA LEU F 1350 12.92 58.74 -1.22
C LEU F 1350 11.76 58.78 -0.23
N LYS F 1351 11.44 59.96 0.32
CA LYS F 1351 10.23 60.08 1.12
C LYS F 1351 8.98 59.97 0.26
N ALA F 1352 9.03 60.44 -0.99
CA ALA F 1352 7.91 60.26 -1.90
C ALA F 1352 7.66 58.77 -2.17
N LEU F 1353 8.74 58.02 -2.42
CA LEU F 1353 8.64 56.57 -2.59
C LEU F 1353 8.18 55.90 -1.31
N THR F 1354 8.57 56.44 -0.15
CA THR F 1354 8.03 55.96 1.13
C THR F 1354 6.52 56.14 1.18
N ILE F 1355 6.03 57.27 0.68
CA ILE F 1355 4.57 57.50 0.64
C ILE F 1355 3.91 56.50 -0.31
N GLN F 1356 4.51 56.27 -1.49
CA GLN F 1356 4.00 55.28 -2.44
C GLN F 1356 3.90 53.91 -1.79
N THR F 1357 4.99 53.45 -1.18
CA THR F 1357 5.02 52.13 -0.58
C THR F 1357 4.08 52.05 0.61
N LYS F 1358 3.97 53.14 1.39
CA LYS F 1358 3.03 53.16 2.51
C LYS F 1358 1.60 52.95 2.02
N GLU F 1359 1.23 53.66 0.94
CA GLU F 1359 -0.09 53.50 0.34
C GLU F 1359 -0.32 52.07 -0.14
N GLN F 1360 0.70 51.47 -0.75
CA GLN F 1360 0.60 50.08 -1.17
C GLN F 1360 0.43 49.14 0.02
N LEU F 1361 1.02 49.47 1.17
CA LEU F 1361 0.77 48.64 2.35
C LEU F 1361 -0.59 48.87 3.02
N GLU F 1362 -1.20 50.07 2.98
CA GLU F 1362 -2.61 50.08 3.40
C GLU F 1362 -3.45 49.26 2.42
N HIS F 1363 -3.14 49.32 1.13
CA HIS F 1363 -3.85 48.47 0.17
C HIS F 1363 -3.65 46.99 0.49
N ALA F 1364 -2.43 46.61 0.88
CA ALA F 1364 -2.14 45.22 1.24
C ALA F 1364 -2.88 44.79 2.50
N GLN F 1365 -2.92 45.65 3.51
CA GLN F 1365 -3.65 45.33 4.74
C GLN F 1365 -5.14 45.18 4.48
N ILE F 1366 -5.70 46.07 3.65
CA ILE F 1366 -7.11 45.97 3.27
C ILE F 1366 -7.36 44.67 2.51
N GLU F 1367 -6.47 44.34 1.56
CA GLU F 1367 -6.64 43.13 0.76
C GLU F 1367 -6.56 41.88 1.63
N MET F 1368 -5.66 41.87 2.62
CA MET F 1368 -5.58 40.74 3.54
C MET F 1368 -6.84 40.64 4.39
N GLU F 1369 -7.36 41.77 4.86
CA GLU F 1369 -8.53 41.69 5.74
C GLU F 1369 -9.83 41.40 4.99
N THR F 1370 -9.89 41.66 3.68
CA THR F 1370 -11.09 41.37 2.90
C THR F 1370 -11.39 39.87 2.87
N ASN F 1371 -10.51 39.10 2.24
CA ASN F 1371 -10.80 37.71 1.90
C ASN F 1371 -10.61 36.74 3.06
N ASN F 1372 -10.07 37.20 4.18
CA ASN F 1372 -9.81 36.33 5.32
C ASN F 1372 -10.83 36.46 6.43
N ASN F 1373 -11.40 37.65 6.63
CA ASN F 1373 -12.36 37.85 7.70
C ASN F 1373 -13.78 37.46 7.31
N GLN F 1374 -13.98 36.94 6.10
CA GLN F 1374 -15.33 36.60 5.64
C GLN F 1374 -15.94 35.49 6.48
N ARG F 1375 -15.13 34.47 6.81
CA ARG F 1375 -15.60 33.37 7.64
C ARG F 1375 -15.21 33.50 9.10
N ARG F 1376 -14.13 34.22 9.39
CA ARG F 1376 -13.63 34.30 10.76
C ARG F 1376 -14.56 35.11 11.64
N LYS F 1377 -14.67 34.69 12.90
CA LYS F 1377 -15.51 35.35 13.89
C LYS F 1377 -14.66 35.71 15.10
N PRO F 1378 -14.66 36.97 15.55
CA PRO F 1378 -13.82 37.35 16.70
C PRO F 1378 -14.33 36.75 18.00
N LEU F 1379 -13.40 36.53 18.92
CA LEU F 1379 -13.71 36.03 20.25
C LEU F 1379 -13.39 37.10 21.28
N LEU F 1380 -14.36 37.42 22.12
CA LEU F 1380 -14.27 38.51 23.07
C LEU F 1380 -14.39 37.96 24.49
N LEU F 1381 -13.31 38.01 25.26
CA LEU F 1381 -13.33 37.58 26.65
C LEU F 1381 -12.79 38.69 27.54
N ASN F 1382 -13.42 38.87 28.69
CA ASN F 1382 -12.92 39.77 29.71
C ASN F 1382 -12.02 39.00 30.68
N ILE F 1383 -11.28 39.75 31.50
CA ILE F 1383 -10.38 39.14 32.47
C ILE F 1383 -11.21 38.51 33.58
N GLY F 1384 -10.94 37.23 33.86
CA GLY F 1384 -11.64 36.52 34.91
C GLY F 1384 -12.38 35.29 34.44
N ASP F 1385 -12.97 35.36 33.24
CA ASP F 1385 -13.73 34.23 32.71
C ASP F 1385 -12.80 33.10 32.28
N HIS F 1386 -13.31 31.87 32.40
CA HIS F 1386 -12.51 30.69 32.12
C HIS F 1386 -12.34 30.50 30.61
N VAL F 1387 -11.30 29.73 30.25
CA VAL F 1387 -10.94 29.55 28.85
C VAL F 1387 -10.15 28.25 28.73
N LEU F 1388 -10.41 27.50 27.66
CA LEU F 1388 -9.70 26.26 27.36
C LEU F 1388 -8.63 26.51 26.32
N VAL F 1389 -7.54 25.74 26.40
CA VAL F 1389 -6.40 25.94 25.52
C VAL F 1389 -6.31 24.88 24.42
N HIS F 1390 -6.80 23.65 24.66
CA HIS F 1390 -7.03 22.61 23.64
C HIS F 1390 -5.76 22.07 22.97
N ARG F 1391 -4.59 22.65 23.25
CA ARG F 1391 -3.33 22.24 22.64
C ARG F 1391 -2.21 23.00 23.34
N ASP F 1392 -0.98 22.57 23.06
CA ASP F 1392 0.26 23.21 23.54
C ASP F 1392 0.31 23.28 25.07
N ALA F 1393 -0.29 22.30 25.73
CA ALA F 1393 -0.26 22.20 27.19
C ALA F 1393 0.52 21.00 27.68
N TYR F 1394 0.60 19.93 26.88
CA TYR F 1394 1.34 18.74 27.25
C TYR F 1394 1.92 18.14 25.98
N PHE F 1395 3.24 18.23 25.82
CA PHE F 1395 3.91 17.71 24.64
C PHE F 1395 4.46 16.31 24.88
N TYR F 1400 2.00 9.83 21.89
CA TYR F 1400 0.85 9.00 22.18
C TYR F 1400 -0.37 9.85 22.52
N MET F 1401 -0.48 11.00 21.87
CA MET F 1401 -1.58 11.94 22.11
C MET F 1401 -2.69 11.73 21.08
N LYS F 1402 -3.25 10.53 21.07
CA LYS F 1402 -4.28 10.16 20.11
C LYS F 1402 -5.63 9.90 20.76
N VAL F 1403 -5.68 8.96 21.72
CA VAL F 1403 -6.94 8.59 22.36
C VAL F 1403 -7.08 9.34 23.68
N GLN F 1404 -5.95 9.68 24.30
CA GLN F 1404 -5.98 10.33 25.60
C GLN F 1404 -6.46 11.76 25.48
N GLN F 1405 -6.85 12.32 26.63
CA GLN F 1405 -7.45 13.64 26.72
C GLN F 1405 -6.36 14.69 26.47
N ILE F 1406 -6.07 14.89 25.18
CA ILE F 1406 -5.09 15.90 24.77
C ILE F 1406 -5.58 17.29 25.13
N TYR F 1407 -6.89 17.49 25.16
CA TYR F 1407 -7.47 18.76 25.53
C TYR F 1407 -7.56 18.83 27.05
N VAL F 1408 -7.16 19.96 27.63
CA VAL F 1408 -7.03 20.08 29.07
C VAL F 1408 -8.05 21.08 29.61
N GLY F 1409 -8.09 21.20 30.94
CA GLY F 1409 -9.15 21.93 31.60
C GLY F 1409 -8.99 23.43 31.50
N PRO F 1410 -9.96 24.14 32.07
CA PRO F 1410 -10.01 25.59 31.91
C PRO F 1410 -9.06 26.33 32.83
N PHE F 1411 -8.65 27.51 32.39
CA PHE F 1411 -7.75 28.37 33.14
C PHE F 1411 -8.33 29.78 33.18
N ARG F 1412 -7.84 30.56 34.14
CA ARG F 1412 -8.29 31.94 34.31
C ARG F 1412 -7.37 32.89 33.56
N VAL F 1413 -7.97 33.75 32.73
CA VAL F 1413 -7.22 34.72 31.94
C VAL F 1413 -6.76 35.87 32.83
N VAL F 1414 -5.53 36.33 32.62
CA VAL F 1414 -4.91 37.35 33.45
C VAL F 1414 -4.79 38.68 32.70
N LYS F 1415 -4.12 38.68 31.55
CA LYS F 1415 -3.86 39.90 30.80
C LYS F 1415 -4.38 39.73 29.38
N LYS F 1416 -5.16 40.72 28.93
CA LYS F 1416 -5.70 40.73 27.57
C LYS F 1416 -4.82 41.66 26.74
N ILE F 1417 -3.79 41.09 26.13
CA ILE F 1417 -2.82 41.88 25.37
C ILE F 1417 -3.45 42.46 24.12
N ASN F 1418 -4.15 41.61 23.36
CA ASN F 1418 -4.89 42.02 22.17
C ASN F 1418 -6.29 41.44 22.26
N ASP F 1419 -7.12 41.74 21.25
CA ASP F 1419 -8.41 41.09 21.14
C ASP F 1419 -8.26 39.60 20.86
N ASN F 1420 -7.12 39.19 20.31
CA ASN F 1420 -6.81 37.81 20.01
C ASN F 1420 -5.58 37.32 20.77
N ALA F 1421 -5.39 37.81 21.99
CA ALA F 1421 -4.21 37.48 22.80
C ALA F 1421 -4.60 37.51 24.26
N TYR F 1422 -4.73 36.33 24.87
CA TYR F 1422 -5.11 36.21 26.27
C TYR F 1422 -3.98 35.55 27.05
N GLU F 1423 -3.50 36.23 28.09
CA GLU F 1423 -2.53 35.64 29.01
C GLU F 1423 -3.28 34.94 30.14
N LEU F 1424 -2.89 33.70 30.42
CA LEU F 1424 -3.69 32.84 31.29
C LEU F 1424 -2.77 31.96 32.11
N ASP F 1425 -3.33 31.41 33.19
CA ASP F 1425 -2.58 30.60 34.16
C ASP F 1425 -2.82 29.13 33.85
N LEU F 1426 -2.08 28.62 32.86
CA LEU F 1426 -2.23 27.22 32.46
C LEU F 1426 -1.66 26.28 33.52
N ASN F 1427 -0.59 26.68 34.18
CA ASN F 1427 -0.07 25.97 35.34
C ASN F 1427 0.28 27.01 36.40
N SER F 1428 0.83 26.57 37.53
CA SER F 1428 1.06 27.45 38.66
C SER F 1428 2.03 28.58 38.36
N HIS F 1429 3.32 28.26 38.20
CA HIS F 1429 4.28 29.30 37.83
C HIS F 1429 5.43 28.75 36.97
N LYS F 1430 5.22 27.63 36.27
CA LYS F 1430 6.35 26.82 35.82
C LYS F 1430 7.29 27.50 34.82
N LYS F 1431 6.86 27.72 33.58
CA LYS F 1431 7.78 28.02 32.48
C LYS F 1431 7.00 28.53 31.27
N LYS F 1432 7.76 29.13 30.35
CA LYS F 1432 7.44 29.24 28.93
C LYS F 1432 6.15 30.01 28.65
N HIS F 1433 6.21 31.30 28.97
CA HIS F 1433 5.53 32.37 28.23
C HIS F 1433 4.01 32.15 28.17
N ARG F 1434 3.38 32.30 29.34
CA ARG F 1434 1.98 31.92 29.48
C ARG F 1434 1.03 32.90 28.78
N VAL F 1435 1.14 33.00 27.46
CA VAL F 1435 0.14 33.67 26.63
C VAL F 1435 -0.13 32.77 25.43
N ILE F 1436 -1.41 32.60 25.11
CA ILE F 1436 -1.86 31.68 24.07
C ILE F 1436 -2.71 32.46 23.07
N ASN F 1437 -2.44 32.27 21.78
CA ASN F 1437 -3.25 32.89 20.75
C ASN F 1437 -4.66 32.31 20.75
N VAL F 1438 -5.59 33.09 20.21
CA VAL F 1438 -7.01 32.73 20.30
C VAL F 1438 -7.34 31.50 19.46
N GLN F 1439 -6.46 31.15 18.51
CA GLN F 1439 -6.70 29.98 17.66
C GLN F 1439 -6.77 28.71 18.49
N PHE F 1440 -5.86 28.56 19.44
CA PHE F 1440 -5.95 27.45 20.37
C PHE F 1440 -7.03 27.69 21.44
N LEU F 1441 -7.29 28.94 21.78
CA LEU F 1441 -8.20 29.24 22.88
C LEU F 1441 -9.65 29.00 22.49
N LYS F 1442 -10.46 28.65 23.48
CA LYS F 1442 -11.87 28.38 23.29
C LYS F 1442 -12.63 28.82 24.54
N LYS F 1443 -13.85 29.30 24.35
CA LYS F 1443 -14.67 29.75 25.46
C LYS F 1443 -15.06 28.57 26.34
N PHE F 1444 -15.30 28.86 27.62
CA PHE F 1444 -15.76 27.87 28.58
C PHE F 1444 -17.04 28.37 29.23
N VAL F 1445 -18.01 27.48 29.39
CA VAL F 1445 -19.30 27.82 29.96
C VAL F 1445 -19.61 26.84 31.08
N TYR F 1446 -19.92 27.36 32.27
CA TYR F 1446 -20.19 26.54 33.44
C TYR F 1446 -21.59 26.79 33.97
N ARG F 1447 -22.58 26.81 33.08
CA ARG F 1447 -23.95 27.07 33.48
C ARG F 1447 -24.60 25.75 33.90
N PRO F 1448 -24.83 25.60 35.20
CA PRO F 1448 -25.44 24.39 35.75
C PRO F 1448 -26.11 24.69 37.09
N TYR F 1451 -26.64 18.29 40.55
CA TYR F 1451 -26.41 19.01 41.79
C TYR F 1451 -24.92 19.27 42.01
N PRO F 1452 -24.45 20.45 41.62
CA PRO F 1452 -23.03 20.79 41.85
C PRO F 1452 -22.72 20.92 43.33
N LYS F 1453 -21.48 20.57 43.67
CA LYS F 1453 -21.03 20.58 45.06
C LYS F 1453 -20.47 21.96 45.41
N ASN F 1454 -19.86 22.06 46.58
CA ASN F 1454 -19.38 23.34 47.11
C ASN F 1454 -17.85 23.36 47.11
N LYS F 1455 -17.29 24.43 47.67
CA LYS F 1455 -15.86 24.67 47.63
C LYS F 1455 -15.24 24.29 48.97
N PRO F 1456 -14.39 23.26 49.04
CA PRO F 1456 -13.76 22.90 50.32
C PRO F 1456 -12.65 23.89 50.68
N ILE F 1457 -12.78 24.49 51.86
CA ILE F 1457 -11.79 25.44 52.36
C ILE F 1457 -11.18 25.00 53.68
N SER F 1458 -11.78 24.05 54.39
CA SER F 1458 -11.25 23.60 55.66
C SER F 1458 -10.10 22.62 55.45
N SER F 1459 -9.37 22.34 56.54
CA SER F 1459 -8.24 21.43 56.47
C SER F 1459 -8.67 19.98 56.40
N THR F 1460 -9.78 19.63 57.05
CA THR F 1460 -10.27 18.26 57.05
C THR F 1460 -11.13 17.93 55.83
N GLU F 1461 -11.51 18.93 55.04
CA GLU F 1461 -12.32 18.69 53.85
C GLU F 1461 -11.48 18.36 52.63
N ARG F 1462 -10.15 18.48 52.72
CA ARG F 1462 -9.27 18.13 51.62
C ARG F 1462 -8.85 16.66 51.65
N ILE F 1463 -9.19 15.93 52.71
CA ILE F 1463 -8.83 14.52 52.84
C ILE F 1463 -10.01 13.61 52.51
N LYS F 1464 -11.16 13.85 53.12
CA LYS F 1464 -12.35 13.06 52.84
C LYS F 1464 -12.85 13.28 51.42
N ARG F 1465 -12.86 14.54 50.97
CA ARG F 1465 -13.33 14.86 49.62
C ARG F 1465 -12.20 14.81 48.60
N ALA F 1466 -11.49 13.67 48.58
CA ALA F 1466 -10.41 13.46 47.63
C ALA F 1466 -10.69 12.34 46.63
N HIS F 1467 -11.75 11.57 46.84
CA HIS F 1467 -12.15 10.53 45.90
C HIS F 1467 -13.11 11.05 44.83
N GLU F 1468 -13.41 12.35 44.86
CA GLU F 1468 -14.33 12.98 43.92
C GLU F 1468 -13.59 13.76 42.85
N VAL F 1469 -12.43 13.24 42.42
CA VAL F 1469 -11.60 13.90 41.43
C VAL F 1469 -12.08 13.55 40.03
N THR F 1470 -11.75 14.41 39.07
CA THR F 1470 -12.14 14.21 37.67
C THR F 1470 -10.93 14.10 36.75
N ALA F 1471 -9.98 15.03 36.84
CA ALA F 1471 -8.84 15.04 35.93
C ALA F 1471 -7.61 15.47 36.70
N LEU F 1472 -6.51 15.71 35.99
CA LEU F 1472 -5.24 16.08 36.57
C LEU F 1472 -4.53 17.08 35.67
N ILE F 1473 -3.80 18.00 36.30
CA ILE F 1473 -2.91 18.91 35.60
C ILE F 1473 -1.47 18.44 35.68
N GLY F 1474 -0.99 18.17 36.88
CA GLY F 1474 0.37 17.71 37.06
C GLY F 1474 0.86 17.99 38.48
N ILE F 1475 2.17 18.14 38.60
CA ILE F 1475 2.84 18.40 39.87
C ILE F 1475 3.56 19.73 39.77
N ASP F 1476 3.48 20.54 40.83
CA ASP F 1476 4.20 21.80 40.86
C ASP F 1476 5.71 21.53 40.91
N THR F 1477 6.45 22.30 40.13
CA THR F 1477 7.90 22.15 40.10
C THR F 1477 8.57 22.83 41.29
N THR F 1478 7.94 23.86 41.85
CA THR F 1478 8.58 24.64 42.91
C THR F 1478 8.60 23.88 44.25
N HIS F 1479 7.51 23.21 44.59
CA HIS F 1479 7.44 22.48 45.85
C HIS F 1479 6.54 21.26 45.65
N LYS F 1480 6.11 20.66 46.75
CA LYS F 1480 5.31 19.43 46.71
C LYS F 1480 3.84 19.81 46.84
N THR F 1481 3.19 20.02 45.70
CA THR F 1481 1.77 20.37 45.67
C THR F 1481 1.20 19.94 44.33
N TYR F 1482 0.19 19.07 44.36
CA TYR F 1482 -0.43 18.56 43.14
C TYR F 1482 -1.69 19.37 42.83
N LEU F 1483 -1.87 19.69 41.55
CA LEU F 1483 -3.05 20.39 41.08
C LEU F 1483 -3.89 19.45 40.24
N CYS F 1484 -5.19 19.37 40.54
CA CYS F 1484 -6.09 18.46 39.84
C CYS F 1484 -7.48 19.07 39.82
N HIS F 1485 -8.40 18.39 39.13
CA HIS F 1485 -9.79 18.80 39.03
C HIS F 1485 -10.67 17.83 39.81
N MET F 1486 -11.61 18.37 40.58
CA MET F 1486 -12.59 17.57 41.29
C MET F 1486 -13.87 17.47 40.45
N GLN F 1487 -14.93 16.93 41.05
CA GLN F 1487 -16.19 16.71 40.36
C GLN F 1487 -17.27 17.63 40.93
N ASP F 1488 -18.03 18.26 40.02
CA ASP F 1488 -19.16 19.14 40.34
C ASP F 1488 -18.74 20.30 41.24
N VAL F 1489 -17.57 20.86 40.97
CA VAL F 1489 -17.04 21.99 41.71
C VAL F 1489 -16.62 23.08 40.72
N ASP F 1490 -16.04 24.15 41.24
CA ASP F 1490 -15.45 25.18 40.40
C ASP F 1490 -14.26 24.59 39.66
N PRO F 1491 -14.27 24.55 38.32
CA PRO F 1491 -13.21 23.83 37.58
C PRO F 1491 -11.85 24.49 37.65
N THR F 1492 -11.78 25.79 37.35
CA THR F 1492 -10.48 26.47 37.34
C THR F 1492 -9.96 26.68 38.75
N LEU F 1493 -10.84 26.97 39.70
CA LEU F 1493 -10.44 27.20 41.09
C LEU F 1493 -10.17 25.84 41.73
N SER F 1494 -8.95 25.34 41.54
CA SER F 1494 -8.58 24.04 42.07
C SER F 1494 -8.33 24.11 43.57
N VAL F 1495 -8.27 22.94 44.19
CA VAL F 1495 -7.95 22.79 45.61
C VAL F 1495 -6.64 22.02 45.71
N GLU F 1496 -5.70 22.58 46.48
CA GLU F 1496 -4.37 21.99 46.61
C GLU F 1496 -4.44 20.69 47.40
N TYR F 1497 -3.85 19.63 46.86
CA TYR F 1497 -3.82 18.31 47.49
C TYR F 1497 -2.37 17.86 47.61
N SER F 1498 -1.83 17.87 48.83
CA SER F 1498 -0.46 17.49 49.07
C SER F 1498 -0.36 15.97 49.24
N GLU F 1499 0.81 15.48 49.64
CA GLU F 1499 1.03 14.05 49.77
C GLU F 1499 0.32 13.44 50.98
N ALA F 1500 -0.08 14.25 51.95
CA ALA F 1500 -0.77 13.74 53.13
C ALA F 1500 -2.17 13.24 52.80
N GLU F 1501 -2.75 13.68 51.69
CA GLU F 1501 -4.06 13.21 51.25
C GLU F 1501 -4.02 12.72 49.80
N PHE F 1502 -2.85 12.27 49.36
CA PHE F 1502 -2.66 11.76 48.00
C PHE F 1502 -2.50 10.25 47.94
N CYS F 1503 -1.78 9.66 48.90
CA CYS F 1503 -1.51 8.22 48.87
C CYS F 1503 -2.68 7.38 49.37
N GLN F 1504 -3.63 7.98 50.09
CA GLN F 1504 -4.75 7.21 50.63
C GLN F 1504 -5.73 6.83 49.53
N ILE F 1505 -6.06 7.77 48.65
CA ILE F 1505 -6.95 7.52 47.52
C ILE F 1505 -6.19 6.72 46.47
N PRO F 1506 -6.87 5.88 45.68
CA PRO F 1506 -6.16 5.13 44.63
C PRO F 1506 -5.64 6.01 43.51
N GLU F 1507 -4.32 6.13 43.41
CA GLU F 1507 -3.68 6.96 42.39
C GLU F 1507 -3.26 6.15 41.17
N ARG F 1508 -3.71 4.90 41.06
CA ARG F 1508 -3.38 4.07 39.91
C ARG F 1508 -3.98 4.62 38.63
N THR F 1509 -5.16 5.23 38.72
CA THR F 1509 -5.84 5.81 37.57
C THR F 1509 -5.54 7.30 37.38
N ARG F 1510 -4.66 7.87 38.19
CA ARG F 1510 -4.36 9.29 38.08
C ARG F 1510 -3.21 9.57 37.13
N ARG F 1511 -2.08 8.85 37.27
CA ARG F 1511 -0.95 9.06 36.37
C ARG F 1511 -1.18 8.50 34.99
N SER F 1512 -2.26 7.72 34.78
CA SER F 1512 -2.57 7.19 33.46
C SER F 1512 -2.89 8.30 32.47
N ILE F 1513 -3.61 9.34 32.92
CA ILE F 1513 -3.92 10.45 32.04
C ILE F 1513 -2.77 11.44 31.94
N LEU F 1514 -1.80 11.39 32.86
CA LEU F 1514 -0.63 12.25 32.75
C LEU F 1514 0.41 11.65 31.81
N ALA F 1515 0.58 10.34 31.84
CA ALA F 1515 1.53 9.66 30.97
C ALA F 1515 1.02 9.64 29.53
N TYR G 1029 -48.77 11.15 -17.65
CA TYR G 1029 -49.74 10.74 -16.65
C TYR G 1029 -50.90 11.74 -16.59
N TYR G 1030 -50.74 12.78 -15.77
CA TYR G 1030 -51.74 13.83 -15.69
C TYR G 1030 -51.86 14.60 -17.00
N LYS G 1031 -50.72 14.88 -17.64
CA LYS G 1031 -50.72 15.56 -18.92
C LYS G 1031 -49.43 15.19 -19.65
N SER G 1032 -49.46 15.37 -20.97
CA SER G 1032 -48.30 15.15 -21.81
C SER G 1032 -47.58 16.43 -22.20
N ASP G 1033 -48.11 17.58 -21.79
CA ASP G 1033 -47.48 18.87 -22.08
C ASP G 1033 -46.88 19.45 -20.81
N PRO G 1034 -45.55 19.48 -20.69
CA PRO G 1034 -44.94 20.05 -19.48
C PRO G 1034 -45.12 21.55 -19.42
N LEU G 1035 -45.10 22.09 -18.20
CA LEU G 1035 -45.16 23.53 -17.98
C LEU G 1035 -43.74 24.08 -18.03
N CYS G 1036 -43.48 24.94 -19.02
CA CYS G 1036 -42.13 25.44 -19.24
C CYS G 1036 -41.66 26.37 -18.14
N SER G 1037 -42.59 27.07 -17.48
CA SER G 1037 -42.22 28.01 -16.42
C SER G 1037 -41.83 27.27 -15.14
N ALA G 1038 -40.72 26.54 -15.19
CA ALA G 1038 -40.21 25.79 -14.05
C ALA G 1038 -38.72 25.54 -14.29
N VAL G 1039 -38.13 24.70 -13.44
CA VAL G 1039 -36.71 24.37 -13.58
C VAL G 1039 -36.43 23.31 -14.62
N LEU G 1040 -37.48 22.69 -15.18
CA LEU G 1040 -37.29 21.56 -16.10
C LEU G 1040 -36.61 22.02 -17.39
N ILE G 1041 -37.18 23.03 -18.05
CA ILE G 1041 -36.58 23.52 -19.28
C ILE G 1041 -35.28 24.27 -19.00
N HIS G 1042 -35.09 24.73 -17.76
CA HIS G 1042 -33.86 25.42 -17.42
C HIS G 1042 -32.72 24.42 -17.27
N MET G 1043 -33.03 23.21 -16.79
CA MET G 1043 -32.07 22.12 -16.88
C MET G 1043 -31.91 21.64 -18.32
N LYS G 1044 -32.99 21.68 -19.10
CA LYS G 1044 -32.95 21.34 -20.51
C LYS G 1044 -32.08 22.30 -21.32
N GLU G 1045 -31.85 23.50 -20.79
CA GLU G 1045 -30.98 24.56 -21.31
C GLU G 1045 -29.43 24.21 -21.15
N LEU G 1046 -29.15 22.96 -20.79
CA LEU G 1046 -27.79 22.46 -20.62
C LEU G 1046 -26.97 22.62 -21.90
N THR G 1047 -27.48 22.09 -23.01
CA THR G 1047 -26.79 22.19 -24.29
C THR G 1047 -27.68 22.58 -25.46
N GLN G 1048 -29.00 22.47 -25.33
CA GLN G 1048 -29.88 22.82 -26.43
C GLN G 1048 -30.29 24.28 -26.39
N HIS G 1049 -30.45 24.85 -25.18
CA HIS G 1049 -30.71 26.27 -24.93
C HIS G 1049 -31.99 26.73 -25.64
N ASN G 1050 -33.10 26.12 -25.22
CA ASN G 1050 -34.39 26.40 -25.81
C ASN G 1050 -34.84 27.85 -25.57
N VAL G 1051 -35.13 28.18 -24.31
CA VAL G 1051 -35.69 29.48 -23.95
C VAL G 1051 -35.57 29.61 -22.44
N THR G 1052 -35.50 30.86 -21.95
CA THR G 1052 -35.32 31.06 -20.51
C THR G 1052 -36.43 31.85 -19.81
N PRO G 1053 -37.72 31.45 -19.88
CA PRO G 1053 -38.69 32.05 -18.94
C PRO G 1053 -38.83 31.19 -17.69
N GLU G 1054 -37.81 31.25 -16.83
CA GLU G 1054 -37.67 30.31 -15.71
C GLU G 1054 -38.81 30.41 -14.71
N ASP G 1055 -38.89 31.52 -13.99
CA ASP G 1055 -39.88 31.74 -12.93
C ASP G 1055 -39.72 33.15 -12.42
N MET G 1056 -40.66 33.56 -11.57
CA MET G 1056 -40.51 34.78 -10.78
C MET G 1056 -39.68 34.46 -9.55
N SER G 1057 -38.68 35.31 -9.28
CA SER G 1057 -37.68 35.11 -8.22
C SER G 1057 -37.00 33.75 -8.38
N ALA G 1058 -36.29 33.61 -9.51
CA ALA G 1058 -35.65 32.37 -9.92
C ALA G 1058 -34.19 32.29 -9.50
N PHE G 1059 -33.85 32.84 -8.33
CA PHE G 1059 -32.48 32.78 -7.83
C PHE G 1059 -32.05 31.34 -7.57
N ARG G 1060 -32.96 30.52 -7.05
CA ARG G 1060 -32.63 29.14 -6.71
C ARG G 1060 -32.45 28.31 -7.97
N SER G 1061 -33.24 28.60 -9.00
CA SER G 1061 -33.26 27.77 -10.21
C SER G 1061 -31.92 27.82 -10.96
N TYR G 1062 -31.35 29.02 -11.13
CA TYR G 1062 -30.16 29.11 -11.96
C TYR G 1062 -28.93 28.59 -11.22
N GLN G 1063 -28.84 28.82 -9.92
CA GLN G 1063 -27.73 28.25 -9.15
C GLN G 1063 -27.84 26.73 -9.10
N LYS G 1064 -29.07 26.21 -8.95
CA LYS G 1064 -29.26 24.76 -8.98
C LYS G 1064 -28.87 24.18 -10.32
N LYS G 1065 -29.26 24.86 -11.41
CA LYS G 1065 -28.90 24.40 -12.75
C LYS G 1065 -27.40 24.37 -12.95
N LEU G 1066 -26.72 25.49 -12.67
CA LEU G 1066 -25.28 25.57 -12.93
C LEU G 1066 -24.51 24.58 -12.05
N GLU G 1067 -24.87 24.48 -10.77
CA GLU G 1067 -24.16 23.59 -9.86
C GLU G 1067 -24.44 22.13 -10.20
N LEU G 1068 -25.70 21.70 -10.14
CA LEU G 1068 -26.05 20.31 -10.36
C LEU G 1068 -26.06 19.91 -11.83
N SER G 1069 -25.60 20.78 -12.74
CA SER G 1069 -25.49 20.42 -14.14
C SER G 1069 -24.08 20.50 -14.68
N GLU G 1070 -23.34 21.57 -14.37
CA GLU G 1070 -22.01 21.71 -14.92
C GLU G 1070 -21.00 20.80 -14.22
N THR G 1071 -21.24 20.46 -12.95
CA THR G 1071 -20.24 19.75 -12.16
C THR G 1071 -20.16 18.27 -12.52
N PHE G 1072 -21.25 17.53 -12.31
CA PHE G 1072 -21.21 16.08 -12.42
C PHE G 1072 -22.10 15.52 -13.52
N ARG G 1073 -23.38 15.92 -13.55
CA ARG G 1073 -24.44 15.11 -14.15
C ARG G 1073 -24.25 14.81 -15.63
N LYS G 1074 -24.35 15.84 -16.49
CA LYS G 1074 -24.29 15.72 -17.94
C LYS G 1074 -25.28 14.66 -18.47
N ASN G 1075 -26.35 14.43 -17.72
CA ASN G 1075 -27.37 13.42 -17.99
C ASN G 1075 -28.48 14.09 -18.80
N TYR G 1076 -29.66 13.46 -18.82
CA TYR G 1076 -30.86 13.97 -19.49
C TYR G 1076 -30.64 14.09 -20.99
N SER G 1077 -30.49 12.92 -21.63
CA SER G 1077 -30.47 12.84 -23.08
C SER G 1077 -31.76 13.44 -23.63
N LEU G 1078 -31.65 14.57 -24.31
CA LEU G 1078 -32.78 15.47 -24.53
C LEU G 1078 -33.77 14.87 -25.53
N GLU G 1079 -35.05 15.07 -25.25
CA GLU G 1079 -36.12 14.57 -26.10
C GLU G 1079 -37.14 15.67 -26.32
N ASP G 1080 -37.83 15.60 -27.46
CA ASP G 1080 -38.82 16.62 -27.82
C ASP G 1080 -40.14 16.32 -27.13
N GLU G 1081 -40.58 17.25 -26.27
CA GLU G 1081 -41.84 17.18 -25.53
C GLU G 1081 -41.90 15.87 -24.71
N MET G 1082 -40.79 15.57 -24.03
CA MET G 1082 -40.72 14.41 -23.17
C MET G 1082 -39.89 14.76 -21.93
N ILE G 1083 -40.18 14.05 -20.84
CA ILE G 1083 -39.46 14.22 -19.58
C ILE G 1083 -39.03 12.84 -19.07
N TYR G 1084 -38.89 11.89 -20.00
CA TYR G 1084 -38.46 10.53 -19.65
C TYR G 1084 -37.05 10.52 -19.08
N TYR G 1085 -36.08 11.32 -19.60
CA TYR G 1085 -34.63 11.41 -19.20
C TYR G 1085 -34.19 10.76 -17.85
N GLN G 1086 -33.85 9.45 -17.90
CA GLN G 1086 -33.49 8.33 -16.93
C GLN G 1086 -34.57 7.28 -17.21
N ASP G 1087 -35.16 6.51 -16.24
CA ASP G 1087 -36.43 6.11 -16.82
C ASP G 1087 -37.59 6.69 -16.04
N ARG G 1088 -37.42 7.91 -15.51
CA ARG G 1088 -38.39 8.51 -14.60
C ARG G 1088 -38.82 9.87 -15.14
N LEU G 1089 -40.12 10.15 -15.04
CA LEU G 1089 -40.64 11.44 -15.45
C LEU G 1089 -40.12 12.54 -14.51
N VAL G 1090 -39.80 13.69 -15.09
CA VAL G 1090 -39.31 14.83 -14.33
C VAL G 1090 -40.52 15.73 -14.08
N VAL G 1091 -41.19 15.49 -12.95
CA VAL G 1091 -42.48 16.14 -12.64
C VAL G 1091 -42.25 17.63 -12.38
N PRO G 1092 -43.04 18.51 -12.99
CA PRO G 1092 -42.83 19.95 -12.79
C PRO G 1092 -43.17 20.41 -11.38
N ILE G 1093 -42.72 21.62 -11.07
CA ILE G 1093 -42.98 22.21 -9.75
C ILE G 1093 -44.47 22.50 -9.58
N LYS G 1094 -45.15 22.87 -10.66
CA LYS G 1094 -46.57 23.19 -10.57
C LYS G 1094 -47.44 21.94 -10.48
N GLN G 1095 -46.98 20.83 -11.05
CA GLN G 1095 -47.81 19.63 -11.22
C GLN G 1095 -47.65 18.63 -10.07
N GLN G 1096 -46.69 18.84 -9.18
CA GLN G 1096 -46.36 17.83 -8.16
C GLN G 1096 -47.50 17.63 -7.17
N ASN G 1097 -48.18 18.71 -6.78
CA ASN G 1097 -49.25 18.60 -5.80
C ASN G 1097 -50.42 17.80 -6.35
N ALA G 1098 -50.78 18.03 -7.62
CA ALA G 1098 -51.90 17.32 -8.23
C ALA G 1098 -51.61 15.83 -8.40
N VAL G 1099 -50.40 15.49 -8.85
CA VAL G 1099 -50.07 14.07 -9.04
C VAL G 1099 -49.95 13.37 -7.70
N MET G 1100 -49.43 14.05 -6.67
CA MET G 1100 -49.38 13.44 -5.35
C MET G 1100 -50.78 13.28 -4.75
N ARG G 1101 -51.67 14.25 -5.01
CA ARG G 1101 -53.05 14.14 -4.53
C ARG G 1101 -53.77 12.98 -5.20
N LEU G 1102 -53.59 12.81 -6.52
CA LEU G 1102 -54.20 11.68 -7.21
C LEU G 1102 -53.56 10.36 -6.79
N TYR G 1103 -52.29 10.39 -6.40
CA TYR G 1103 -51.57 9.20 -5.95
C TYR G 1103 -51.87 8.84 -4.50
N HIS G 1104 -52.45 9.76 -3.72
CA HIS G 1104 -52.66 9.51 -2.30
C HIS G 1104 -54.12 9.38 -1.89
N ASP G 1105 -55.06 9.94 -2.67
CA ASP G 1105 -56.47 9.96 -2.27
C ASP G 1105 -57.06 8.56 -2.35
N HIS G 1106 -57.50 8.04 -1.19
CA HIS G 1106 -58.04 6.68 -1.14
C HIS G 1106 -59.34 6.57 -1.92
N THR G 1107 -60.13 7.65 -1.97
CA THR G 1107 -61.30 7.67 -2.83
C THR G 1107 -60.90 7.61 -4.31
N LEU G 1108 -59.80 8.27 -4.66
CA LEU G 1108 -59.26 8.23 -6.02
C LEU G 1108 -58.22 7.13 -6.20
N PHE G 1109 -58.33 6.05 -5.41
CA PHE G 1109 -57.40 4.90 -5.42
C PHE G 1109 -55.95 5.35 -5.15
N GLY G 1110 -55.75 5.89 -3.96
CA GLY G 1110 -54.42 6.27 -3.53
C GLY G 1110 -53.96 5.58 -2.27
N GLY G 1111 -54.91 5.19 -1.42
CA GLY G 1111 -54.63 4.42 -0.22
C GLY G 1111 -54.41 5.19 1.06
N HIS G 1112 -53.78 6.38 0.97
CA HIS G 1112 -53.36 7.18 2.13
C HIS G 1112 -52.48 6.36 3.06
N PHE G 1113 -51.48 5.70 2.49
CA PHE G 1113 -50.65 4.75 3.21
C PHE G 1113 -49.42 5.44 3.80
N GLY G 1114 -48.47 4.65 4.26
CA GLY G 1114 -47.30 5.17 4.93
C GLY G 1114 -46.32 5.84 3.98
N VAL G 1115 -45.36 6.54 4.59
CA VAL G 1115 -44.39 7.32 3.83
C VAL G 1115 -43.44 6.42 3.04
N THR G 1116 -43.05 5.27 3.63
CA THR G 1116 -42.01 4.45 3.03
C THR G 1116 -42.48 3.78 1.75
N VAL G 1117 -43.65 3.14 1.79
CA VAL G 1117 -44.15 2.43 0.61
C VAL G 1117 -44.55 3.41 -0.50
N THR G 1118 -45.12 4.56 -0.13
CA THR G 1118 -45.47 5.57 -1.13
C THR G 1118 -44.22 6.16 -1.77
N LEU G 1119 -43.18 6.39 -0.97
CA LEU G 1119 -41.92 6.90 -1.51
C LEU G 1119 -41.25 5.86 -2.41
N ALA G 1120 -41.37 4.58 -2.07
CA ALA G 1120 -40.80 3.53 -2.91
C ALA G 1120 -41.54 3.43 -4.24
N LYS G 1121 -42.87 3.43 -4.21
CA LYS G 1121 -43.64 3.28 -5.43
C LYS G 1121 -43.78 4.57 -6.22
N ILE G 1122 -43.33 5.70 -5.67
CA ILE G 1122 -43.44 6.98 -6.39
C ILE G 1122 -42.21 7.26 -7.24
N SER G 1123 -41.11 6.54 -7.05
CA SER G 1123 -39.95 6.83 -7.89
C SER G 1123 -39.37 5.66 -8.70
N PRO G 1124 -40.17 4.83 -9.41
CA PRO G 1124 -39.60 4.16 -10.58
C PRO G 1124 -39.96 4.88 -11.87
N ILE G 1125 -40.87 5.85 -11.79
CA ILE G 1125 -41.42 6.49 -12.97
C ILE G 1125 -41.39 8.01 -12.83
N TYR G 1126 -41.15 8.50 -11.61
CA TYR G 1126 -41.08 9.93 -11.36
C TYR G 1126 -39.71 10.28 -10.79
N TYR G 1127 -39.14 11.40 -11.25
CA TYR G 1127 -37.84 11.83 -10.76
C TYR G 1127 -37.98 12.65 -9.48
N TRP G 1128 -38.75 13.76 -9.54
CA TRP G 1128 -39.02 14.67 -8.42
C TRP G 1128 -37.74 15.15 -7.75
N PRO G 1129 -37.02 16.12 -8.34
CA PRO G 1129 -35.85 16.69 -7.65
C PRO G 1129 -36.20 17.18 -6.25
N LYS G 1130 -35.44 16.71 -5.27
CA LYS G 1130 -35.76 16.82 -3.84
C LYS G 1130 -37.12 16.17 -3.54
N LEU G 1131 -37.19 14.87 -3.82
CA LEU G 1131 -38.43 14.11 -3.60
C LEU G 1131 -38.73 13.95 -2.11
N GLN G 1132 -37.69 13.68 -1.31
CA GLN G 1132 -37.91 13.35 0.10
C GLN G 1132 -38.46 14.53 0.89
N HIS G 1133 -37.92 15.74 0.65
CA HIS G 1133 -38.40 16.92 1.34
C HIS G 1133 -39.84 17.23 0.96
N SER G 1134 -40.18 17.09 -0.32
CA SER G 1134 -41.56 17.30 -0.77
C SER G 1134 -42.50 16.30 -0.14
N ILE G 1135 -42.09 15.03 -0.04
CA ILE G 1135 -42.95 14.01 0.55
C ILE G 1135 -43.17 14.27 2.04
N ILE G 1136 -42.10 14.59 2.77
CA ILE G 1136 -42.25 14.80 4.21
C ILE G 1136 -43.01 16.09 4.49
N GLN G 1137 -42.86 17.10 3.62
CA GLN G 1137 -43.65 18.32 3.76
C GLN G 1137 -45.12 18.07 3.52
N TYR G 1138 -45.45 17.29 2.48
CA TYR G 1138 -46.85 16.96 2.20
C TYR G 1138 -47.45 16.13 3.32
N ILE G 1139 -46.66 15.22 3.90
CA ILE G 1139 -47.14 14.40 5.00
C ILE G 1139 -47.39 15.26 6.24
N ARG G 1140 -46.45 16.15 6.57
CA ARG G 1140 -46.63 16.98 7.76
C ARG G 1140 -47.68 18.08 7.56
N THR G 1141 -48.07 18.36 6.33
CA THR G 1141 -49.21 19.27 6.12
C THR G 1141 -50.54 18.54 6.11
N CYS G 1142 -50.59 17.34 5.52
CA CYS G 1142 -51.84 16.60 5.41
C CYS G 1142 -52.16 15.76 6.64
N VAL G 1143 -51.30 15.77 7.65
CA VAL G 1143 -51.56 15.01 8.87
C VAL G 1143 -52.74 15.62 9.64
N GLN G 1144 -52.95 16.93 9.52
CA GLN G 1144 -54.12 17.55 10.14
C GLN G 1144 -55.40 17.10 9.44
N CYS G 1145 -55.34 16.89 8.12
CA CYS G 1145 -56.49 16.37 7.40
C CYS G 1145 -56.82 14.94 7.80
N GLN G 1146 -55.79 14.10 7.95
CA GLN G 1146 -55.96 12.71 8.38
C GLN G 1146 -55.00 12.43 9.53
N LEU G 1147 -55.44 12.79 10.75
CA LEU G 1147 -54.65 12.54 11.94
C LEU G 1147 -54.60 11.04 12.24
N ILE G 1148 -53.47 10.63 12.80
CA ILE G 1148 -53.26 9.25 13.25
C ILE G 1148 -53.02 9.27 14.75
N LYS G 1149 -53.64 8.33 15.45
CA LYS G 1149 -53.67 8.37 16.91
C LYS G 1149 -53.16 7.07 17.53
N SER G 1150 -52.02 6.58 17.06
CA SER G 1150 -51.41 5.42 17.67
C SER G 1150 -50.87 5.76 19.05
N HIS G 1151 -50.90 4.77 19.94
CA HIS G 1151 -50.50 4.98 21.33
C HIS G 1151 -48.99 5.04 21.45
N ARG G 1152 -48.48 6.13 22.04
CA ARG G 1152 -47.05 6.27 22.26
C ARG G 1152 -46.54 5.46 23.47
N PRO G 1153 -47.09 5.61 24.71
CA PRO G 1153 -46.48 4.88 25.82
C PRO G 1153 -47.06 3.49 26.00
N ARG G 1154 -46.61 2.77 27.03
CA ARG G 1154 -47.13 1.43 27.31
C ARG G 1154 -48.31 1.51 28.28
N ALA G 1165 -44.64 -9.34 19.37
CA ALA G 1165 -44.07 -9.03 20.67
C ALA G 1165 -42.92 -9.98 20.99
N GLU G 1166 -42.40 -10.64 19.96
CA GLU G 1166 -41.30 -11.58 20.12
C GLU G 1166 -40.56 -11.71 18.80
N GLY G 1167 -39.30 -12.12 18.89
CA GLY G 1167 -38.53 -12.41 17.71
C GLY G 1167 -37.49 -11.33 17.42
N ARG G 1168 -36.50 -11.71 16.60
CA ARG G 1168 -35.43 -10.83 16.11
C ARG G 1168 -34.64 -10.22 17.26
N TRP G 1169 -33.91 -11.10 17.97
CA TRP G 1169 -32.99 -10.74 19.04
C TRP G 1169 -33.71 -10.13 20.25
N LEU G 1170 -34.86 -10.71 20.59
CA LEU G 1170 -35.56 -10.37 21.83
C LEU G 1170 -35.43 -11.45 22.89
N ASP G 1171 -35.56 -12.71 22.50
CA ASP G 1171 -35.32 -13.85 23.37
C ASP G 1171 -34.16 -14.64 22.78
N ILE G 1172 -33.09 -14.80 23.54
CA ILE G 1172 -31.88 -15.43 23.03
C ILE G 1172 -31.36 -16.41 24.08
N SER G 1173 -30.63 -17.43 23.62
CA SER G 1173 -30.10 -18.47 24.48
C SER G 1173 -28.72 -18.89 23.98
N MET G 1174 -27.75 -18.96 24.90
CA MET G 1174 -26.41 -19.39 24.57
C MET G 1174 -26.06 -20.67 25.33
N ASP G 1175 -25.26 -21.53 24.69
CA ASP G 1175 -24.93 -22.84 25.22
C ASP G 1175 -23.44 -23.09 25.14
N PHE G 1176 -22.95 -23.93 26.06
CA PHE G 1176 -21.54 -24.26 26.19
C PHE G 1176 -21.25 -25.61 25.54
N VAL G 1177 -19.97 -25.96 25.50
CA VAL G 1177 -19.53 -27.28 25.05
C VAL G 1177 -18.67 -27.89 26.16
N THR G 1178 -18.57 -29.22 26.18
CA THR G 1178 -17.99 -29.92 27.31
C THR G 1178 -16.50 -30.21 27.12
N GLY G 1179 -16.15 -31.00 26.10
CA GLY G 1179 -14.79 -31.45 25.88
C GLY G 1179 -14.25 -30.91 24.57
N LEU G 1180 -13.02 -30.38 24.62
CA LEU G 1180 -12.47 -29.70 23.46
C LEU G 1180 -10.96 -29.57 23.62
N PRO G 1181 -10.17 -29.75 22.56
CA PRO G 1181 -8.70 -29.81 22.71
C PRO G 1181 -8.11 -28.44 23.02
N PRO G 1182 -6.88 -28.39 23.57
CA PRO G 1182 -6.26 -27.08 23.84
C PRO G 1182 -5.98 -26.26 22.59
N THR G 1183 -5.60 -26.91 21.49
CA THR G 1183 -5.46 -26.30 20.16
C THR G 1183 -4.48 -25.14 20.12
N SER G 1184 -3.24 -25.40 20.57
CA SER G 1184 -2.05 -24.59 20.31
C SER G 1184 -2.06 -23.22 20.97
N ASN G 1185 -3.17 -22.83 21.60
CA ASN G 1185 -3.22 -21.58 22.35
C ASN G 1185 -4.06 -21.73 23.61
N ASN G 1186 -4.21 -22.96 24.11
CA ASN G 1186 -5.07 -23.32 25.25
C ASN G 1186 -6.53 -22.94 25.02
N LEU G 1187 -6.96 -22.84 23.77
CA LEU G 1187 -8.34 -22.53 23.44
C LEU G 1187 -9.13 -23.83 23.39
N ASN G 1188 -10.01 -24.04 24.38
CA ASN G 1188 -10.75 -25.29 24.50
C ASN G 1188 -12.22 -25.02 24.82
N MET G 1189 -12.77 -23.93 24.31
CA MET G 1189 -14.13 -23.52 24.62
C MET G 1189 -14.85 -23.11 23.34
N ILE G 1190 -16.14 -23.39 23.28
CA ILE G 1190 -17.00 -22.93 22.19
C ILE G 1190 -18.35 -22.57 22.80
N LEU G 1191 -18.81 -21.33 22.54
CA LEU G 1191 -20.12 -20.87 22.98
C LEU G 1191 -21.00 -20.67 21.76
N VAL G 1192 -22.00 -21.53 21.61
CA VAL G 1192 -23.02 -21.36 20.59
C VAL G 1192 -24.16 -20.56 21.19
N VAL G 1193 -24.61 -19.54 20.46
CA VAL G 1193 -25.68 -18.65 20.90
C VAL G 1193 -26.83 -18.79 19.91
N VAL G 1194 -27.88 -19.51 20.31
CA VAL G 1194 -28.97 -19.85 19.41
C VAL G 1194 -30.10 -18.84 19.61
N ASP G 1195 -30.45 -18.15 18.54
CA ASP G 1195 -31.62 -17.27 18.56
C ASP G 1195 -32.88 -18.10 18.69
N ARG G 1196 -33.77 -17.69 19.61
CA ARG G 1196 -34.98 -18.46 19.86
C ARG G 1196 -35.95 -18.41 18.69
N PHE G 1197 -35.94 -17.31 17.93
CA PHE G 1197 -36.87 -17.14 16.82
C PHE G 1197 -36.22 -17.36 15.47
N SER G 1198 -35.13 -16.64 15.18
CA SER G 1198 -34.50 -16.70 13.88
C SER G 1198 -33.68 -17.97 13.68
N LYS G 1199 -33.46 -18.76 14.73
CA LYS G 1199 -32.68 -20.00 14.70
C LYS G 1199 -31.26 -19.78 14.20
N ARG G 1200 -30.71 -18.59 14.41
CA ARG G 1200 -29.36 -18.27 13.96
C ARG G 1200 -28.38 -18.45 15.11
N ALA G 1201 -27.28 -19.13 14.82
CA ALA G 1201 -26.29 -19.47 15.83
C ALA G 1201 -25.02 -18.67 15.62
N HIS G 1202 -24.24 -18.55 16.70
CA HIS G 1202 -22.99 -17.80 16.66
C HIS G 1202 -21.99 -18.49 17.58
N PHE G 1203 -20.87 -18.91 17.02
CA PHE G 1203 -19.87 -19.69 17.74
C PHE G 1203 -18.78 -18.73 18.22
N ILE G 1204 -18.68 -18.56 19.54
CA ILE G 1204 -17.85 -17.50 20.12
C ILE G 1204 -17.25 -17.99 21.43
N ALA G 1205 -16.45 -17.14 22.09
CA ALA G 1205 -15.87 -17.36 23.43
C ALA G 1205 -14.90 -18.54 23.42
N THR G 1206 -13.97 -18.52 22.46
CA THR G 1206 -13.03 -19.62 22.26
C THR G 1206 -11.69 -19.32 22.93
N ARG G 1207 -11.73 -19.10 24.25
CA ARG G 1207 -10.49 -18.89 25.00
C ARG G 1207 -10.25 -19.99 26.03
N LYS G 1208 -11.15 -20.18 27.00
CA LYS G 1208 -10.88 -21.11 28.09
C LYS G 1208 -12.20 -21.59 28.68
N THR G 1209 -12.13 -22.71 29.39
CA THR G 1209 -13.34 -23.33 29.91
C THR G 1209 -13.88 -22.60 31.14
N LEU G 1210 -13.01 -22.06 31.99
CA LEU G 1210 -13.47 -21.39 33.20
C LEU G 1210 -13.00 -19.94 33.29
N ASP G 1211 -11.87 -19.62 32.66
CA ASP G 1211 -11.32 -18.28 32.79
C ASP G 1211 -12.17 -17.25 32.03
N ALA G 1212 -12.89 -17.66 31.00
CA ALA G 1212 -13.76 -16.79 30.24
C ALA G 1212 -15.23 -17.12 30.49
N THR G 1213 -15.55 -17.43 31.74
CA THR G 1213 -16.89 -17.86 32.12
C THR G 1213 -17.53 -17.01 33.20
N GLN G 1214 -16.73 -16.32 34.03
CA GLN G 1214 -17.30 -15.47 35.08
C GLN G 1214 -17.57 -14.06 34.58
N LEU G 1215 -16.53 -13.37 34.12
CA LEU G 1215 -16.62 -11.99 33.67
C LEU G 1215 -16.66 -11.87 32.14
N ILE G 1216 -15.77 -12.61 31.45
CA ILE G 1216 -15.57 -12.40 30.03
C ILE G 1216 -16.75 -12.92 29.20
N ASP G 1217 -17.59 -13.79 29.77
CA ASP G 1217 -18.82 -14.17 29.08
C ASP G 1217 -19.75 -12.97 28.92
N LEU G 1218 -19.79 -12.08 29.92
CA LEU G 1218 -20.45 -10.80 29.74
C LEU G 1218 -19.76 -9.98 28.67
N LEU G 1219 -18.42 -10.01 28.65
CA LEU G 1219 -17.69 -9.31 27.61
C LEU G 1219 -17.95 -9.90 26.23
N PHE G 1220 -18.16 -11.22 26.16
CA PHE G 1220 -18.41 -11.83 24.84
C PHE G 1220 -19.85 -11.59 24.38
N ARG G 1221 -20.82 -11.67 25.29
CA ARG G 1221 -22.18 -11.26 24.95
C ARG G 1221 -22.21 -9.81 24.53
N TYR G 1222 -21.35 -9.00 25.14
CA TYR G 1222 -21.22 -7.60 24.77
C TYR G 1222 -20.47 -7.44 23.44
N ILE G 1223 -19.62 -8.41 23.09
CA ILE G 1223 -18.82 -8.28 21.88
C ILE G 1223 -19.62 -8.68 20.65
N PHE G 1224 -20.63 -9.57 20.79
CA PHE G 1224 -21.56 -9.70 19.67
C PHE G 1224 -22.86 -8.95 19.91
N SER G 1225 -23.00 -8.22 21.02
CA SER G 1225 -24.20 -7.45 21.29
C SER G 1225 -24.22 -6.13 20.53
N TYR G 1226 -23.20 -5.84 19.71
CA TYR G 1226 -23.27 -4.71 18.79
C TYR G 1226 -24.35 -4.91 17.73
N HIS G 1227 -24.77 -6.15 17.49
CA HIS G 1227 -26.00 -6.39 16.75
C HIS G 1227 -27.20 -5.79 17.49
N GLY G 1228 -27.23 -5.98 18.81
CA GLY G 1228 -28.32 -5.44 19.61
C GLY G 1228 -28.28 -5.97 21.03
N PHE G 1229 -29.04 -5.33 21.92
CA PHE G 1229 -29.13 -5.79 23.29
C PHE G 1229 -30.47 -6.50 23.46
N PRO G 1230 -30.48 -7.83 23.60
CA PRO G 1230 -31.75 -8.54 23.79
C PRO G 1230 -32.39 -8.19 25.12
N ARG G 1231 -33.72 -8.20 25.13
CA ARG G 1231 -34.48 -7.90 26.34
C ARG G 1231 -34.61 -9.08 27.28
N THR G 1232 -34.32 -10.30 26.82
CA THR G 1232 -34.40 -11.48 27.66
C THR G 1232 -33.39 -12.50 27.17
N ILE G 1233 -32.60 -13.05 28.09
CA ILE G 1233 -31.63 -14.09 27.79
C ILE G 1233 -31.98 -15.33 28.61
N THR G 1234 -32.09 -16.47 27.94
CA THR G 1234 -32.51 -17.73 28.54
C THR G 1234 -31.51 -18.83 28.23
N SER G 1235 -30.23 -18.55 28.54
CA SER G 1235 -29.09 -19.38 28.15
C SER G 1235 -29.24 -20.83 28.59
N ASP G 1236 -29.74 -21.07 29.81
CA ASP G 1236 -30.13 -22.39 30.32
C ASP G 1236 -28.96 -23.38 30.28
N ARG G 1237 -27.93 -23.07 31.07
CA ARG G 1237 -26.80 -23.97 31.23
C ARG G 1237 -26.64 -24.44 32.66
N ASP G 1238 -26.54 -23.51 33.61
CA ASP G 1238 -26.42 -23.81 35.03
C ASP G 1238 -26.70 -22.54 35.81
N VAL G 1239 -27.00 -22.71 37.10
CA VAL G 1239 -27.10 -21.56 38.00
C VAL G 1239 -25.71 -20.97 38.20
N ARG G 1240 -25.61 -19.66 38.07
CA ARG G 1240 -24.32 -18.98 38.05
C ARG G 1240 -24.33 -17.77 38.98
N MET G 1241 -23.13 -17.39 39.43
CA MET G 1241 -22.94 -16.07 40.00
C MET G 1241 -23.06 -14.98 38.94
N THR G 1242 -22.96 -15.34 37.67
CA THR G 1242 -23.21 -14.45 36.56
C THR G 1242 -24.71 -14.12 36.53
N ALA G 1243 -25.07 -13.07 35.77
CA ALA G 1243 -26.32 -12.32 35.67
C ALA G 1243 -26.49 -11.34 36.82
N ASP G 1244 -25.56 -11.30 37.78
CA ASP G 1244 -25.50 -10.18 38.71
C ASP G 1244 -24.59 -9.09 38.18
N LYS G 1245 -23.43 -9.45 37.63
CA LYS G 1245 -22.58 -8.48 36.95
C LYS G 1245 -23.18 -8.07 35.60
N TYR G 1246 -23.96 -8.96 34.98
CA TYR G 1246 -24.70 -8.59 33.78
C TYR G 1246 -25.73 -7.52 34.10
N GLN G 1247 -26.39 -7.63 35.26
CA GLN G 1247 -27.31 -6.59 35.72
C GLN G 1247 -26.58 -5.27 35.95
N GLU G 1248 -25.32 -5.32 36.37
CA GLU G 1248 -24.54 -4.11 36.59
C GLU G 1248 -24.29 -3.36 35.28
N LEU G 1249 -24.00 -4.09 34.19
CA LEU G 1249 -23.77 -3.41 32.91
C LEU G 1249 -25.07 -2.85 32.34
N THR G 1250 -26.17 -3.59 32.44
CA THR G 1250 -27.44 -3.08 31.93
C THR G 1250 -28.05 -2.02 32.84
N LYS G 1251 -27.51 -1.82 34.05
CA LYS G 1251 -27.87 -0.64 34.84
C LYS G 1251 -26.91 0.52 34.60
N ARG G 1252 -25.65 0.24 34.25
CA ARG G 1252 -24.75 1.28 33.77
C ARG G 1252 -25.26 1.87 32.47
N LEU G 1253 -25.91 1.07 31.64
CA LEU G 1253 -26.65 1.54 30.49
C LEU G 1253 -28.15 1.55 30.86
N GLY G 1254 -29.01 1.80 29.88
CA GLY G 1254 -30.43 1.91 30.14
C GLY G 1254 -31.29 0.75 29.69
N ILE G 1255 -30.71 -0.39 29.35
CA ILE G 1255 -31.46 -1.51 28.83
C ILE G 1255 -32.13 -2.25 29.99
N LYS G 1256 -33.38 -2.68 29.78
CA LYS G 1256 -34.17 -3.39 30.77
C LYS G 1256 -34.07 -4.91 30.58
N SER G 1257 -32.88 -5.38 30.22
CA SER G 1257 -32.66 -6.80 29.94
C SER G 1257 -32.68 -7.64 31.20
N THR G 1258 -32.86 -8.94 31.01
CA THR G 1258 -32.88 -9.91 32.10
C THR G 1258 -32.22 -11.20 31.64
N MET G 1259 -31.42 -11.80 32.50
CA MET G 1259 -30.74 -13.07 32.24
C MET G 1259 -31.06 -14.07 33.35
N SER G 1260 -32.35 -14.22 33.65
CA SER G 1260 -32.80 -15.08 34.74
C SER G 1260 -32.44 -16.55 34.50
N SER G 1261 -33.04 -17.16 33.47
CA SER G 1261 -32.86 -18.57 33.14
C SER G 1261 -33.10 -19.47 34.35
N ALA G 1262 -34.36 -19.46 34.81
CA ALA G 1262 -34.73 -20.02 36.11
C ALA G 1262 -34.45 -21.51 36.23
N ASN G 1263 -35.18 -22.34 35.49
CA ASN G 1263 -34.87 -23.77 35.46
C ASN G 1263 -34.47 -24.24 34.07
N HIS G 1264 -35.35 -24.13 33.07
CA HIS G 1264 -35.13 -24.50 31.68
C HIS G 1264 -36.33 -24.11 30.83
N PRO G 1265 -36.10 -23.62 29.60
CA PRO G 1265 -37.16 -23.73 28.58
C PRO G 1265 -37.01 -25.04 27.81
N GLN G 1266 -38.00 -25.93 27.94
CA GLN G 1266 -37.95 -27.21 27.22
C GLN G 1266 -39.39 -27.65 26.96
N THR G 1267 -39.92 -27.27 25.80
CA THR G 1267 -41.24 -27.78 25.44
C THR G 1267 -41.14 -28.98 24.51
N ASP G 1268 -40.67 -28.77 23.27
CA ASP G 1268 -40.47 -29.88 22.35
C ASP G 1268 -39.14 -29.81 21.59
N GLY G 1269 -38.74 -28.61 21.20
CA GLY G 1269 -37.75 -28.50 20.13
C GLY G 1269 -36.42 -27.87 20.44
N GLN G 1270 -36.38 -26.95 21.41
CA GLN G 1270 -35.12 -26.27 21.74
C GLN G 1270 -34.09 -27.22 22.33
N SER G 1271 -34.54 -28.21 23.11
CA SER G 1271 -33.64 -29.27 23.54
C SER G 1271 -33.17 -30.10 22.35
N GLU G 1272 -34.06 -30.36 21.40
CA GLU G 1272 -33.67 -31.04 20.17
C GLU G 1272 -32.68 -30.20 19.37
N ARG G 1273 -32.89 -28.88 19.32
CA ARG G 1273 -31.96 -28.00 18.63
C ARG G 1273 -30.59 -28.01 19.29
N THR G 1274 -30.56 -28.03 20.62
CA THR G 1274 -29.29 -28.15 21.34
C THR G 1274 -28.62 -29.49 21.04
N ILE G 1275 -29.39 -30.57 21.02
CA ILE G 1275 -28.83 -31.91 20.79
C ILE G 1275 -28.25 -32.01 19.38
N GLN G 1276 -28.98 -31.53 18.37
CA GLN G 1276 -28.48 -31.60 17.01
C GLN G 1276 -27.36 -30.60 16.77
N THR G 1277 -27.31 -29.52 17.55
CA THR G 1277 -26.23 -28.55 17.39
C THR G 1277 -24.92 -29.09 17.93
N LEU G 1278 -24.94 -29.72 19.11
CA LEU G 1278 -23.71 -30.17 19.74
C LEU G 1278 -23.04 -31.31 18.97
N ASN G 1279 -23.83 -32.13 18.27
CA ASN G 1279 -23.27 -33.23 17.49
C ASN G 1279 -22.38 -32.69 16.37
N ARG G 1280 -22.82 -31.62 15.71
CA ARG G 1280 -21.98 -30.98 14.70
C ARG G 1280 -20.72 -30.37 15.32
N LEU G 1281 -20.87 -29.76 16.50
CA LEU G 1281 -19.70 -29.20 17.17
C LEU G 1281 -18.78 -30.30 17.69
N LEU G 1282 -19.34 -31.45 18.07
CA LEU G 1282 -18.49 -32.60 18.39
C LEU G 1282 -17.83 -33.17 17.13
N ARG G 1283 -18.43 -32.98 15.96
CA ARG G 1283 -17.76 -33.39 14.74
C ARG G 1283 -16.62 -32.44 14.41
N ALA G 1284 -16.78 -31.15 14.73
CA ALA G 1284 -15.66 -30.22 14.66
C ALA G 1284 -14.58 -30.60 15.67
N TYR G 1285 -14.99 -31.02 16.87
CA TYR G 1285 -14.09 -31.65 17.84
C TYR G 1285 -13.36 -32.85 17.25
N ALA G 1286 -13.99 -33.58 16.35
CA ALA G 1286 -13.38 -34.76 15.73
C ALA G 1286 -12.58 -34.43 14.47
N SER G 1287 -12.04 -33.22 14.35
CA SER G 1287 -11.29 -32.85 13.15
C SER G 1287 -10.38 -31.67 13.45
N THR G 1288 -9.45 -31.44 12.52
CA THR G 1288 -8.69 -30.19 12.37
C THR G 1288 -7.86 -29.88 13.63
N ASN G 1289 -6.81 -30.70 13.81
CA ASN G 1289 -5.90 -30.51 14.94
C ASN G 1289 -4.81 -29.47 14.68
N ILE G 1290 -4.59 -29.05 13.44
CA ILE G 1290 -3.77 -27.86 13.18
C ILE G 1290 -4.59 -26.92 12.31
N GLN G 1291 -4.23 -25.64 12.36
CA GLN G 1291 -5.07 -24.55 11.87
C GLN G 1291 -6.50 -24.72 12.37
N ASN G 1292 -6.58 -24.79 13.71
CA ASN G 1292 -7.68 -25.41 14.45
C ASN G 1292 -9.03 -24.73 14.24
N TRP G 1293 -10.06 -25.28 14.89
CA TRP G 1293 -11.43 -24.77 14.75
C TRP G 1293 -11.56 -23.32 15.22
N HIS G 1294 -10.60 -22.81 15.99
CA HIS G 1294 -10.59 -21.39 16.30
C HIS G 1294 -10.30 -20.54 15.06
N VAL G 1295 -9.79 -21.16 14.00
CA VAL G 1295 -9.71 -20.56 12.68
C VAL G 1295 -10.75 -21.26 11.80
N TYR G 1296 -11.34 -20.53 10.86
CA TYR G 1296 -12.35 -20.97 9.89
C TYR G 1296 -13.68 -21.33 10.54
N LEU G 1297 -13.83 -21.12 11.85
CA LEU G 1297 -15.15 -21.15 12.48
C LEU G 1297 -16.16 -20.16 11.89
N PRO G 1298 -15.81 -18.92 11.48
CA PRO G 1298 -16.80 -18.08 10.79
C PRO G 1298 -17.37 -18.70 9.53
N GLN G 1299 -16.55 -19.45 8.79
CA GLN G 1299 -17.08 -20.15 7.62
C GLN G 1299 -18.08 -21.21 8.04
N ILE G 1300 -17.83 -21.88 9.17
CA ILE G 1300 -18.78 -22.87 9.69
C ILE G 1300 -20.10 -22.20 10.06
N GLU G 1301 -20.02 -21.04 10.72
CA GLU G 1301 -21.23 -20.30 11.09
C GLU G 1301 -22.00 -19.84 9.84
N PHE G 1302 -21.27 -19.34 8.84
CA PHE G 1302 -21.89 -18.90 7.60
C PHE G 1302 -22.58 -20.04 6.88
N VAL G 1303 -21.94 -21.21 6.84
CA VAL G 1303 -22.52 -22.36 6.16
C VAL G 1303 -23.74 -22.88 6.92
N TYR G 1304 -23.67 -22.88 8.26
CA TYR G 1304 -24.81 -23.33 9.05
C TYR G 1304 -26.02 -22.41 8.87
N ASN G 1305 -25.80 -21.10 8.96
CA ASN G 1305 -26.90 -20.17 8.81
C ASN G 1305 -27.26 -19.93 7.34
N SER G 1306 -26.49 -20.51 6.41
CA SER G 1306 -26.79 -20.40 4.98
C SER G 1306 -27.63 -21.56 4.45
N THR G 1307 -27.61 -22.70 5.12
CA THR G 1307 -28.39 -23.84 4.68
C THR G 1307 -29.86 -23.62 5.02
N PRO G 1308 -30.78 -23.90 4.08
CA PRO G 1308 -32.21 -23.84 4.41
C PRO G 1308 -32.57 -24.80 5.53
N THR G 1309 -33.46 -24.35 6.41
CA THR G 1309 -33.84 -25.14 7.57
C THR G 1309 -34.67 -26.36 7.16
N ARG G 1310 -35.49 -26.22 6.11
CA ARG G 1310 -36.43 -27.21 5.57
C ARG G 1310 -37.60 -27.44 6.55
N THR G 1311 -37.56 -26.79 7.71
CA THR G 1311 -38.62 -26.83 8.69
C THR G 1311 -39.10 -25.41 8.94
N LEU G 1312 -40.37 -25.15 8.64
CA LEU G 1312 -41.10 -23.91 8.87
C LEU G 1312 -40.59 -22.72 8.04
N GLY G 1313 -39.59 -22.91 7.17
CA GLY G 1313 -39.11 -21.80 6.37
C GLY G 1313 -37.81 -22.01 5.64
N LYS G 1314 -37.01 -20.96 5.57
CA LYS G 1314 -35.79 -20.91 4.76
C LYS G 1314 -34.58 -20.67 5.68
N SER G 1315 -33.43 -20.41 5.05
CA SER G 1315 -32.17 -20.33 5.77
C SER G 1315 -32.12 -19.12 6.70
N PRO G 1316 -31.33 -19.20 7.78
CA PRO G 1316 -31.24 -18.06 8.73
C PRO G 1316 -30.75 -16.73 8.15
N PHE G 1317 -29.85 -16.70 7.16
CA PHE G 1317 -29.51 -15.40 6.58
C PHE G 1317 -30.64 -14.78 5.76
N GLU G 1318 -31.71 -15.51 5.48
CA GLU G 1318 -32.86 -14.90 4.84
C GLU G 1318 -34.16 -15.07 5.63
N ILE G 1319 -34.09 -15.63 6.83
CA ILE G 1319 -35.29 -15.66 7.68
C ILE G 1319 -35.45 -14.37 8.44
N ASP G 1320 -34.39 -13.57 8.57
CA ASP G 1320 -34.47 -12.27 9.21
C ASP G 1320 -33.84 -11.15 8.40
N LEU G 1321 -32.99 -11.45 7.44
CA LEU G 1321 -32.24 -10.45 6.68
C LEU G 1321 -32.70 -10.34 5.25
N GLY G 1322 -32.93 -11.46 4.56
CA GLY G 1322 -33.64 -11.45 3.30
C GLY G 1322 -32.82 -11.19 2.06
N TYR G 1323 -31.50 -11.24 2.13
CA TYR G 1323 -30.66 -10.98 0.95
C TYR G 1323 -29.38 -11.81 1.08
N LEU G 1324 -28.33 -11.36 0.37
CA LEU G 1324 -26.97 -11.86 0.45
C LEU G 1324 -26.88 -13.33 0.04
N PRO G 1325 -26.84 -13.60 -1.27
CA PRO G 1325 -26.46 -14.94 -1.73
C PRO G 1325 -25.07 -15.29 -1.23
N ASN G 1326 -24.86 -16.59 -1.01
CA ASN G 1326 -23.75 -17.10 -0.23
C ASN G 1326 -22.41 -17.08 -0.97
N THR G 1327 -22.42 -16.82 -2.29
CA THR G 1327 -21.30 -17.00 -3.19
C THR G 1327 -20.73 -18.42 -3.04
N PRO G 1328 -21.46 -19.44 -3.50
CA PRO G 1328 -20.99 -20.82 -3.29
C PRO G 1328 -19.69 -21.16 -4.01
N ALA G 1329 -19.43 -20.52 -5.15
CA ALA G 1329 -18.20 -20.78 -5.88
C ALA G 1329 -17.00 -20.18 -5.16
N ILE G 1330 -16.00 -21.01 -4.90
CA ILE G 1330 -14.77 -20.57 -4.24
C ILE G 1330 -13.55 -20.76 -5.15
N LYS G 1331 -13.76 -21.20 -6.39
CA LYS G 1331 -12.72 -21.37 -7.41
C LYS G 1331 -11.62 -22.33 -6.94
N SER G 1332 -12.01 -23.59 -6.77
CA SER G 1332 -11.09 -24.62 -6.32
C SER G 1332 -10.39 -25.28 -7.52
N ASP G 1333 -9.76 -24.44 -8.33
CA ASP G 1333 -9.10 -24.87 -9.55
C ASP G 1333 -7.95 -23.92 -9.84
N ASP G 1334 -7.31 -24.13 -11.00
CA ASP G 1334 -6.30 -23.22 -11.57
C ASP G 1334 -5.12 -23.00 -10.63
N GLU G 1335 -4.58 -24.09 -10.08
CA GLU G 1335 -3.40 -23.99 -9.22
C GLU G 1335 -2.17 -23.60 -10.02
N VAL G 1336 -2.15 -23.89 -11.32
CA VAL G 1336 -1.02 -23.49 -12.15
C VAL G 1336 -1.01 -21.98 -12.38
N ASN G 1337 -2.16 -21.31 -12.24
CA ASN G 1337 -2.24 -19.86 -12.32
C ASN G 1337 -2.58 -19.36 -10.92
N ALA G 1338 -1.55 -19.18 -10.10
CA ALA G 1338 -1.74 -18.80 -8.71
C ALA G 1338 -0.49 -18.08 -8.22
N ARG G 1339 -0.66 -16.85 -7.74
CA ARG G 1339 0.46 -16.12 -7.18
C ARG G 1339 0.82 -16.59 -5.78
N SER G 1340 -0.12 -17.16 -5.03
CA SER G 1340 0.13 -17.69 -3.69
C SER G 1340 -0.50 -19.07 -3.59
N PHE G 1341 0.35 -20.10 -3.50
CA PHE G 1341 -0.13 -21.47 -3.45
C PHE G 1341 -0.61 -21.87 -2.06
N THR G 1342 -0.12 -21.20 -1.01
CA THR G 1342 -0.71 -21.40 0.30
C THR G 1342 -2.13 -20.88 0.34
N ALA G 1343 -2.39 -19.78 -0.38
CA ALA G 1343 -3.74 -19.23 -0.45
C ALA G 1343 -4.70 -20.20 -1.12
N VAL G 1344 -4.28 -20.81 -2.24
CA VAL G 1344 -5.17 -21.74 -2.92
C VAL G 1344 -5.31 -23.04 -2.12
N GLU G 1345 -4.28 -23.42 -1.35
CA GLU G 1345 -4.39 -24.58 -0.49
C GLU G 1345 -5.42 -24.35 0.61
N LEU G 1346 -5.33 -23.19 1.28
CA LEU G 1346 -6.30 -22.91 2.33
C LEU G 1346 -7.68 -22.64 1.76
N ALA G 1347 -7.78 -22.13 0.52
CA ALA G 1347 -9.09 -21.95 -0.11
C ALA G 1347 -9.72 -23.29 -0.45
N LYS G 1348 -8.90 -24.25 -0.92
CA LYS G 1348 -9.37 -25.61 -1.13
C LYS G 1348 -9.84 -26.22 0.18
N HIS G 1349 -9.15 -25.88 1.29
CA HIS G 1349 -9.65 -26.24 2.61
C HIS G 1349 -10.97 -25.54 2.92
N LEU G 1350 -11.10 -24.27 2.49
CA LEU G 1350 -12.34 -23.52 2.73
C LEU G 1350 -13.51 -24.14 1.99
N LYS G 1351 -13.25 -24.84 0.89
CA LYS G 1351 -14.38 -25.50 0.22
C LYS G 1351 -14.83 -26.80 0.94
N ALA G 1352 -14.44 -27.06 2.19
CA ALA G 1352 -14.95 -28.18 2.98
C ALA G 1352 -16.39 -27.99 3.45
N LEU G 1353 -17.11 -26.98 2.96
CA LEU G 1353 -18.52 -26.79 3.31
C LEU G 1353 -19.37 -27.97 2.88
N THR G 1354 -18.92 -28.72 1.86
CA THR G 1354 -19.61 -29.93 1.45
C THR G 1354 -19.69 -30.94 2.58
N ILE G 1355 -18.66 -31.00 3.44
CA ILE G 1355 -18.68 -31.90 4.59
C ILE G 1355 -19.80 -31.53 5.55
N GLN G 1356 -19.91 -30.23 5.87
CA GLN G 1356 -20.97 -29.77 6.78
C GLN G 1356 -22.36 -30.00 6.19
N THR G 1357 -22.53 -29.69 4.90
CA THR G 1357 -23.83 -29.89 4.25
C THR G 1357 -24.21 -31.36 4.22
N LYS G 1358 -23.23 -32.24 3.94
CA LYS G 1358 -23.50 -33.68 3.97
C LYS G 1358 -23.88 -34.14 5.38
N GLU G 1359 -23.21 -33.60 6.39
CA GLU G 1359 -23.51 -33.95 7.78
C GLU G 1359 -24.95 -33.59 8.14
N GLN G 1360 -25.33 -32.34 7.89
CA GLN G 1360 -26.66 -31.84 8.24
C GLN G 1360 -27.73 -32.33 7.29
N LEU G 1361 -27.37 -32.90 6.13
CA LEU G 1361 -28.36 -33.53 5.28
C LEU G 1361 -28.61 -34.97 5.71
N GLU G 1362 -27.55 -35.73 6.01
CA GLU G 1362 -27.73 -37.11 6.44
C GLU G 1362 -28.28 -37.19 7.85
N HIS G 1363 -28.14 -36.14 8.66
CA HIS G 1363 -28.73 -36.11 9.99
C HIS G 1363 -30.00 -35.29 10.03
N ALA G 1364 -30.55 -34.92 8.88
CA ALA G 1364 -31.81 -34.18 8.82
C ALA G 1364 -32.99 -35.10 9.13
N GLU G 1367 -32.25 -39.26 8.99
CA GLU G 1367 -30.96 -39.99 9.09
C GLU G 1367 -31.22 -41.49 9.23
N MET G 1368 -31.83 -42.10 8.20
CA MET G 1368 -32.13 -43.54 8.20
C MET G 1368 -32.32 -44.04 6.76
N GLU G 1369 -32.87 -45.25 6.60
CA GLU G 1369 -33.10 -45.83 5.29
C GLU G 1369 -34.16 -46.91 5.41
N THR G 1370 -34.33 -47.71 4.37
CA THR G 1370 -35.32 -48.78 4.34
C THR G 1370 -34.72 -50.03 4.96
N ASN G 1371 -35.42 -50.60 5.94
CA ASN G 1371 -34.92 -51.79 6.63
C ASN G 1371 -34.95 -53.01 5.71
N ASN G 1372 -33.97 -53.90 5.92
CA ASN G 1372 -33.81 -55.19 5.24
C ASN G 1372 -33.53 -55.08 3.74
N ASN G 1373 -33.41 -53.85 3.23
CA ASN G 1373 -32.98 -53.66 1.85
C ASN G 1373 -31.47 -53.64 1.72
N GLN G 1374 -30.75 -53.45 2.83
CA GLN G 1374 -29.31 -53.31 2.80
C GLN G 1374 -28.59 -54.60 2.40
N ARG G 1375 -29.25 -55.75 2.50
CA ARG G 1375 -28.64 -56.99 2.03
C ARG G 1375 -28.58 -57.04 0.51
N ARG G 1376 -29.62 -56.51 -0.15
CA ARG G 1376 -29.65 -56.43 -1.61
C ARG G 1376 -29.04 -55.14 -2.14
N LYS G 1377 -28.71 -54.19 -1.27
CA LYS G 1377 -28.19 -52.91 -1.72
C LYS G 1377 -26.80 -52.96 -2.37
N PRO G 1378 -25.89 -53.90 -2.04
CA PRO G 1378 -24.75 -54.14 -2.91
C PRO G 1378 -25.20 -54.51 -4.32
N LEU G 1379 -24.52 -53.97 -5.32
CA LEU G 1379 -24.92 -54.08 -6.71
C LEU G 1379 -23.73 -54.47 -7.57
N LEU G 1380 -23.95 -54.42 -8.88
CA LEU G 1380 -22.92 -54.81 -9.85
C LEU G 1380 -21.85 -53.73 -9.94
N LEU G 1381 -20.60 -54.13 -9.74
CA LEU G 1381 -19.47 -53.21 -9.70
C LEU G 1381 -18.65 -53.38 -10.97
N ASN G 1382 -18.48 -52.28 -11.73
CA ASN G 1382 -17.76 -52.33 -12.99
C ASN G 1382 -16.26 -52.34 -12.77
N ILE G 1383 -15.54 -52.91 -13.74
CA ILE G 1383 -14.08 -53.00 -13.66
C ILE G 1383 -13.47 -51.62 -13.92
N GLY G 1384 -12.59 -51.19 -13.02
CA GLY G 1384 -11.88 -49.94 -13.21
C GLY G 1384 -11.93 -49.02 -12.01
N ASP G 1385 -13.06 -48.98 -11.31
CA ASP G 1385 -13.22 -48.10 -10.16
C ASP G 1385 -12.45 -48.65 -8.96
N HIS G 1386 -11.92 -47.74 -8.15
CA HIS G 1386 -11.21 -48.14 -6.94
C HIS G 1386 -12.18 -48.73 -5.92
N VAL G 1387 -11.75 -49.82 -5.28
CA VAL G 1387 -12.59 -50.58 -4.37
C VAL G 1387 -11.93 -50.59 -2.99
N LEU G 1388 -12.72 -50.30 -1.97
CA LEU G 1388 -12.26 -50.27 -0.59
C LEU G 1388 -12.61 -51.60 0.08
N VAL G 1389 -11.65 -52.20 0.77
CA VAL G 1389 -11.81 -53.54 1.32
C VAL G 1389 -11.69 -53.49 2.83
N HIS G 1390 -12.26 -54.49 3.49
CA HIS G 1390 -12.39 -54.50 4.94
C HIS G 1390 -11.07 -54.89 5.62
N ARG G 1391 -11.15 -55.18 6.92
CA ARG G 1391 -9.96 -55.40 7.74
C ARG G 1391 -9.16 -56.61 7.27
N ASP G 1392 -9.84 -57.69 6.88
CA ASP G 1392 -9.15 -58.90 6.45
C ASP G 1392 -8.52 -58.73 5.08
N ALA G 1393 -7.49 -57.88 4.99
CA ALA G 1393 -6.73 -57.74 3.75
C ALA G 1393 -6.02 -59.04 3.40
N TYR G 1394 -5.12 -59.48 4.27
CA TYR G 1394 -4.53 -60.81 4.15
C TYR G 1394 -4.58 -61.51 5.50
N PHE G 1395 -4.63 -60.73 6.57
CA PHE G 1395 -4.78 -61.25 7.92
C PHE G 1395 -6.02 -60.65 8.57
N LYS G 1396 -6.77 -61.48 9.28
CA LYS G 1396 -7.92 -61.05 10.06
C LYS G 1396 -7.61 -61.25 11.54
N LYS G 1397 -7.55 -60.15 12.29
CA LYS G 1397 -7.14 -60.20 13.69
C LYS G 1397 -8.09 -59.35 14.53
N GLY G 1398 -7.84 -59.37 15.84
CA GLY G 1398 -8.65 -58.65 16.82
C GLY G 1398 -8.28 -57.20 16.96
N ALA G 1399 -8.78 -56.36 16.04
CA ALA G 1399 -8.47 -54.93 16.03
C ALA G 1399 -8.87 -54.26 17.35
N TYR G 1400 -8.14 -53.19 17.67
CA TYR G 1400 -8.21 -52.56 18.99
C TYR G 1400 -9.50 -51.78 19.19
N MET G 1401 -10.54 -52.47 19.68
CA MET G 1401 -11.87 -51.90 19.95
C MET G 1401 -12.39 -51.16 18.71
N LYS G 1402 -12.62 -51.96 17.66
CA LYS G 1402 -12.68 -51.49 16.29
C LYS G 1402 -13.79 -50.48 16.01
N VAL G 1403 -13.42 -49.21 15.81
CA VAL G 1403 -14.25 -48.25 15.11
C VAL G 1403 -13.40 -47.59 14.02
N GLN G 1404 -13.28 -48.30 12.90
CA GLN G 1404 -12.70 -47.77 11.67
C GLN G 1404 -13.59 -48.22 10.52
N GLN G 1405 -14.16 -49.42 10.71
CA GLN G 1405 -15.24 -50.05 9.97
C GLN G 1405 -14.86 -50.55 8.58
N ILE G 1406 -13.72 -50.13 8.02
CA ILE G 1406 -13.24 -50.83 6.82
C ILE G 1406 -11.72 -50.93 6.83
N TYR G 1407 -11.06 -50.08 7.62
CA TYR G 1407 -9.72 -50.17 8.20
C TYR G 1407 -8.52 -49.96 7.24
N VAL G 1408 -8.68 -49.93 5.91
CA VAL G 1408 -7.54 -49.80 5.00
C VAL G 1408 -7.93 -48.91 3.83
N GLY G 1409 -6.98 -48.75 2.90
CA GLY G 1409 -7.15 -47.90 1.73
C GLY G 1409 -7.61 -48.64 0.49
N PRO G 1410 -7.92 -47.90 -0.57
CA PRO G 1410 -8.54 -48.49 -1.76
C PRO G 1410 -7.56 -49.27 -2.62
N PHE G 1411 -8.11 -50.13 -3.47
CA PHE G 1411 -7.37 -50.85 -4.48
C PHE G 1411 -8.20 -50.91 -5.77
N ARG G 1412 -7.56 -51.29 -6.86
CA ARG G 1412 -8.19 -51.34 -8.18
C ARG G 1412 -8.62 -52.76 -8.51
N VAL G 1413 -9.82 -52.88 -9.08
CA VAL G 1413 -10.41 -54.17 -9.45
C VAL G 1413 -10.16 -54.39 -10.94
N VAL G 1414 -9.74 -55.60 -11.31
CA VAL G 1414 -9.39 -55.90 -12.69
C VAL G 1414 -10.27 -57.03 -13.23
N LYS G 1415 -10.69 -57.93 -12.34
CA LYS G 1415 -11.45 -59.10 -12.78
C LYS G 1415 -12.43 -59.48 -11.69
N LYS G 1416 -13.47 -60.21 -12.09
CA LYS G 1416 -14.46 -60.75 -11.18
C LYS G 1416 -14.68 -62.23 -11.47
N ILE G 1417 -14.79 -63.02 -10.41
CA ILE G 1417 -15.00 -64.46 -10.57
C ILE G 1417 -16.48 -64.77 -10.70
N ASN G 1418 -17.26 -64.40 -9.69
CA ASN G 1418 -18.70 -64.63 -9.66
C ASN G 1418 -19.36 -63.39 -9.08
N ASP G 1419 -20.62 -63.52 -8.69
CA ASP G 1419 -21.33 -62.44 -8.03
C ASP G 1419 -20.87 -62.18 -6.61
N ASN G 1420 -20.03 -63.07 -6.05
CA ASN G 1420 -19.59 -62.92 -4.67
C ASN G 1420 -18.09 -63.17 -4.53
N ALA G 1421 -17.32 -62.89 -5.58
CA ALA G 1421 -15.86 -63.08 -5.53
C ALA G 1421 -15.23 -62.16 -6.58
N TYR G 1422 -14.56 -61.11 -6.11
CA TYR G 1422 -13.98 -60.10 -6.99
C TYR G 1422 -12.47 -60.07 -6.81
N GLU G 1423 -11.76 -59.93 -7.93
CA GLU G 1423 -10.30 -59.92 -7.93
C GLU G 1423 -9.80 -58.49 -7.91
N LEU G 1424 -8.91 -58.19 -6.98
CA LEU G 1424 -8.29 -56.87 -6.91
C LEU G 1424 -6.96 -57.00 -6.18
N ASP G 1425 -5.98 -56.21 -6.59
CA ASP G 1425 -4.59 -56.42 -6.19
C ASP G 1425 -4.33 -55.86 -4.80
N LEU G 1426 -4.04 -56.75 -3.85
CA LEU G 1426 -3.58 -56.35 -2.52
C LEU G 1426 -2.16 -56.83 -2.25
N ASN G 1427 -1.91 -58.13 -2.34
CA ASN G 1427 -0.59 -58.71 -2.11
C ASN G 1427 -0.16 -59.57 -3.27
N SER G 1428 0.92 -60.31 -3.12
CA SER G 1428 1.28 -61.34 -4.08
C SER G 1428 0.25 -62.47 -4.04
N HIS G 1429 0.11 -63.17 -5.16
CA HIS G 1429 -0.94 -64.18 -5.31
C HIS G 1429 -0.64 -65.48 -4.55
N LYS G 1430 0.40 -65.52 -3.72
CA LYS G 1430 0.67 -66.69 -2.90
C LYS G 1430 -0.44 -66.89 -1.88
N LYS G 1431 -0.93 -68.15 -1.79
CA LYS G 1431 -1.96 -68.57 -0.85
C LYS G 1431 -3.27 -67.78 -1.01
N LYS G 1432 -3.55 -67.35 -2.25
CA LYS G 1432 -4.77 -66.65 -2.63
C LYS G 1432 -4.99 -65.38 -1.80
N HIS G 1433 -4.07 -64.44 -1.98
CA HIS G 1433 -4.18 -63.11 -1.38
C HIS G 1433 -4.72 -62.08 -2.35
N ARG G 1434 -5.65 -62.49 -3.22
CA ARG G 1434 -6.14 -61.65 -4.31
C ARG G 1434 -7.64 -61.46 -4.34
N VAL G 1435 -8.44 -62.43 -3.89
CA VAL G 1435 -9.88 -62.39 -4.02
C VAL G 1435 -10.53 -62.50 -2.65
N ILE G 1436 -11.61 -61.75 -2.44
CA ILE G 1436 -12.40 -61.78 -1.22
C ILE G 1436 -13.87 -61.65 -1.59
N ASN G 1437 -14.72 -61.88 -0.60
CA ASN G 1437 -16.16 -61.84 -0.81
C ASN G 1437 -16.66 -60.40 -0.89
N VAL G 1438 -17.85 -60.24 -1.46
CA VAL G 1438 -18.42 -58.91 -1.64
C VAL G 1438 -18.90 -58.31 -0.33
N GLN G 1439 -19.10 -59.13 0.71
CA GLN G 1439 -19.41 -58.59 2.02
C GLN G 1439 -18.25 -57.82 2.63
N PHE G 1440 -17.04 -58.02 2.11
CA PHE G 1440 -15.87 -57.28 2.56
C PHE G 1440 -15.49 -56.15 1.61
N LEU G 1441 -16.40 -55.77 0.72
CA LEU G 1441 -16.14 -54.73 -0.28
C LEU G 1441 -17.06 -53.53 -0.08
N LYS G 1442 -16.57 -52.36 -0.48
CA LYS G 1442 -17.38 -51.16 -0.59
C LYS G 1442 -17.04 -50.50 -1.92
N LYS G 1443 -17.62 -49.32 -2.16
CA LYS G 1443 -17.61 -48.74 -3.50
C LYS G 1443 -17.00 -47.34 -3.56
N PHE G 1444 -17.31 -46.47 -2.61
CA PHE G 1444 -17.20 -45.03 -2.80
C PHE G 1444 -15.90 -44.52 -2.20
N VAL G 1445 -14.95 -44.14 -3.07
CA VAL G 1445 -13.83 -43.28 -2.69
C VAL G 1445 -13.66 -42.18 -3.75
N TYR G 1446 -14.34 -41.07 -3.53
CA TYR G 1446 -14.52 -40.00 -4.52
C TYR G 1446 -14.36 -38.65 -3.83
N ARG G 1447 -14.80 -37.59 -4.52
CA ARG G 1447 -14.74 -36.16 -4.21
C ARG G 1447 -13.38 -35.69 -3.68
N PRO G 1448 -12.37 -35.61 -4.54
CA PRO G 1448 -11.12 -34.92 -4.14
C PRO G 1448 -11.31 -33.43 -3.92
N ASP G 1449 -12.39 -32.84 -4.43
CA ASP G 1449 -12.68 -31.43 -4.15
C ASP G 1449 -12.92 -31.20 -2.66
N ALA G 1450 -13.68 -32.08 -2.02
CA ALA G 1450 -13.94 -31.95 -0.59
C ALA G 1450 -12.78 -32.42 0.27
N TYR G 1451 -11.87 -33.23 -0.28
CA TYR G 1451 -10.74 -33.79 0.46
C TYR G 1451 -9.47 -33.49 -0.31
N PRO G 1452 -8.81 -32.36 -0.02
CA PRO G 1452 -7.67 -31.93 -0.84
C PRO G 1452 -6.45 -32.82 -0.78
N LYS G 1453 -6.10 -33.33 0.40
CA LYS G 1453 -4.85 -34.06 0.56
C LYS G 1453 -4.94 -35.45 -0.05
N ASN G 1454 -3.81 -35.90 -0.59
CA ASN G 1454 -3.72 -37.21 -1.20
C ASN G 1454 -3.49 -38.27 -0.12
N LYS G 1455 -3.14 -39.48 -0.54
CA LYS G 1455 -2.82 -40.55 0.38
C LYS G 1455 -1.31 -40.57 0.60
N PRO G 1456 -0.83 -40.34 1.82
CA PRO G 1456 0.60 -40.50 2.09
C PRO G 1456 1.01 -41.97 1.93
N ILE G 1457 2.25 -42.16 1.47
CA ILE G 1457 2.70 -43.46 0.96
C ILE G 1457 3.91 -43.97 1.72
N SER G 1458 4.92 -43.13 1.91
CA SER G 1458 6.20 -43.56 2.46
C SER G 1458 6.42 -42.96 3.83
N SER G 1459 7.39 -43.52 4.55
CA SER G 1459 7.75 -43.00 5.86
C SER G 1459 8.33 -41.60 5.76
N THR G 1460 9.15 -41.35 4.73
CA THR G 1460 9.71 -40.02 4.54
C THR G 1460 8.64 -39.02 4.12
N GLU G 1461 7.59 -39.49 3.44
CA GLU G 1461 6.37 -38.70 3.32
C GLU G 1461 5.72 -38.48 4.67
N ARG G 1462 5.66 -39.54 5.48
CA ARG G 1462 4.94 -39.49 6.75
C ARG G 1462 5.65 -38.59 7.75
N ILE G 1463 6.98 -38.55 7.70
CA ILE G 1463 7.73 -37.66 8.60
C ILE G 1463 7.36 -36.20 8.36
N LYS G 1464 7.28 -35.79 7.10
CA LYS G 1464 6.98 -34.39 6.81
C LYS G 1464 5.50 -34.08 6.97
N ARG G 1465 4.61 -35.00 6.60
CA ARG G 1465 3.17 -34.76 6.74
C ARG G 1465 2.63 -35.25 8.09
N ALA G 1466 3.51 -35.57 9.04
CA ALA G 1466 3.07 -36.08 10.34
C ALA G 1466 2.32 -35.02 11.13
N HIS G 1467 2.73 -33.76 11.04
CA HIS G 1467 2.04 -32.74 11.83
C HIS G 1467 0.80 -32.20 11.11
N GLU G 1468 -0.02 -33.10 10.54
CA GLU G 1468 -1.33 -32.77 9.96
C GLU G 1468 -2.20 -34.01 10.22
N VAL G 1469 -2.91 -34.00 11.35
CA VAL G 1469 -3.67 -35.17 11.80
C VAL G 1469 -5.05 -34.75 12.25
N THR G 1470 -5.96 -35.73 12.28
CA THR G 1470 -7.33 -35.53 12.72
C THR G 1470 -7.68 -36.38 13.92
N ALA G 1471 -7.46 -37.68 13.87
CA ALA G 1471 -7.86 -38.57 14.96
C ALA G 1471 -7.01 -39.81 14.95
N LEU G 1472 -7.01 -40.52 16.07
CA LEU G 1472 -6.30 -41.78 16.22
C LEU G 1472 -7.32 -42.86 16.53
N ILE G 1473 -7.29 -43.93 15.75
CA ILE G 1473 -8.33 -44.96 15.84
C ILE G 1473 -7.95 -46.00 16.88
N GLY G 1474 -6.83 -46.68 16.64
CA GLY G 1474 -6.36 -47.71 17.54
C GLY G 1474 -5.08 -48.35 17.08
N ILE G 1475 -4.29 -48.87 18.02
CA ILE G 1475 -3.05 -49.55 17.66
C ILE G 1475 -3.38 -50.88 16.99
N ASP G 1476 -2.66 -51.19 15.91
CA ASP G 1476 -2.81 -52.49 15.27
C ASP G 1476 -2.34 -53.58 16.23
N THR G 1477 -3.16 -54.62 16.36
CA THR G 1477 -2.95 -55.61 17.40
C THR G 1477 -1.76 -56.52 17.14
N THR G 1478 -1.18 -56.49 15.93
CA THR G 1478 -0.09 -57.40 15.59
C THR G 1478 1.16 -57.15 16.44
N HIS G 1479 1.85 -56.03 16.25
CA HIS G 1479 2.95 -55.67 17.15
C HIS G 1479 2.78 -54.30 17.77
N LYS G 1480 2.88 -53.21 16.99
CA LYS G 1480 2.91 -51.87 17.56
C LYS G 1480 2.26 -50.80 16.70
N THR G 1481 1.68 -51.12 15.54
CA THR G 1481 1.42 -50.13 14.52
C THR G 1481 0.18 -49.29 14.85
N TYR G 1482 0.29 -47.98 14.64
CA TYR G 1482 -0.81 -47.06 14.89
C TYR G 1482 -1.70 -46.91 13.66
N LEU G 1483 -2.99 -46.72 13.90
CA LEU G 1483 -3.97 -46.43 12.87
C LEU G 1483 -4.64 -45.09 13.17
N CYS G 1484 -4.65 -44.19 12.19
CA CYS G 1484 -4.97 -42.79 12.44
C CYS G 1484 -5.85 -42.22 11.34
N HIS G 1485 -6.52 -41.13 11.67
CA HIS G 1485 -7.18 -40.26 10.70
C HIS G 1485 -6.28 -39.07 10.43
N MET G 1486 -6.09 -38.74 9.16
CA MET G 1486 -5.35 -37.57 8.76
C MET G 1486 -6.30 -36.42 8.44
N GLN G 1487 -5.74 -35.25 8.17
CA GLN G 1487 -6.53 -34.05 7.96
C GLN G 1487 -6.75 -33.81 6.46
N ASP G 1488 -7.94 -33.28 6.15
CA ASP G 1488 -8.36 -32.94 4.79
C ASP G 1488 -8.38 -34.16 3.87
N VAL G 1489 -8.66 -35.33 4.44
CA VAL G 1489 -8.90 -36.55 3.69
C VAL G 1489 -10.19 -37.16 4.20
N ASP G 1490 -10.81 -37.98 3.36
CA ASP G 1490 -12.06 -38.62 3.74
C ASP G 1490 -11.82 -39.61 4.88
N PRO G 1491 -12.77 -39.75 5.82
CA PRO G 1491 -12.56 -40.66 6.95
C PRO G 1491 -12.50 -42.12 6.57
N THR G 1492 -13.00 -42.49 5.39
CA THR G 1492 -12.91 -43.88 4.95
C THR G 1492 -11.46 -44.31 4.74
N LEU G 1493 -10.65 -43.43 4.16
CA LEU G 1493 -9.22 -43.70 4.02
C LEU G 1493 -8.54 -43.63 5.37
N SER G 1494 -7.53 -44.48 5.55
CA SER G 1494 -6.76 -44.54 6.78
C SER G 1494 -5.27 -44.61 6.45
N VAL G 1495 -4.46 -44.12 7.38
CA VAL G 1495 -3.01 -44.00 7.18
C VAL G 1495 -2.30 -44.70 8.34
N GLU G 1496 -1.31 -45.51 8.02
CA GLU G 1496 -0.60 -46.33 9.01
C GLU G 1496 0.61 -45.58 9.53
N TYR G 1497 0.73 -45.46 10.86
CA TYR G 1497 1.88 -44.88 11.51
C TYR G 1497 2.58 -45.88 12.41
N SER G 1498 3.91 -45.81 12.44
CA SER G 1498 4.75 -46.54 13.37
C SER G 1498 5.39 -45.58 14.35
N GLU G 1499 6.11 -46.14 15.33
CA GLU G 1499 6.75 -45.35 16.36
C GLU G 1499 7.97 -44.55 15.87
N ALA G 1500 8.44 -44.82 14.64
CA ALA G 1500 9.61 -44.10 14.14
C ALA G 1500 9.30 -42.63 13.90
N GLU G 1501 8.15 -42.34 13.30
CA GLU G 1501 7.74 -40.97 13.02
C GLU G 1501 6.69 -40.47 14.00
N PHE G 1502 6.38 -41.24 15.04
CA PHE G 1502 5.35 -40.88 16.00
C PHE G 1502 5.88 -39.96 17.12
N CYS G 1503 7.18 -39.67 17.13
CA CYS G 1503 7.77 -38.87 18.18
C CYS G 1503 7.97 -37.40 17.78
N GLN G 1504 7.50 -37.00 16.61
CA GLN G 1504 7.69 -35.64 16.11
C GLN G 1504 6.35 -34.91 15.94
N ILE G 1505 5.42 -35.15 16.85
CA ILE G 1505 4.04 -34.66 16.71
C ILE G 1505 3.50 -34.23 18.07
N PRO G 1506 2.31 -33.61 18.14
CA PRO G 1506 1.66 -33.35 19.43
C PRO G 1506 0.96 -34.54 20.07
N GLU G 1507 1.41 -35.77 19.74
CA GLU G 1507 0.71 -37.02 19.97
C GLU G 1507 0.16 -37.25 21.38
N ARG G 1508 0.58 -36.44 22.37
CA ARG G 1508 0.04 -36.51 23.72
C ARG G 1508 -1.49 -36.43 23.74
N THR G 1509 -2.05 -35.45 23.04
CA THR G 1509 -3.50 -35.35 22.95
C THR G 1509 -4.10 -36.52 22.16
N ARG G 1510 -3.32 -37.11 21.25
CA ARG G 1510 -3.84 -38.20 20.41
C ARG G 1510 -4.08 -39.47 21.23
N ARG G 1511 -3.08 -39.92 21.99
CA ARG G 1511 -3.35 -41.09 22.81
C ARG G 1511 -4.16 -40.73 24.04
N SER G 1512 -4.23 -39.44 24.42
CA SER G 1512 -5.18 -39.04 25.46
C SER G 1512 -6.62 -39.25 25.00
N ILE G 1513 -6.94 -38.79 23.79
CA ILE G 1513 -8.31 -38.96 23.31
C ILE G 1513 -8.57 -40.43 22.97
N LEU G 1514 -7.55 -41.18 22.54
CA LEU G 1514 -7.74 -42.62 22.36
C LEU G 1514 -8.02 -43.30 23.70
N ALA G 1515 -7.35 -42.86 24.77
CA ALA G 1515 -7.60 -43.43 26.09
C ALA G 1515 -9.02 -43.14 26.57
N ASN G 1516 -9.50 -41.91 26.37
CA ASN G 1516 -10.86 -41.63 26.83
C ASN G 1516 -11.90 -42.26 25.91
N PHE G 1517 -11.58 -42.47 24.63
CA PHE G 1517 -12.48 -43.22 23.76
C PHE G 1517 -12.56 -44.68 24.19
N ARG G 1518 -11.43 -45.25 24.61
CA ARG G 1518 -11.43 -46.60 25.17
C ARG G 1518 -12.22 -46.66 26.46
N GLN G 1519 -12.10 -45.63 27.30
CA GLN G 1519 -12.88 -45.54 28.53
C GLN G 1519 -14.38 -45.51 28.23
N LEU G 1520 -14.78 -44.74 27.23
CA LEU G 1520 -16.18 -44.73 26.81
C LEU G 1520 -16.60 -46.09 26.25
N TYR G 1521 -15.73 -46.74 25.48
CA TYR G 1521 -16.08 -48.01 24.85
C TYR G 1521 -16.09 -49.15 25.85
N GLU G 1522 -15.12 -49.18 26.76
CA GLU G 1522 -15.03 -50.24 27.75
C GLU G 1522 -14.44 -49.73 29.06
N SER H 1028 -16.97 78.69 -2.59
CA SER H 1028 -16.81 78.82 -4.03
C SER H 1028 -15.82 77.79 -4.55
N TYR H 1029 -15.14 77.11 -3.64
CA TYR H 1029 -14.16 76.09 -3.99
C TYR H 1029 -14.86 74.73 -4.07
N TYR H 1030 -14.06 73.67 -4.16
CA TYR H 1030 -14.59 72.33 -4.27
C TYR H 1030 -15.13 71.86 -2.93
N LYS H 1031 -15.78 70.68 -2.95
CA LYS H 1031 -16.48 70.00 -1.86
C LYS H 1031 -17.70 70.76 -1.37
N SER H 1032 -18.04 71.90 -1.95
CA SER H 1032 -19.25 72.64 -1.60
C SER H 1032 -20.40 72.27 -2.53
N ASP H 1033 -20.66 70.97 -2.65
CA ASP H 1033 -21.72 70.49 -3.53
C ASP H 1033 -22.24 69.16 -3.03
N PRO H 1034 -23.54 68.86 -3.18
CA PRO H 1034 -24.05 67.57 -2.75
C PRO H 1034 -23.91 66.49 -3.83
N LEU H 1035 -23.33 65.36 -3.47
CA LEU H 1035 -23.18 64.22 -4.38
C LEU H 1035 -23.52 62.97 -3.59
N CYS H 1036 -24.80 62.58 -3.61
CA CYS H 1036 -25.29 61.44 -2.86
C CYS H 1036 -25.34 60.16 -3.68
N SER H 1037 -24.84 60.18 -4.92
CA SER H 1037 -24.87 59.00 -5.79
C SER H 1037 -23.45 58.77 -6.32
N ALA H 1038 -22.65 58.04 -5.55
CA ALA H 1038 -21.28 57.69 -5.94
C ALA H 1038 -20.83 56.49 -5.11
N VAL H 1039 -19.55 56.14 -5.23
CA VAL H 1039 -19.02 54.95 -4.56
C VAL H 1039 -18.90 55.17 -3.06
N LEU H 1040 -18.48 56.36 -2.64
CA LEU H 1040 -18.21 56.63 -1.23
C LEU H 1040 -19.48 56.70 -0.38
N ILE H 1041 -20.66 56.69 -1.03
CA ILE H 1041 -21.92 56.77 -0.30
C ILE H 1041 -22.09 55.56 0.60
N HIS H 1042 -21.81 54.36 0.06
CA HIS H 1042 -21.92 53.14 0.85
C HIS H 1042 -20.95 53.13 2.03
N MET H 1043 -19.76 53.72 1.84
CA MET H 1043 -18.84 53.83 2.96
C MET H 1043 -19.33 54.83 4.00
N LYS H 1044 -19.97 55.92 3.58
CA LYS H 1044 -20.41 56.93 4.53
C LYS H 1044 -21.76 56.64 5.15
N GLU H 1045 -22.50 55.63 4.65
CA GLU H 1045 -23.79 55.27 5.22
C GLU H 1045 -23.67 54.21 6.31
N LEU H 1046 -22.46 53.95 6.80
CA LEU H 1046 -22.28 52.98 7.88
C LEU H 1046 -22.94 53.45 9.17
N THR H 1047 -22.97 54.76 9.40
CA THR H 1047 -23.65 55.34 10.54
C THR H 1047 -24.96 56.03 10.16
N GLN H 1048 -25.04 56.57 8.94
CA GLN H 1048 -26.23 57.31 8.51
C GLN H 1048 -27.39 56.35 8.24
N HIS H 1049 -27.21 55.43 7.28
CA HIS H 1049 -28.22 54.45 6.87
C HIS H 1049 -29.54 55.11 6.46
N ASN H 1050 -29.44 56.23 5.75
CA ASN H 1050 -30.65 56.97 5.36
C ASN H 1050 -31.12 56.61 3.95
N VAL H 1051 -30.31 56.91 2.94
CA VAL H 1051 -30.72 56.80 1.54
C VAL H 1051 -29.60 56.10 0.78
N THR H 1052 -29.98 55.23 -0.15
CA THR H 1052 -29.04 54.48 -0.99
C THR H 1052 -29.37 54.67 -2.48
N PRO H 1053 -29.13 55.87 -3.02
CA PRO H 1053 -29.47 56.15 -4.44
C PRO H 1053 -28.34 55.76 -5.38
N GLU H 1054 -28.20 54.46 -5.61
CA GLU H 1054 -27.11 53.95 -6.43
C GLU H 1054 -27.45 54.06 -7.91
N ASP H 1055 -26.49 53.72 -8.76
CA ASP H 1055 -26.63 53.74 -10.20
C ASP H 1055 -26.67 52.31 -10.74
N MET H 1056 -26.66 52.19 -12.06
CA MET H 1056 -26.60 50.88 -12.70
C MET H 1056 -25.23 50.26 -12.47
N SER H 1057 -25.23 48.93 -12.29
CA SER H 1057 -24.03 48.12 -12.05
C SER H 1057 -23.27 48.59 -10.81
N ALA H 1058 -23.99 49.07 -9.80
CA ALA H 1058 -23.39 49.56 -8.57
C ALA H 1058 -23.39 48.51 -7.47
N PHE H 1059 -23.53 47.23 -7.83
CA PHE H 1059 -23.47 46.17 -6.84
C PHE H 1059 -22.07 46.00 -6.26
N ARG H 1060 -21.04 46.54 -6.93
CA ARG H 1060 -19.71 46.59 -6.34
C ARG H 1060 -19.68 47.50 -5.11
N SER H 1061 -20.48 48.57 -5.12
CA SER H 1061 -20.55 49.46 -3.96
C SER H 1061 -21.20 48.77 -2.77
N TYR H 1062 -22.25 47.97 -3.00
CA TYR H 1062 -22.86 47.21 -1.92
C TYR H 1062 -21.91 46.15 -1.38
N GLN H 1063 -21.13 45.52 -2.27
CA GLN H 1063 -20.10 44.58 -1.82
C GLN H 1063 -19.03 45.31 -1.01
N LYS H 1064 -18.70 46.55 -1.39
CA LYS H 1064 -17.72 47.31 -0.62
C LYS H 1064 -18.27 47.69 0.75
N LYS H 1065 -19.57 48.00 0.84
CA LYS H 1065 -20.16 48.29 2.14
C LYS H 1065 -20.22 47.04 3.01
N LEU H 1066 -20.52 45.88 2.42
CA LEU H 1066 -20.44 44.61 3.14
C LEU H 1066 -19.02 44.35 3.63
N GLU H 1067 -18.03 44.66 2.78
CA GLU H 1067 -16.63 44.56 3.14
C GLU H 1067 -16.30 45.46 4.33
N LEU H 1068 -16.79 46.70 4.30
CA LEU H 1068 -16.58 47.63 5.42
C LEU H 1068 -17.24 47.11 6.69
N SER H 1069 -18.36 46.41 6.54
CA SER H 1069 -19.04 45.83 7.69
C SER H 1069 -18.24 44.67 8.29
N GLU H 1070 -17.68 43.80 7.45
CA GLU H 1070 -17.05 42.58 7.96
C GLU H 1070 -15.55 42.72 8.19
N THR H 1071 -14.98 43.90 8.00
CA THR H 1071 -13.56 44.13 8.23
C THR H 1071 -13.36 45.15 9.35
N PHE H 1072 -12.12 45.59 9.53
CA PHE H 1072 -11.77 46.60 10.54
C PHE H 1072 -10.95 47.69 9.85
N ARG H 1073 -11.64 48.65 9.25
CA ARG H 1073 -11.02 49.86 8.73
C ARG H 1073 -11.84 51.09 9.05
N LYS H 1074 -12.85 50.97 9.90
CA LYS H 1074 -13.78 52.04 10.21
C LYS H 1074 -13.06 53.09 11.06
N ASN H 1075 -12.63 54.17 10.43
CA ASN H 1075 -12.08 55.31 11.15
C ASN H 1075 -12.57 56.64 10.59
N TYR H 1076 -13.61 56.62 9.74
CA TYR H 1076 -14.15 57.85 9.19
C TYR H 1076 -14.85 58.67 10.27
N SER H 1077 -14.62 59.98 10.24
CA SER H 1077 -15.23 60.91 11.19
C SER H 1077 -16.44 61.56 10.52
N LEU H 1078 -17.58 61.52 11.22
CA LEU H 1078 -18.84 62.05 10.68
C LEU H 1078 -19.18 63.34 11.42
N GLU H 1079 -18.85 64.47 10.79
CA GLU H 1079 -19.18 65.79 11.33
C GLU H 1079 -19.61 66.67 10.16
N ASP H 1080 -20.83 67.21 10.25
CA ASP H 1080 -21.45 68.23 9.38
C ASP H 1080 -21.06 68.17 7.91
N GLU H 1081 -21.29 67.02 7.27
CA GLU H 1081 -21.08 66.64 5.87
C GLU H 1081 -19.59 66.43 5.58
N MET H 1082 -18.70 66.73 6.53
CA MET H 1082 -17.28 66.48 6.34
C MET H 1082 -16.96 65.04 6.74
N ILE H 1083 -17.04 64.15 5.76
CA ILE H 1083 -16.66 62.76 5.92
C ILE H 1083 -15.22 62.62 5.43
N TYR H 1084 -14.34 62.12 6.29
CA TYR H 1084 -12.93 62.09 5.98
C TYR H 1084 -12.26 60.97 6.76
N TYR H 1085 -11.09 60.56 6.28
CA TYR H 1085 -10.33 59.45 6.83
C TYR H 1085 -9.53 60.01 8.01
N GLN H 1086 -8.53 59.27 8.56
CA GLN H 1086 -7.87 59.71 9.78
C GLN H 1086 -7.16 61.06 9.61
N ASP H 1087 -6.61 61.31 8.41
CA ASP H 1087 -6.02 62.61 8.14
C ASP H 1087 -6.31 63.12 6.73
N ARG H 1088 -7.13 62.42 5.95
CA ARG H 1088 -7.35 62.77 4.55
C ARG H 1088 -8.84 62.94 4.26
N LEU H 1089 -9.17 63.98 3.51
CA LEU H 1089 -10.54 64.25 3.08
C LEU H 1089 -10.83 63.43 1.83
N VAL H 1090 -11.83 62.54 1.92
CA VAL H 1090 -12.21 61.74 0.76
C VAL H 1090 -12.88 62.63 -0.28
N VAL H 1091 -12.77 62.22 -1.54
CA VAL H 1091 -13.32 62.98 -2.66
C VAL H 1091 -14.34 62.11 -3.39
N PRO H 1092 -15.50 62.65 -3.79
CA PRO H 1092 -16.44 61.88 -4.59
C PRO H 1092 -15.87 61.48 -5.95
N ILE H 1093 -16.34 60.35 -6.45
CA ILE H 1093 -15.83 59.80 -7.70
C ILE H 1093 -16.31 60.60 -8.92
N LYS H 1094 -17.32 61.45 -8.76
CA LYS H 1094 -17.86 62.19 -9.91
C LYS H 1094 -16.86 63.22 -10.41
N GLN H 1095 -16.20 63.95 -9.50
CA GLN H 1095 -15.24 64.98 -9.87
C GLN H 1095 -13.81 64.46 -9.88
N GLN H 1096 -13.63 63.16 -10.18
CA GLN H 1096 -12.30 62.60 -10.32
C GLN H 1096 -11.53 63.25 -11.47
N ASN H 1097 -12.23 63.50 -12.59
CA ASN H 1097 -11.62 64.22 -13.71
C ASN H 1097 -11.24 65.64 -13.31
N ALA H 1098 -12.09 66.31 -12.53
CA ALA H 1098 -11.78 67.66 -12.07
C ALA H 1098 -10.54 67.67 -11.17
N VAL H 1099 -10.45 66.70 -10.25
CA VAL H 1099 -9.32 66.63 -9.34
C VAL H 1099 -8.04 66.33 -10.09
N MET H 1100 -8.07 65.37 -11.02
CA MET H 1100 -6.86 65.03 -11.75
C MET H 1100 -6.42 66.15 -12.69
N ARG H 1101 -7.37 66.90 -13.25
CA ARG H 1101 -7.00 68.05 -14.08
C ARG H 1101 -6.45 69.18 -13.23
N LEU H 1102 -7.00 69.37 -12.03
CA LEU H 1102 -6.50 70.43 -11.15
C LEU H 1102 -5.10 70.11 -10.64
N TYR H 1103 -4.82 68.85 -10.31
CA TYR H 1103 -3.55 68.48 -9.72
C TYR H 1103 -2.57 67.89 -10.73
N HIS H 1104 -2.89 67.91 -12.02
CA HIS H 1104 -1.98 67.41 -13.03
C HIS H 1104 -1.60 68.45 -14.07
N ASP H 1105 -2.54 69.27 -14.51
CA ASP H 1105 -2.28 70.22 -15.58
C ASP H 1105 -1.79 71.54 -15.01
N HIS H 1106 -1.68 72.57 -15.86
CA HIS H 1106 -1.19 73.88 -15.46
C HIS H 1106 -2.31 74.83 -15.04
N THR H 1107 -3.44 74.29 -14.58
CA THR H 1107 -4.54 75.15 -14.13
C THR H 1107 -4.17 75.91 -12.86
N LEU H 1108 -3.40 75.29 -11.97
CA LEU H 1108 -2.97 75.88 -10.72
C LEU H 1108 -1.45 75.75 -10.56
N PHE H 1109 -0.73 76.13 -11.63
CA PHE H 1109 0.73 76.12 -11.70
C PHE H 1109 1.28 74.70 -11.48
N GLY H 1110 0.97 73.84 -12.43
CA GLY H 1110 1.43 72.46 -12.37
C GLY H 1110 2.75 72.27 -13.10
N GLY H 1111 2.72 71.56 -14.23
CA GLY H 1111 3.95 71.33 -14.97
C GLY H 1111 4.07 69.94 -15.56
N HIS H 1112 3.06 69.09 -15.33
CA HIS H 1112 3.00 67.71 -15.83
C HIS H 1112 4.20 66.89 -15.35
N PHE H 1113 4.28 66.71 -14.04
CA PHE H 1113 5.34 65.93 -13.43
C PHE H 1113 5.06 64.44 -13.56
N GLY H 1114 5.94 63.63 -13.00
CA GLY H 1114 5.77 62.19 -13.02
C GLY H 1114 4.74 61.71 -12.00
N VAL H 1115 4.55 60.40 -11.97
CA VAL H 1115 3.59 59.81 -11.05
C VAL H 1115 4.07 59.93 -9.61
N THR H 1116 5.40 59.93 -9.40
CA THR H 1116 5.95 60.02 -8.05
C THR H 1116 5.65 61.37 -7.41
N VAL H 1117 5.95 62.46 -8.13
CA VAL H 1117 5.71 63.80 -7.60
C VAL H 1117 4.20 64.07 -7.48
N THR H 1118 3.42 63.59 -8.45
CA THR H 1118 1.98 63.80 -8.40
C THR H 1118 1.34 63.08 -7.22
N LEU H 1119 1.77 61.84 -6.94
CA LEU H 1119 1.23 61.12 -5.80
C LEU H 1119 1.78 61.66 -4.48
N ALA H 1120 3.00 62.20 -4.48
CA ALA H 1120 3.50 62.86 -3.28
C ALA H 1120 2.74 64.15 -3.00
N LYS H 1121 2.17 64.77 -4.04
CA LYS H 1121 1.37 65.97 -3.84
C LYS H 1121 -0.06 65.64 -3.43
N ILE H 1122 -0.66 64.61 -4.03
CA ILE H 1122 -2.09 64.36 -3.88
C ILE H 1122 -2.39 63.54 -2.62
N SER H 1123 -1.71 62.40 -2.48
CA SER H 1123 -2.04 61.44 -1.43
C SER H 1123 -2.00 61.94 0.02
N PRO H 1124 -1.05 62.79 0.46
CA PRO H 1124 -1.12 63.24 1.86
C PRO H 1124 -2.33 64.09 2.20
N ILE H 1125 -3.04 64.62 1.21
CA ILE H 1125 -4.17 65.50 1.47
C ILE H 1125 -5.51 64.79 1.33
N TYR H 1126 -5.66 63.87 0.37
CA TYR H 1126 -6.93 63.20 0.11
C TYR H 1126 -6.74 61.70 0.15
N TYR H 1127 -7.80 60.99 0.52
CA TYR H 1127 -7.71 59.55 0.74
C TYR H 1127 -7.65 58.80 -0.59
N TRP H 1128 -8.69 58.96 -1.43
CA TRP H 1128 -8.77 58.41 -2.78
C TRP H 1128 -8.52 56.91 -2.86
N PRO H 1129 -9.51 56.06 -2.53
CA PRO H 1129 -9.38 54.62 -2.80
C PRO H 1129 -9.03 54.35 -4.25
N LYS H 1130 -7.99 53.52 -4.46
CA LYS H 1130 -7.37 53.26 -5.77
C LYS H 1130 -6.85 54.56 -6.40
N LEU H 1131 -5.95 55.23 -5.69
CA LEU H 1131 -5.43 56.50 -6.17
C LEU H 1131 -4.28 56.31 -7.16
N GLN H 1132 -3.35 55.42 -6.83
CA GLN H 1132 -2.18 55.21 -7.69
C GLN H 1132 -2.59 54.68 -9.05
N HIS H 1133 -3.57 53.77 -9.08
CA HIS H 1133 -4.06 53.29 -10.35
C HIS H 1133 -4.79 54.38 -11.13
N SER H 1134 -5.50 55.26 -10.41
CA SER H 1134 -6.14 56.40 -11.07
C SER H 1134 -5.11 57.31 -11.72
N ILE H 1135 -4.00 57.57 -11.02
CA ILE H 1135 -2.96 58.45 -11.55
C ILE H 1135 -2.30 57.81 -12.77
N ILE H 1136 -1.97 56.52 -12.68
CA ILE H 1136 -1.30 55.87 -13.81
C ILE H 1136 -2.26 55.70 -14.98
N GLN H 1137 -3.56 55.54 -14.71
CA GLN H 1137 -4.54 55.48 -15.77
C GLN H 1137 -4.69 56.82 -16.48
N TYR H 1138 -4.65 57.92 -15.71
CA TYR H 1138 -4.67 59.24 -16.32
C TYR H 1138 -3.42 59.49 -17.15
N ILE H 1139 -2.27 58.98 -16.69
CA ILE H 1139 -1.05 59.09 -17.47
C ILE H 1139 -1.18 58.28 -18.77
N ARG H 1140 -1.84 57.13 -18.70
CA ARG H 1140 -2.03 56.33 -19.91
C ARG H 1140 -3.02 56.96 -20.87
N THR H 1141 -4.03 57.69 -20.37
CA THR H 1141 -5.06 58.24 -21.24
C THR H 1141 -4.83 59.71 -21.59
N CYS H 1142 -3.70 60.28 -21.19
CA CYS H 1142 -3.35 61.64 -21.58
C CYS H 1142 -2.48 61.61 -22.83
N VAL H 1143 -2.47 62.72 -23.56
CA VAL H 1143 -1.80 62.78 -24.85
C VAL H 1143 -0.79 63.93 -24.94
N GLN H 1144 -0.89 64.95 -24.10
CA GLN H 1144 -0.02 66.12 -24.24
C GLN H 1144 1.41 65.84 -23.81
N CYS H 1145 1.60 65.01 -22.78
CA CYS H 1145 2.92 64.77 -22.23
C CYS H 1145 3.72 63.72 -23.01
N GLN H 1146 3.04 62.89 -23.81
CA GLN H 1146 3.68 61.75 -24.47
C GLN H 1146 4.38 62.23 -25.74
N LEU H 1147 5.60 62.71 -25.58
CA LEU H 1147 6.48 63.07 -26.69
C LEU H 1147 7.76 62.24 -26.59
N ILE H 1148 8.70 62.54 -27.50
CA ILE H 1148 9.99 61.87 -27.51
C ILE H 1148 10.78 62.29 -26.27
N LYS H 1149 11.02 61.33 -25.37
CA LYS H 1149 11.62 61.62 -24.08
C LYS H 1149 13.05 61.12 -23.95
N SER H 1150 13.45 60.13 -24.76
CA SER H 1150 14.79 59.52 -24.73
C SER H 1150 15.19 59.02 -23.35
N LEU H 1159 19.52 56.63 -24.34
CA LEU H 1159 18.08 56.53 -24.49
C LEU H 1159 17.54 55.29 -23.77
N GLN H 1160 18.09 54.12 -24.15
CA GLN H 1160 17.67 52.87 -23.51
C GLN H 1160 18.12 52.82 -22.06
N PRO H 1161 19.34 53.27 -21.77
CA PRO H 1161 19.89 53.25 -20.43
C PRO H 1161 20.57 54.57 -20.13
N LEU H 1162 20.73 54.85 -18.84
CA LEU H 1162 21.37 56.09 -18.41
C LEU H 1162 22.87 56.05 -18.66
N PRO H 1163 23.44 57.22 -18.93
CA PRO H 1163 24.87 57.38 -19.18
C PRO H 1163 25.41 58.40 -18.18
N ILE H 1164 26.27 57.94 -17.27
CA ILE H 1164 26.87 58.83 -16.28
C ILE H 1164 28.15 58.18 -15.75
N ALA H 1165 29.23 58.96 -15.71
CA ALA H 1165 30.49 58.48 -15.17
C ALA H 1165 30.54 58.52 -13.64
N GLU H 1166 29.64 59.24 -13.00
CA GLU H 1166 29.55 59.31 -11.56
C GLU H 1166 28.21 58.72 -11.13
N GLY H 1167 28.26 57.78 -10.18
CA GLY H 1167 27.04 57.09 -9.78
C GLY H 1167 26.92 56.80 -8.31
N ARG H 1168 26.53 55.57 -7.99
CA ARG H 1168 26.31 55.14 -6.61
C ARG H 1168 26.44 53.62 -6.59
N TRP H 1169 27.43 53.12 -5.85
CA TRP H 1169 27.81 51.71 -5.78
C TRP H 1169 28.25 51.13 -7.12
N LEU H 1170 28.53 51.97 -8.11
CA LEU H 1170 28.92 51.51 -9.44
C LEU H 1170 30.42 51.46 -9.62
N ASP H 1171 31.20 51.83 -8.62
CA ASP H 1171 32.66 51.78 -8.70
C ASP H 1171 33.21 51.61 -7.30
N ILE H 1172 33.89 50.49 -7.05
CA ILE H 1172 34.42 50.16 -5.74
C ILE H 1172 35.90 49.84 -5.88
N SER H 1173 36.61 49.99 -4.76
CA SER H 1173 38.02 49.65 -4.68
C SER H 1173 38.29 48.93 -3.37
N MET H 1174 39.37 48.14 -3.35
CA MET H 1174 39.70 47.34 -2.17
C MET H 1174 41.22 47.23 -2.07
N ASP H 1175 41.69 46.91 -0.87
CA ASP H 1175 43.12 46.78 -0.61
C ASP H 1175 43.35 45.63 0.35
N PHE H 1176 44.63 45.37 0.66
CA PHE H 1176 45.03 44.24 1.49
C PHE H 1176 45.83 44.73 2.69
N VAL H 1177 45.62 44.07 3.83
CA VAL H 1177 46.39 44.32 5.04
C VAL H 1177 46.95 42.99 5.53
N THR H 1178 48.02 43.07 6.33
CA THR H 1178 48.80 41.89 6.70
C THR H 1178 48.75 41.58 8.19
N GLY H 1179 49.15 42.53 9.05
CA GLY H 1179 49.42 42.19 10.43
C GLY H 1179 48.21 42.21 11.36
N LEU H 1180 47.63 41.05 11.59
CA LEU H 1180 46.47 40.87 12.46
C LEU H 1180 46.70 39.64 13.32
N PRO H 1181 46.08 39.57 14.49
CA PRO H 1181 46.21 38.35 15.32
C PRO H 1181 45.48 37.17 14.69
N PRO H 1182 45.87 35.95 15.04
CA PRO H 1182 45.16 34.77 14.51
C PRO H 1182 43.73 34.62 15.03
N THR H 1183 43.37 35.32 16.12
CA THR H 1183 42.03 35.34 16.72
C THR H 1183 41.56 33.96 17.18
N SER H 1184 42.49 33.03 17.36
CA SER H 1184 42.25 31.61 17.69
C SER H 1184 41.41 30.90 16.62
N ASN H 1185 41.23 31.50 15.45
CA ASN H 1185 40.49 30.89 14.35
C ASN H 1185 41.17 31.18 13.00
N ASN H 1186 42.45 31.55 13.02
CA ASN H 1186 43.25 31.86 11.84
C ASN H 1186 42.64 32.99 11.01
N LEU H 1187 41.99 33.94 11.66
CA LEU H 1187 41.39 35.08 10.98
C LEU H 1187 42.29 36.31 11.07
N ASN H 1188 43.48 36.19 10.48
CA ASN H 1188 44.51 37.22 10.57
C ASN H 1188 44.55 38.07 9.30
N MET H 1189 43.45 38.77 9.03
CA MET H 1189 43.35 39.68 7.88
C MET H 1189 42.11 40.53 8.07
N ILE H 1190 42.11 41.69 7.41
CA ILE H 1190 40.95 42.58 7.35
C ILE H 1190 40.73 42.97 5.91
N LEU H 1191 39.51 42.77 5.41
CA LEU H 1191 39.17 43.07 4.02
C LEU H 1191 38.52 44.44 3.96
N VAL H 1192 39.24 45.40 3.38
CA VAL H 1192 38.76 46.77 3.23
C VAL H 1192 38.07 46.91 1.87
N VAL H 1193 36.88 47.53 1.88
CA VAL H 1193 36.13 47.83 0.66
C VAL H 1193 35.73 49.30 0.70
N VAL H 1194 35.92 50.00 -0.41
CA VAL H 1194 35.66 51.43 -0.52
C VAL H 1194 34.52 51.64 -1.52
N ASP H 1195 33.70 52.66 -1.26
CA ASP H 1195 32.52 52.98 -2.04
C ASP H 1195 32.60 54.41 -2.55
N ARG H 1196 33.69 54.73 -3.25
CA ARG H 1196 34.11 56.05 -3.73
C ARG H 1196 32.99 56.97 -4.18
N PHE H 1197 31.98 56.41 -4.86
CA PHE H 1197 30.81 57.21 -5.25
C PHE H 1197 30.01 57.72 -4.05
N SER H 1198 30.15 57.09 -2.87
CA SER H 1198 29.42 57.54 -1.69
C SER H 1198 30.24 57.51 -0.42
N LYS H 1199 31.53 57.18 -0.49
CA LYS H 1199 32.48 57.13 0.62
C LYS H 1199 32.10 56.13 1.71
N ARG H 1200 31.18 55.20 1.42
CA ARG H 1200 30.87 54.13 2.35
C ARG H 1200 32.04 53.14 2.41
N ALA H 1201 32.12 52.39 3.50
CA ALA H 1201 33.20 51.44 3.69
C ALA H 1201 32.66 50.11 4.17
N HIS H 1202 33.43 49.06 3.91
CA HIS H 1202 33.16 47.70 4.40
C HIS H 1202 34.48 47.08 4.84
N PHE H 1203 34.69 47.03 6.15
CA PHE H 1203 35.86 46.38 6.74
C PHE H 1203 35.38 45.07 7.35
N ILE H 1204 36.07 43.98 7.05
CA ILE H 1204 35.64 42.67 7.53
C ILE H 1204 36.85 41.74 7.62
N ALA H 1205 36.81 40.86 8.63
CA ALA H 1205 37.92 39.95 8.90
C ALA H 1205 37.96 38.80 7.91
N THR H 1206 39.17 38.45 7.48
CA THR H 1206 39.44 37.32 6.61
C THR H 1206 40.71 36.65 7.10
N ARG H 1207 41.27 35.77 6.27
CA ARG H 1207 42.56 35.15 6.54
C ARG H 1207 43.56 35.57 5.47
N LYS H 1208 44.77 35.96 5.90
CA LYS H 1208 45.75 36.49 4.97
C LYS H 1208 46.35 35.40 4.09
N THR H 1209 46.24 34.13 4.50
CA THR H 1209 46.76 33.04 3.69
C THR H 1209 45.94 32.88 2.41
N LEU H 1210 44.63 33.02 2.50
CA LEU H 1210 43.76 32.88 1.34
C LEU H 1210 42.55 33.78 1.56
N ASP H 1211 42.60 34.98 0.98
CA ASP H 1211 41.53 35.96 1.16
C ASP H 1211 40.27 35.54 0.42
N GLN H 1214 40.89 30.34 -3.22
CA GLN H 1214 40.74 31.63 -3.87
C GLN H 1214 39.29 31.86 -4.21
N LEU H 1215 38.54 30.76 -4.34
CA LEU H 1215 37.11 30.85 -4.60
C LEU H 1215 36.35 31.40 -3.40
N ILE H 1216 36.92 31.28 -2.20
CA ILE H 1216 36.28 31.82 -1.02
C ILE H 1216 36.31 33.34 -0.99
N ASP H 1217 37.20 33.97 -1.77
CA ASP H 1217 37.25 35.43 -1.82
C ASP H 1217 35.99 35.99 -2.49
N LEU H 1218 35.66 35.49 -3.67
CA LEU H 1218 34.48 35.96 -4.38
C LEU H 1218 33.18 35.45 -3.76
N LEU H 1219 33.23 34.37 -2.99
CA LEU H 1219 32.04 33.95 -2.23
C LEU H 1219 31.66 35.02 -1.20
N PHE H 1220 32.63 35.46 -0.39
CA PHE H 1220 32.29 36.46 0.60
C PHE H 1220 32.13 37.84 -0.04
N ARG H 1221 32.77 38.07 -1.19
CA ARG H 1221 32.47 39.27 -1.96
C ARG H 1221 31.02 39.26 -2.45
N TYR H 1222 30.51 38.10 -2.82
CA TYR H 1222 29.16 38.02 -3.35
C TYR H 1222 28.12 38.16 -2.25
N ILE H 1223 28.41 37.63 -1.05
CA ILE H 1223 27.53 37.93 0.08
C ILE H 1223 27.72 39.37 0.56
N PHE H 1224 28.87 39.99 0.28
CA PHE H 1224 29.01 41.43 0.48
C PHE H 1224 28.14 42.22 -0.49
N SER H 1225 27.93 41.70 -1.70
CA SER H 1225 27.25 42.46 -2.74
C SER H 1225 25.75 42.59 -2.45
N TYR H 1226 25.42 43.37 -1.42
CA TYR H 1226 24.05 43.77 -1.13
C TYR H 1226 23.57 44.89 -2.04
N HIS H 1227 24.48 45.56 -2.73
CA HIS H 1227 24.17 46.79 -3.47
C HIS H 1227 24.52 46.68 -4.94
N GLY H 1228 24.57 45.47 -5.49
CA GLY H 1228 24.77 45.27 -6.90
C GLY H 1228 26.22 45.34 -7.33
N PHE H 1229 26.44 44.93 -8.57
CA PHE H 1229 27.78 44.92 -9.14
C PHE H 1229 28.21 46.34 -9.50
N PRO H 1230 29.51 46.63 -9.43
CA PRO H 1230 30.02 47.91 -9.92
C PRO H 1230 30.26 47.84 -11.42
N ARG H 1231 30.80 48.94 -11.95
CA ARG H 1231 31.26 48.96 -13.34
C ARG H 1231 32.68 48.42 -13.44
N THR H 1232 33.61 49.05 -12.73
CA THR H 1232 35.01 48.65 -12.73
C THR H 1232 35.51 48.66 -11.29
N ILE H 1233 36.44 47.74 -10.99
CA ILE H 1233 37.07 47.66 -9.68
C ILE H 1233 38.50 48.18 -9.82
N THR H 1234 38.85 49.16 -8.99
CA THR H 1234 40.10 49.90 -9.12
C THR H 1234 40.98 49.72 -7.88
N SER H 1235 41.13 48.45 -7.46
CA SER H 1235 41.89 48.05 -6.27
C SER H 1235 43.29 48.67 -6.21
N ASP H 1236 44.11 48.37 -7.24
CA ASP H 1236 45.42 49.00 -7.44
C ASP H 1236 46.34 48.79 -6.25
N ARG H 1237 46.35 47.57 -5.70
CA ARG H 1237 47.20 47.25 -4.57
C ARG H 1237 48.50 46.56 -4.97
N ASP H 1238 48.42 45.52 -5.77
CA ASP H 1238 49.59 44.76 -6.22
C ASP H 1238 49.17 43.95 -7.45
N VAL H 1239 50.02 43.00 -7.84
CA VAL H 1239 49.69 42.11 -8.94
C VAL H 1239 48.52 41.21 -8.54
N ARG H 1240 47.57 41.03 -9.45
CA ARG H 1240 46.34 40.31 -9.18
C ARG H 1240 46.15 39.21 -10.22
N MET H 1241 46.38 37.96 -9.82
CA MET H 1241 46.09 36.82 -10.67
C MET H 1241 44.61 36.48 -10.73
N THR H 1242 43.77 37.19 -9.97
CA THR H 1242 42.33 37.00 -9.99
C THR H 1242 41.82 37.82 -11.20
N ALA H 1243 40.50 38.08 -11.26
CA ALA H 1243 39.76 38.74 -12.35
C ALA H 1243 39.67 37.86 -13.59
N ASP H 1244 40.18 36.63 -13.49
CA ASP H 1244 39.87 35.62 -14.50
C ASP H 1244 38.61 34.85 -14.13
N LYS H 1245 38.55 34.36 -12.89
CA LYS H 1245 37.32 33.72 -12.42
C LYS H 1245 36.24 34.76 -12.16
N TYR H 1246 36.62 36.00 -11.84
CA TYR H 1246 35.63 37.08 -11.81
C TYR H 1246 35.07 37.32 -13.21
N GLN H 1247 35.93 37.26 -14.24
CA GLN H 1247 35.46 37.39 -15.61
C GLN H 1247 34.54 36.24 -15.99
N GLU H 1248 34.86 35.03 -15.53
CA GLU H 1248 33.99 33.89 -15.79
C GLU H 1248 32.66 34.02 -15.04
N LEU H 1249 32.70 34.60 -13.83
CA LEU H 1249 31.47 34.89 -13.11
C LEU H 1249 30.60 35.90 -13.85
N THR H 1250 31.23 36.93 -14.40
CA THR H 1250 30.48 37.92 -15.17
C THR H 1250 29.93 37.32 -16.46
N LYS H 1251 30.66 36.39 -17.07
CA LYS H 1251 30.13 35.68 -18.22
C LYS H 1251 28.94 34.81 -17.82
N ARG H 1252 29.02 34.16 -16.66
CA ARG H 1252 27.92 33.38 -16.11
C ARG H 1252 26.77 34.27 -15.64
N LEU H 1253 26.99 35.56 -15.50
CA LEU H 1253 26.01 36.53 -15.03
C LEU H 1253 25.74 37.53 -16.16
N GLY H 1254 25.05 38.61 -15.82
CA GLY H 1254 24.70 39.59 -16.85
C GLY H 1254 25.53 40.87 -16.87
N ILE H 1255 26.39 41.07 -15.89
CA ILE H 1255 27.06 42.35 -15.71
C ILE H 1255 28.44 42.23 -16.36
N LYS H 1256 28.95 43.34 -16.89
CA LYS H 1256 30.29 43.43 -17.47
C LYS H 1256 31.29 44.01 -16.48
N SER H 1257 31.19 43.69 -15.19
CA SER H 1257 32.09 44.22 -14.18
C SER H 1257 33.48 43.62 -14.36
N THR H 1258 34.39 44.37 -14.97
CA THR H 1258 35.77 43.97 -15.11
C THR H 1258 36.61 44.58 -13.98
N MET H 1259 37.60 43.82 -13.54
CA MET H 1259 38.53 44.29 -12.51
C MET H 1259 39.82 44.70 -13.21
N SER H 1260 40.23 45.95 -13.00
CA SER H 1260 41.29 46.56 -13.80
C SER H 1260 42.05 47.54 -12.90
N SER H 1261 42.79 48.46 -13.54
CA SER H 1261 43.56 49.51 -12.87
C SER H 1261 44.62 48.91 -11.95
N ALA H 1262 45.56 48.19 -12.56
CA ALA H 1262 46.69 47.60 -11.86
C ALA H 1262 47.91 48.49 -12.00
N ASN H 1263 48.60 48.72 -10.87
CA ASN H 1263 49.83 49.52 -10.80
C ASN H 1263 49.63 50.95 -11.31
N HIS H 1264 48.49 51.53 -10.97
CA HIS H 1264 48.24 52.94 -11.29
C HIS H 1264 48.83 53.83 -10.19
N PRO H 1265 48.75 55.15 -10.42
CA PRO H 1265 49.27 56.10 -9.45
C PRO H 1265 48.52 57.42 -9.63
N GLN H 1266 47.55 57.67 -8.75
CA GLN H 1266 46.86 58.96 -8.69
C GLN H 1266 47.38 59.82 -7.54
N THR H 1267 47.26 59.31 -6.31
CA THR H 1267 47.83 59.91 -5.09
C THR H 1267 47.34 61.34 -4.88
N ASP H 1268 46.02 61.48 -4.78
CA ASP H 1268 45.39 62.78 -4.52
C ASP H 1268 44.25 62.58 -3.54
N GLY H 1269 44.55 62.70 -2.25
CA GLY H 1269 43.53 62.59 -1.20
C GLY H 1269 43.10 61.20 -0.80
N GLN H 1270 42.82 60.33 -1.78
CA GLN H 1270 42.37 58.97 -1.47
C GLN H 1270 43.47 58.15 -0.81
N SER H 1271 44.73 58.46 -1.13
CA SER H 1271 45.85 57.76 -0.49
C SER H 1271 45.89 58.01 1.00
N GLU H 1272 45.56 59.23 1.42
CA GLU H 1272 45.47 59.56 2.84
C GLU H 1272 44.41 58.73 3.53
N ARG H 1273 43.24 58.57 2.90
CA ARG H 1273 42.17 57.77 3.46
C ARG H 1273 42.55 56.30 3.55
N THR H 1274 43.21 55.77 2.52
CA THR H 1274 43.62 54.37 2.53
C THR H 1274 44.68 54.12 3.60
N ILE H 1275 45.61 55.06 3.78
CA ILE H 1275 46.61 54.93 4.83
C ILE H 1275 45.97 55.00 6.20
N GLN H 1276 45.03 55.94 6.40
CA GLN H 1276 44.38 56.10 7.68
C GLN H 1276 43.37 55.00 7.98
N THR H 1277 43.00 54.19 6.97
CA THR H 1277 42.07 53.09 7.20
C THR H 1277 42.64 52.07 8.18
N LEU H 1278 43.94 51.77 8.06
CA LEU H 1278 44.59 50.81 8.95
C LEU H 1278 44.68 51.31 10.39
N ASN H 1279 44.55 52.62 10.61
CA ASN H 1279 44.67 53.18 11.95
C ASN H 1279 43.51 52.74 12.84
N ARG H 1280 42.28 52.80 12.32
CA ARG H 1280 41.12 52.35 13.10
C ARG H 1280 41.21 50.87 13.41
N LEU H 1281 41.73 50.08 12.47
CA LEU H 1281 41.86 48.64 12.70
C LEU H 1281 42.95 48.37 13.74
N LEU H 1282 44.00 49.19 13.76
CA LEU H 1282 45.00 49.08 14.82
C LEU H 1282 44.42 49.44 16.18
N ARG H 1283 43.54 50.45 16.21
CA ARG H 1283 42.86 50.78 17.47
C ARG H 1283 41.96 49.65 17.93
N ALA H 1284 41.27 49.00 16.98
CA ALA H 1284 40.46 47.82 17.33
C ALA H 1284 41.32 46.66 17.80
N TYR H 1285 42.52 46.54 17.23
CA TYR H 1285 43.50 45.55 17.69
C TYR H 1285 43.92 45.85 19.13
N ALA H 1286 44.10 47.13 19.47
CA ALA H 1286 44.57 47.50 20.79
C ALA H 1286 43.56 47.19 21.90
N SER H 1287 42.31 46.89 21.54
CA SER H 1287 41.30 46.54 22.54
C SER H 1287 41.67 45.23 23.25
N THR H 1288 41.69 44.12 22.52
CA THR H 1288 41.95 42.81 23.08
C THR H 1288 42.30 41.85 21.95
N ASN H 1289 42.60 40.61 22.32
CA ASN H 1289 42.90 39.54 21.37
C ASN H 1289 41.96 38.35 21.48
N ILE H 1290 41.50 38.00 22.67
CA ILE H 1290 40.50 36.96 22.85
C ILE H 1290 39.11 37.62 22.90
N GLN H 1291 38.18 37.07 22.11
CA GLN H 1291 36.90 37.72 21.81
C GLN H 1291 37.12 39.14 21.30
N ASN H 1292 38.07 39.27 20.37
CA ASN H 1292 38.58 40.55 19.91
C ASN H 1292 37.67 41.19 18.87
N TRP H 1293 38.23 42.15 18.11
CA TRP H 1293 37.53 42.98 17.14
C TRP H 1293 36.60 42.22 16.19
N HIS H 1294 36.85 40.93 15.96
CA HIS H 1294 35.90 40.11 15.20
C HIS H 1294 34.56 40.02 15.92
N VAL H 1295 34.56 40.15 17.25
CA VAL H 1295 33.35 40.48 18.00
C VAL H 1295 33.19 41.99 17.95
N TYR H 1296 32.00 42.43 17.56
CA TYR H 1296 31.57 43.83 17.51
C TYR H 1296 32.31 44.67 16.48
N LEU H 1297 33.03 44.06 15.53
CA LEU H 1297 33.56 44.82 14.41
C LEU H 1297 32.46 45.40 13.50
N PRO H 1298 31.31 44.73 13.28
CA PRO H 1298 30.19 45.45 12.66
C PRO H 1298 29.77 46.71 13.41
N GLN H 1299 29.81 46.69 14.75
CA GLN H 1299 29.51 47.91 15.50
C GLN H 1299 30.61 48.95 15.32
N ILE H 1300 31.86 48.50 15.12
CA ILE H 1300 32.94 49.42 14.79
C ILE H 1300 32.66 50.11 13.46
N GLU H 1301 32.19 49.35 12.48
CA GLU H 1301 31.84 49.97 11.20
C GLU H 1301 30.63 50.89 11.33
N PHE H 1302 29.65 50.50 12.14
CA PHE H 1302 28.46 51.31 12.36
C PHE H 1302 28.82 52.67 12.96
N VAL H 1303 29.39 52.67 14.16
CA VAL H 1303 29.99 53.93 14.59
C VAL H 1303 31.47 53.94 14.19
N TYR H 1304 31.70 53.92 12.90
CA TYR H 1304 32.77 54.50 12.10
C TYR H 1304 32.22 55.34 10.97
N ASN H 1305 31.16 54.87 10.32
CA ASN H 1305 30.49 55.68 9.30
C ASN H 1305 29.27 56.42 9.85
N SER H 1306 29.02 56.34 11.15
CA SER H 1306 27.99 57.18 11.77
C SER H 1306 28.58 58.49 12.28
N THR H 1307 29.30 59.19 11.39
CA THR H 1307 29.89 60.48 11.69
C THR H 1307 30.07 61.23 10.38
N PRO H 1308 29.91 62.55 10.38
CA PRO H 1308 30.12 63.32 9.14
C PRO H 1308 31.59 63.43 8.80
N THR H 1309 31.90 63.31 7.51
CA THR H 1309 33.27 63.43 7.02
C THR H 1309 33.66 64.90 7.03
N ARG H 1310 34.40 65.31 8.09
CA ARG H 1310 34.91 66.65 8.38
C ARG H 1310 33.91 67.78 8.09
N THR H 1311 32.62 67.51 8.32
CA THR H 1311 31.47 68.41 8.22
C THR H 1311 31.19 68.83 6.77
N LEU H 1312 32.07 68.46 5.84
CA LEU H 1312 31.81 68.72 4.42
C LEU H 1312 30.77 67.76 3.87
N GLY H 1313 30.86 66.48 4.24
CA GLY H 1313 29.88 65.50 3.81
C GLY H 1313 29.27 64.81 5.00
N LYS H 1314 27.99 64.49 4.87
CA LYS H 1314 27.25 63.88 5.97
C LYS H 1314 27.60 62.38 6.08
N SER H 1315 26.98 61.73 7.06
CA SER H 1315 27.27 60.32 7.31
C SER H 1315 26.73 59.45 6.17
N PRO H 1316 27.45 58.38 5.82
CA PRO H 1316 26.99 57.51 4.73
C PRO H 1316 25.65 56.83 4.96
N PHE H 1317 25.20 56.63 6.21
CA PHE H 1317 23.89 56.06 6.44
C PHE H 1317 22.77 56.95 5.94
N GLU H 1318 22.74 58.21 6.36
CA GLU H 1318 21.63 59.08 6.00
C GLU H 1318 21.93 59.92 4.76
N ILE H 1319 23.08 59.71 4.12
CA ILE H 1319 23.27 60.29 2.79
C ILE H 1319 22.49 59.48 1.76
N ASP H 1320 22.18 58.22 2.07
CA ASP H 1320 21.41 57.35 1.19
C ASP H 1320 20.08 56.94 1.79
N LEU H 1321 20.11 56.38 3.00
CA LEU H 1321 18.89 55.91 3.66
C LEU H 1321 18.25 57.05 4.43
N GLY H 1322 17.26 56.73 5.27
CA GLY H 1322 16.64 57.76 6.08
C GLY H 1322 17.57 58.27 7.16
N TYR H 1323 17.86 57.46 8.18
CA TYR H 1323 18.95 57.77 9.09
C TYR H 1323 19.79 56.57 9.49
N LEU H 1324 19.25 55.33 9.47
CA LEU H 1324 19.81 54.15 10.10
C LEU H 1324 20.11 54.46 11.56
N PRO H 1325 19.07 54.52 12.41
CA PRO H 1325 19.24 55.06 13.77
C PRO H 1325 20.19 54.25 14.62
N ASN H 1326 20.87 54.94 15.54
CA ASN H 1326 21.81 54.32 16.47
C ASN H 1326 21.09 53.82 17.72
N THR H 1327 20.26 54.66 18.32
CA THR H 1327 19.55 54.38 19.56
C THR H 1327 20.41 53.85 20.70
N PRO H 1328 21.38 54.63 21.19
CA PRO H 1328 22.20 54.19 22.34
C PRO H 1328 21.68 54.65 23.69
N ALA H 1329 20.42 55.10 23.79
CA ALA H 1329 19.95 55.90 24.91
C ALA H 1329 20.02 55.16 26.25
N ILE H 1330 19.69 53.88 26.27
CA ILE H 1330 19.70 53.09 27.50
C ILE H 1330 20.97 52.25 27.54
N LYS H 1331 21.84 52.53 28.50
CA LYS H 1331 23.08 51.78 28.67
C LYS H 1331 23.41 51.43 30.11
N SER H 1332 22.77 52.04 31.11
CA SER H 1332 23.08 51.81 32.52
C SER H 1332 21.83 51.27 33.21
N ASP H 1333 21.64 49.96 33.14
CA ASP H 1333 20.54 49.29 33.84
C ASP H 1333 20.98 47.94 34.39
N ASP H 1334 22.26 47.84 34.80
CA ASP H 1334 22.86 46.57 35.21
C ASP H 1334 22.57 46.19 36.65
N GLU H 1335 21.53 46.77 37.27
CA GLU H 1335 21.20 46.44 38.65
C GLU H 1335 20.77 44.99 38.80
N VAL H 1336 19.92 44.50 37.90
CA VAL H 1336 19.41 43.13 37.94
C VAL H 1336 19.73 42.38 36.66
N ASN H 1337 19.54 43.02 35.49
CA ASN H 1337 19.73 42.42 34.16
C ASN H 1337 18.88 41.16 33.98
N ALA H 1338 17.72 41.12 34.63
CA ALA H 1338 16.79 39.99 34.63
C ALA H 1338 17.46 38.65 34.97
N THR H 1342 30.43 39.97 32.94
CA THR H 1342 31.53 40.69 32.31
C THR H 1342 31.79 40.17 30.90
N ALA H 1343 30.83 39.39 30.38
CA ALA H 1343 30.89 38.95 28.99
C ALA H 1343 29.52 38.89 28.32
N VAL H 1344 28.45 39.34 28.99
CA VAL H 1344 27.10 39.12 28.48
C VAL H 1344 26.39 40.46 28.27
N GLU H 1345 26.28 41.26 29.33
CA GLU H 1345 25.55 42.53 29.28
C GLU H 1345 26.45 43.73 29.51
N LEU H 1346 27.25 43.72 30.59
CA LEU H 1346 27.99 44.90 31.00
C LEU H 1346 29.10 45.23 30.01
N ALA H 1347 30.03 44.30 29.83
CA ALA H 1347 31.21 44.53 28.99
C ALA H 1347 30.85 44.77 27.53
N LYS H 1348 29.69 44.29 27.08
CA LYS H 1348 29.28 44.54 25.70
C LYS H 1348 29.01 46.03 25.48
N HIS H 1349 28.23 46.66 26.35
CA HIS H 1349 27.95 48.08 26.18
C HIS H 1349 29.14 48.95 26.60
N LEU H 1350 29.98 48.47 27.53
CA LEU H 1350 31.26 49.15 27.76
C LEU H 1350 32.13 49.12 26.51
N LYS H 1351 32.15 48.00 25.79
CA LYS H 1351 32.93 47.91 24.55
C LYS H 1351 32.34 48.80 23.47
N ALA H 1352 31.01 48.91 23.44
CA ALA H 1352 30.36 49.82 22.50
C ALA H 1352 30.75 51.27 22.77
N LEU H 1353 30.71 51.67 24.05
CA LEU H 1353 31.12 53.04 24.42
C LEU H 1353 32.60 53.26 24.15
N THR H 1354 33.42 52.23 24.37
CA THR H 1354 34.85 52.33 24.09
C THR H 1354 35.11 52.50 22.59
N ILE H 1355 34.35 51.80 21.75
CA ILE H 1355 34.47 51.96 20.31
C ILE H 1355 34.02 53.35 19.88
N GLN H 1356 32.97 53.88 20.52
CA GLN H 1356 32.55 55.25 20.22
C GLN H 1356 33.63 56.27 20.60
N THR H 1357 34.26 56.09 21.76
CA THR H 1357 35.36 56.98 22.13
C THR H 1357 36.54 56.82 21.18
N LYS H 1358 36.80 55.59 20.72
CA LYS H 1358 37.90 55.34 19.81
C LYS H 1358 37.68 56.02 18.46
N GLU H 1359 36.45 55.95 17.94
CA GLU H 1359 36.18 56.61 16.66
C GLU H 1359 36.15 58.13 16.81
N GLN H 1360 35.73 58.63 17.98
CA GLN H 1360 35.85 60.07 18.25
C GLN H 1360 37.30 60.51 18.26
N LEU H 1361 38.17 59.70 18.89
CA LEU H 1361 39.61 60.02 18.91
C LEU H 1361 40.21 59.94 17.50
N GLU H 1362 39.78 58.96 16.70
CA GLU H 1362 40.27 58.86 15.32
C GLU H 1362 39.82 60.04 14.48
N HIS H 1363 38.57 60.48 14.67
CA HIS H 1363 38.07 61.66 13.96
C HIS H 1363 38.85 62.92 14.37
N ALA H 1364 39.13 63.05 15.67
CA ALA H 1364 39.93 64.18 16.14
C ALA H 1364 41.34 64.14 15.57
N GLN H 1365 41.95 62.95 15.52
CA GLN H 1365 43.32 62.85 15.03
C GLN H 1365 43.40 63.09 13.52
N ILE H 1366 42.38 62.67 12.76
CA ILE H 1366 42.43 62.91 11.32
C ILE H 1366 42.14 64.38 11.02
N GLU H 1367 41.25 65.03 11.79
CA GLU H 1367 41.00 66.44 11.52
C GLU H 1367 42.18 67.30 11.94
N MET H 1368 42.87 66.94 13.02
CA MET H 1368 44.07 67.70 13.38
C MET H 1368 45.23 67.39 12.44
N GLU H 1369 45.28 66.17 11.88
CA GLU H 1369 46.27 65.84 10.86
C GLU H 1369 46.05 66.66 9.59
N THR H 1370 44.79 66.82 9.19
CA THR H 1370 44.47 67.66 8.04
C THR H 1370 44.76 69.13 8.32
N ASN H 1371 44.50 69.58 9.56
CA ASN H 1371 44.80 70.96 9.93
C ASN H 1371 46.30 71.24 9.91
N ASN H 1372 47.11 70.29 10.41
CA ASN H 1372 48.55 70.51 10.44
C ASN H 1372 49.18 70.35 9.06
N ASN H 1373 48.71 69.38 8.27
CA ASN H 1373 49.34 69.10 6.98
C ASN H 1373 48.98 70.14 5.94
N GLN H 1374 47.73 70.58 5.90
CA GLN H 1374 47.31 71.59 4.93
C GLN H 1374 47.51 72.99 5.47
N THR I 421 40.02 -54.84 -39.48
CA THR I 421 40.63 -55.85 -40.32
C THR I 421 41.05 -57.07 -39.50
N VAL I 422 41.27 -58.20 -40.17
CA VAL I 422 41.68 -59.41 -39.47
C VAL I 422 43.13 -59.30 -39.00
N GLU I 423 43.94 -58.45 -39.63
CA GLU I 423 45.31 -58.26 -39.18
C GLU I 423 45.36 -57.55 -37.84
N GLU I 424 44.43 -56.63 -37.59
CA GLU I 424 44.31 -56.01 -36.28
C GLU I 424 43.94 -57.05 -35.23
N MET I 425 43.05 -57.99 -35.59
CA MET I 425 42.70 -59.07 -34.67
C MET I 425 43.89 -59.98 -34.39
N ILE I 426 44.72 -60.25 -35.40
CA ILE I 426 45.92 -61.05 -35.21
C ILE I 426 46.90 -60.33 -34.29
N LYS I 427 47.07 -59.02 -34.49
CA LYS I 427 47.94 -58.23 -33.63
C LYS I 427 47.44 -58.19 -32.19
N PHE I 428 46.12 -58.09 -32.01
CA PHE I 428 45.54 -58.11 -30.67
C PHE I 428 45.70 -59.48 -30.02
N TYR I 429 45.59 -60.55 -30.81
CA TYR I 429 45.88 -61.89 -30.31
C TYR I 429 47.31 -62.00 -29.82
N LYS I 430 48.25 -61.46 -30.60
CA LYS I 430 49.65 -61.48 -30.20
C LYS I 430 49.89 -60.64 -28.94
N ALA I 431 49.21 -59.50 -28.84
CA ALA I 431 49.35 -58.64 -27.67
C ALA I 431 48.81 -59.31 -26.42
N LEU I 432 47.66 -59.97 -26.51
CA LEU I 432 47.12 -60.67 -25.35
C LEU I 432 47.89 -61.94 -25.02
N SER I 433 48.56 -62.53 -26.01
CA SER I 433 49.44 -63.67 -25.73
C SER I 433 50.76 -63.24 -25.10
N MET I 434 51.21 -62.01 -25.38
CA MET I 434 52.48 -61.54 -24.84
C MET I 434 52.40 -61.30 -23.35
N TRP I 435 51.55 -60.38 -22.92
CA TRP I 435 51.43 -59.98 -21.53
C TRP I 435 50.00 -60.24 -21.04
N GLY I 436 49.71 -59.76 -19.84
CA GLY I 436 48.36 -59.85 -19.30
C GLY I 436 47.46 -58.77 -19.85
N THR I 437 46.69 -58.12 -18.99
CA THR I 437 45.85 -57.01 -19.42
C THR I 437 46.71 -55.76 -19.64
N ASP I 438 46.58 -55.16 -20.81
CA ASP I 438 47.35 -53.97 -21.20
C ASP I 438 46.44 -52.97 -21.88
N PHE I 439 45.29 -52.69 -21.25
CA PHE I 439 44.26 -51.84 -21.86
C PHE I 439 44.78 -50.43 -22.12
N ASN I 440 45.53 -49.87 -21.17
CA ASN I 440 46.11 -48.54 -21.37
C ASN I 440 47.17 -48.56 -22.48
N LEU I 441 47.95 -49.63 -22.55
CA LEU I 441 49.03 -49.71 -23.54
C LEU I 441 48.47 -49.78 -24.96
N ILE I 442 47.50 -50.65 -25.20
CA ILE I 442 46.93 -50.76 -26.54
C ILE I 442 46.01 -49.59 -26.83
N SER I 443 45.44 -48.96 -25.79
CA SER I 443 44.64 -47.76 -26.01
C SER I 443 45.51 -46.59 -26.45
N GLN I 444 46.70 -46.44 -25.86
CA GLN I 444 47.62 -45.39 -26.27
C GLN I 444 48.32 -45.71 -27.58
N LEU I 445 48.50 -47.01 -27.89
CA LEU I 445 49.11 -47.40 -29.15
C LEU I 445 48.21 -47.05 -30.34
N TYR I 446 46.90 -47.26 -30.19
CA TYR I 446 45.95 -46.96 -31.25
C TYR I 446 45.07 -45.80 -30.80
N PRO I 447 45.31 -44.57 -31.28
CA PRO I 447 44.56 -43.42 -30.76
C PRO I 447 43.18 -43.26 -31.37
N TYR I 448 42.44 -44.36 -31.48
CA TYR I 448 41.06 -44.32 -31.94
C TYR I 448 40.16 -45.29 -31.19
N ARG I 449 40.68 -45.98 -30.18
CA ARG I 449 39.94 -46.95 -29.38
C ARG I 449 39.67 -46.37 -27.99
N SER I 450 39.09 -47.20 -27.13
CA SER I 450 38.81 -46.81 -25.76
C SER I 450 38.80 -48.04 -24.87
N ARG I 451 38.48 -47.84 -23.59
CA ARG I 451 38.40 -48.95 -22.64
C ARG I 451 37.24 -49.88 -22.99
N LYS I 452 36.13 -49.31 -23.48
CA LYS I 452 34.95 -50.11 -23.78
C LYS I 452 35.21 -51.09 -24.92
N GLN I 453 35.93 -50.66 -25.95
CA GLN I 453 36.19 -51.53 -27.09
C GLN I 453 37.09 -52.70 -26.71
N VAL I 454 38.16 -52.44 -25.95
CA VAL I 454 39.07 -53.51 -25.57
C VAL I 454 38.41 -54.44 -24.54
N LYS I 455 37.58 -53.89 -23.66
CA LYS I 455 36.80 -54.72 -22.75
C LYS I 455 35.83 -55.61 -23.53
N ALA I 456 35.20 -55.05 -24.56
CA ALA I 456 34.27 -55.81 -25.40
C ALA I 456 34.98 -56.94 -26.13
N LYS I 457 36.15 -56.67 -26.69
CA LYS I 457 36.86 -57.71 -27.43
C LYS I 457 37.41 -58.77 -26.48
N PHE I 458 37.80 -58.37 -25.26
CA PHE I 458 38.20 -59.37 -24.26
C PHE I 458 37.02 -60.25 -23.88
N VAL I 459 35.83 -59.66 -23.71
CA VAL I 459 34.65 -60.44 -23.35
C VAL I 459 34.27 -61.41 -24.47
N ASN I 460 34.27 -60.94 -25.72
CA ASN I 460 33.86 -61.83 -26.80
C ASN I 460 34.96 -62.79 -27.25
N GLU I 461 36.20 -62.60 -26.82
CA GLU I 461 37.24 -63.58 -27.08
C GLU I 461 37.49 -64.55 -25.94
N GLU I 462 37.04 -64.22 -24.72
CA GLU I 462 37.19 -65.14 -23.60
C GLU I 462 36.29 -66.36 -23.73
N LYS I 463 35.20 -66.26 -24.47
CA LYS I 463 34.20 -67.32 -24.55
C LYS I 463 34.27 -68.13 -25.84
N LYS I 464 34.38 -67.48 -27.00
CA LYS I 464 34.22 -68.17 -28.27
C LYS I 464 35.47 -68.94 -28.70
N ARG I 465 36.61 -68.71 -28.08
CA ARG I 465 37.86 -69.37 -28.45
C ARG I 465 38.51 -69.97 -27.20
N PRO I 466 38.00 -71.11 -26.73
CA PRO I 466 38.58 -71.72 -25.51
C PRO I 466 40.01 -72.20 -25.68
N ILE I 467 40.42 -72.60 -26.88
CA ILE I 467 41.78 -73.06 -27.08
C ILE I 467 42.77 -71.90 -27.14
N LEU I 468 42.32 -70.76 -27.67
CA LEU I 468 43.24 -69.62 -27.83
C LEU I 468 43.57 -68.96 -26.50
N ILE I 469 42.60 -68.87 -25.58
CA ILE I 469 42.88 -68.27 -24.29
C ILE I 469 43.85 -69.14 -23.49
N GLU I 470 43.67 -70.46 -23.54
CA GLU I 470 44.60 -71.37 -22.88
C GLU I 470 45.98 -71.33 -23.54
N LEU I 471 46.01 -71.21 -24.87
CA LEU I 471 47.28 -71.11 -25.59
C LEU I 471 48.02 -69.82 -25.22
N ALA I 472 47.30 -68.71 -25.08
CA ALA I 472 47.91 -67.47 -24.62
C ALA I 472 48.40 -67.59 -23.18
N LEU I 473 47.65 -68.31 -22.34
CA LEU I 473 48.06 -68.52 -20.96
C LEU I 473 49.35 -69.33 -20.87
N ARG I 474 49.47 -70.36 -21.70
CA ARG I 474 50.63 -71.25 -21.66
C ARG I 474 51.76 -70.82 -22.59
N SER I 475 51.58 -69.74 -23.36
CA SER I 475 52.63 -69.27 -24.26
C SER I 475 53.49 -68.19 -23.61
N LYS I 476 52.89 -67.05 -23.26
CA LYS I 476 53.54 -65.91 -22.61
C LYS I 476 54.75 -65.42 -23.42
N LEU I 477 54.45 -64.91 -24.61
CA LEU I 477 55.49 -64.40 -25.51
C LEU I 477 56.18 -63.18 -24.90
N PRO I 478 57.48 -63.00 -25.17
CA PRO I 478 58.17 -61.83 -24.64
C PRO I 478 57.67 -60.54 -25.28
N PRO I 479 57.71 -59.42 -24.57
CA PRO I 479 57.26 -58.15 -25.15
C PRO I 479 58.26 -57.54 -26.10
N ASN I 480 58.41 -58.14 -27.29
CA ASN I 480 59.34 -57.67 -28.30
C ASN I 480 58.68 -56.76 -29.33
N PHE I 481 57.44 -56.38 -29.13
CA PHE I 481 56.67 -55.64 -30.11
C PHE I 481 56.09 -54.34 -29.56
N ASP I 482 55.62 -54.35 -28.31
CA ASP I 482 54.97 -53.17 -27.73
C ASP I 482 55.97 -52.05 -27.46
N GLU I 483 57.17 -52.40 -26.99
CA GLU I 483 58.18 -51.39 -26.68
C GLU I 483 58.64 -50.67 -27.94
N TYR I 484 58.81 -51.40 -29.04
CA TYR I 484 59.17 -50.76 -30.29
C TYR I 484 58.00 -49.99 -30.88
N CYS I 485 56.78 -50.50 -30.73
CA CYS I 485 55.61 -49.82 -31.28
C CYS I 485 55.24 -48.57 -30.50
N CYS I 486 55.70 -48.44 -29.25
CA CYS I 486 55.38 -47.24 -28.47
C CYS I 486 56.18 -46.01 -28.90
N GLU I 487 57.15 -46.16 -29.80
CA GLU I 487 58.02 -45.06 -30.17
C GLU I 487 57.85 -44.59 -31.61
N ILE I 488 57.15 -45.35 -32.46
CA ILE I 488 57.06 -44.99 -33.87
C ILE I 488 56.18 -43.76 -34.07
N LYS I 489 55.06 -43.68 -33.36
CA LYS I 489 54.12 -42.58 -33.53
C LYS I 489 54.08 -41.61 -32.37
N LYS I 490 54.46 -42.03 -31.17
CA LYS I 490 54.49 -41.13 -30.02
C LYS I 490 55.73 -40.24 -30.05
N SER J 61 5.03 -76.20 -14.65
CA SER J 61 4.78 -76.85 -13.37
C SER J 61 6.05 -77.45 -12.80
N GLY J 62 6.61 -78.43 -13.51
CA GLY J 62 7.83 -79.09 -13.11
C GLY J 62 9.11 -78.39 -13.50
N ILE J 63 9.01 -77.22 -14.14
CA ILE J 63 10.19 -76.50 -14.56
C ILE J 63 10.90 -75.89 -13.36
N VAL J 64 12.19 -76.14 -13.26
CA VAL J 64 13.01 -75.62 -12.16
C VAL J 64 13.81 -74.43 -12.68
N PRO J 65 13.91 -73.33 -11.93
CA PRO J 65 14.78 -72.23 -12.33
C PRO J 65 16.25 -72.64 -12.28
N THR J 66 17.02 -72.06 -13.19
CA THR J 66 18.44 -72.39 -13.34
C THR J 66 19.27 -71.40 -12.54
N LEU J 67 20.12 -71.92 -11.66
CA LEU J 67 21.06 -71.09 -10.91
C LEU J 67 22.08 -70.48 -11.87
N GLN J 68 22.02 -69.16 -12.03
CA GLN J 68 22.74 -68.48 -13.11
C GLN J 68 23.82 -67.54 -12.62
N ASN J 69 23.51 -66.63 -11.68
CA ASN J 69 24.49 -65.68 -11.18
C ASN J 69 24.31 -65.50 -9.68
N ILE J 70 25.42 -65.32 -8.97
CA ILE J 70 25.44 -65.13 -7.53
C ILE J 70 26.29 -63.91 -7.21
N VAL J 71 25.78 -63.04 -6.33
CA VAL J 71 26.50 -61.85 -5.87
C VAL J 71 26.78 -62.01 -4.38
N ALA J 72 28.05 -61.92 -4.00
CA ALA J 72 28.46 -62.10 -2.62
C ALA J 72 29.63 -61.17 -2.31
N THR J 73 29.85 -60.92 -1.02
CA THR J 73 30.97 -60.10 -0.59
C THR J 73 31.59 -60.68 0.69
N VAL J 74 32.87 -60.35 0.88
CA VAL J 74 33.63 -60.71 2.07
C VAL J 74 34.49 -59.52 2.48
N THR J 75 34.90 -59.51 3.74
CA THR J 75 35.83 -58.50 4.27
C THR J 75 37.10 -59.19 4.74
N LEU J 76 38.24 -58.64 4.34
CA LEU J 76 39.54 -59.19 4.73
C LEU J 76 40.09 -58.59 6.02
N GLY J 77 39.47 -57.54 6.54
CA GLY J 77 39.86 -56.96 7.81
C GLY J 77 41.23 -56.31 7.87
N CYS J 78 41.55 -55.51 6.85
CA CYS J 78 42.82 -54.78 6.86
C CYS J 78 42.66 -53.51 6.01
N ARG J 79 43.18 -52.40 6.53
CA ARG J 79 43.10 -51.11 5.84
C ARG J 79 44.30 -50.93 4.91
N LEU J 80 44.34 -51.76 3.87
CA LEU J 80 45.47 -51.82 2.97
C LEU J 80 45.32 -50.80 1.84
N ASP J 81 46.34 -50.71 1.00
CA ASP J 81 46.29 -50.01 -0.27
C ASP J 81 46.37 -51.02 -1.41
N LEU J 82 45.76 -50.67 -2.54
CA LEU J 82 45.68 -51.59 -3.65
C LEU J 82 46.68 -51.29 -4.77
N LYS J 83 47.48 -50.23 -4.65
CA LYS J 83 48.54 -50.01 -5.62
C LYS J 83 49.61 -51.10 -5.51
N THR J 84 49.88 -51.57 -4.30
CA THR J 84 50.81 -52.68 -4.10
C THR J 84 50.29 -53.94 -4.76
N VAL J 85 48.98 -54.21 -4.64
CA VAL J 85 48.38 -55.37 -5.28
C VAL J 85 48.40 -55.22 -6.80
N ALA J 86 48.12 -54.02 -7.30
CA ALA J 86 48.07 -53.79 -8.74
C ALA J 86 49.45 -53.89 -9.38
N LEU J 87 50.49 -53.46 -8.65
CA LEU J 87 51.84 -53.53 -9.19
C LEU J 87 52.34 -54.96 -9.33
N HIS J 88 51.75 -55.91 -8.60
CA HIS J 88 52.11 -57.32 -8.68
C HIS J 88 50.84 -58.13 -8.92
N ALA J 89 50.44 -58.25 -10.18
CA ALA J 89 49.22 -58.98 -10.53
C ALA J 89 49.35 -59.48 -11.96
N ARG J 90 48.97 -60.75 -12.18
CA ARG J 90 49.03 -61.32 -13.51
C ARG J 90 47.96 -60.72 -14.42
N ASN J 91 46.73 -60.63 -13.93
CA ASN J 91 45.60 -60.11 -14.71
C ASN J 91 44.72 -59.28 -13.78
N ALA J 92 44.84 -57.96 -13.88
CA ALA J 92 44.06 -57.05 -13.06
C ALA J 92 43.99 -55.70 -13.73
N GLU J 93 42.76 -55.21 -13.97
CA GLU J 93 42.56 -53.87 -14.52
C GLU J 93 42.43 -52.88 -13.38
N TYR J 94 43.13 -51.75 -13.50
CA TYR J 94 43.10 -50.73 -12.45
C TYR J 94 43.42 -49.38 -13.07
N ASN J 95 42.70 -48.36 -12.62
CA ASN J 95 42.92 -46.98 -13.05
C ASN J 95 42.90 -46.10 -11.82
N PRO J 96 44.07 -45.64 -11.34
CA PRO J 96 44.10 -44.82 -10.11
C PRO J 96 43.34 -43.51 -10.20
N LYS J 97 43.28 -42.89 -11.39
CA LYS J 97 42.63 -41.59 -11.50
C LYS J 97 41.13 -41.69 -11.32
N ARG J 98 40.53 -42.83 -11.67
CA ARG J 98 39.08 -42.98 -11.51
C ARG J 98 38.72 -43.33 -10.08
N PHE J 99 39.12 -44.53 -9.63
CA PHE J 99 38.95 -45.03 -8.27
C PHE J 99 40.26 -45.56 -7.75
N ALA J 100 40.22 -46.11 -6.54
CA ALA J 100 41.33 -46.86 -5.95
C ALA J 100 41.03 -48.35 -5.89
N ALA J 101 40.04 -48.82 -6.66
CA ALA J 101 39.61 -50.21 -6.64
C ALA J 101 40.06 -50.93 -7.90
N VAL J 102 40.49 -52.18 -7.74
CA VAL J 102 41.11 -52.96 -8.81
C VAL J 102 40.15 -54.07 -9.24
N ILE J 103 39.87 -54.12 -10.54
CA ILE J 103 39.13 -55.23 -11.13
C ILE J 103 40.13 -56.26 -11.63
N MET J 104 40.03 -57.49 -11.15
CA MET J 104 40.91 -58.57 -11.55
C MET J 104 40.11 -59.71 -12.15
N ARG J 105 40.63 -60.28 -13.23
CA ARG J 105 39.96 -61.34 -13.96
C ARG J 105 40.80 -62.60 -13.93
N ILE J 106 40.18 -63.74 -13.61
CA ILE J 106 40.83 -65.03 -13.58
C ILE J 106 40.05 -65.98 -14.48
N ARG J 107 40.76 -66.90 -15.13
CA ARG J 107 40.10 -67.84 -16.05
C ARG J 107 39.15 -68.76 -15.30
N GLU J 108 39.57 -69.31 -14.17
CA GLU J 108 38.73 -70.20 -13.39
C GLU J 108 38.62 -69.69 -11.96
N PRO J 109 37.46 -69.83 -11.32
CA PRO J 109 36.20 -70.39 -11.83
C PRO J 109 35.28 -69.35 -12.45
N LYS J 110 35.83 -68.49 -13.32
CA LYS J 110 35.09 -67.46 -14.07
C LYS J 110 34.43 -66.47 -13.11
N THR J 111 35.27 -65.78 -12.34
CA THR J 111 34.82 -64.75 -11.42
C THR J 111 35.60 -63.47 -11.68
N THR J 112 34.96 -62.33 -11.42
CA THR J 112 35.52 -61.01 -11.66
C THR J 112 35.29 -60.13 -10.43
N ALA J 113 35.70 -60.64 -9.27
CA ALA J 113 35.49 -59.94 -8.01
C ALA J 113 36.27 -58.64 -7.95
N LEU J 114 35.68 -57.65 -7.28
CA LEU J 114 36.23 -56.31 -7.18
C LEU J 114 36.72 -56.06 -5.77
N ILE J 115 38.01 -55.75 -5.62
CA ILE J 115 38.63 -55.51 -4.33
C ILE J 115 38.62 -54.01 -4.05
N PHE J 116 38.52 -53.66 -2.77
CA PHE J 116 38.43 -52.28 -2.34
C PHE J 116 39.53 -51.98 -1.32
N ALA J 117 39.91 -50.69 -1.25
CA ALA J 117 40.96 -50.27 -0.33
C ALA J 117 40.53 -50.39 1.13
N SER J 118 39.23 -50.48 1.39
CA SER J 118 38.74 -50.69 2.76
C SER J 118 39.03 -52.09 3.28
N GLY J 119 39.46 -53.02 2.43
CA GLY J 119 39.73 -54.36 2.86
C GLY J 119 38.60 -55.35 2.61
N LYS J 120 37.73 -55.08 1.64
CA LYS J 120 36.62 -55.96 1.34
C LYS J 120 36.55 -56.19 -0.17
N MET J 121 36.05 -57.38 -0.54
CA MET J 121 35.93 -57.78 -1.92
C MET J 121 34.52 -58.28 -2.18
N VAL J 122 33.93 -57.88 -3.30
CA VAL J 122 32.60 -58.31 -3.71
C VAL J 122 32.75 -59.34 -4.81
N VAL J 123 32.36 -60.58 -4.55
CA VAL J 123 32.52 -61.66 -5.51
C VAL J 123 31.27 -61.74 -6.37
N THR J 124 31.44 -61.60 -7.68
CA THR J 124 30.34 -61.63 -8.64
C THR J 124 30.73 -62.49 -9.83
N GLY J 125 29.71 -62.94 -10.55
CA GLY J 125 29.91 -63.69 -11.77
C GLY J 125 30.11 -65.18 -11.59
N ALA J 126 30.10 -65.69 -10.36
CA ALA J 126 30.28 -67.11 -10.12
C ALA J 126 29.03 -67.88 -10.54
N LYS J 127 29.24 -69.03 -11.19
CA LYS J 127 28.11 -69.87 -11.59
C LYS J 127 27.53 -70.64 -10.41
N SER J 128 28.36 -71.03 -9.45
CA SER J 128 27.93 -71.83 -8.32
C SER J 128 28.40 -71.21 -7.01
N GLU J 129 27.68 -71.55 -5.94
CA GLU J 129 28.03 -71.05 -4.61
C GLU J 129 29.36 -71.63 -4.13
N ASP J 130 29.64 -72.88 -4.50
CA ASP J 130 30.95 -73.46 -4.25
C ASP J 130 32.04 -72.70 -4.99
N ASP J 131 31.77 -72.35 -6.25
CA ASP J 131 32.76 -71.64 -7.06
C ASP J 131 33.04 -70.26 -6.50
N SER J 132 32.02 -69.58 -5.95
CA SER J 132 32.20 -68.25 -5.39
C SER J 132 33.13 -68.29 -4.19
N LYS J 133 32.87 -69.19 -3.23
CA LYS J 133 33.72 -69.28 -2.06
C LYS J 133 35.11 -69.81 -2.39
N LEU J 134 35.21 -70.71 -3.38
CA LEU J 134 36.53 -71.18 -3.80
C LEU J 134 37.35 -70.07 -4.45
N ALA J 135 36.70 -69.23 -5.27
CA ALA J 135 37.39 -68.09 -5.85
C ALA J 135 37.80 -67.08 -4.78
N SER J 136 36.94 -66.87 -3.78
CA SER J 136 37.28 -66.00 -2.67
C SER J 136 38.48 -66.55 -1.88
N ARG J 137 38.53 -67.87 -1.69
CA ARG J 137 39.68 -68.49 -1.04
C ARG J 137 40.95 -68.33 -1.87
N LYS J 138 40.82 -68.43 -3.20
CA LYS J 138 41.97 -68.20 -4.07
C LYS J 138 42.47 -66.76 -3.97
N TYR J 139 41.54 -65.80 -3.93
CA TYR J 139 41.94 -64.40 -3.79
C TYR J 139 42.54 -64.12 -2.43
N ALA J 140 42.05 -64.82 -1.39
CA ALA J 140 42.67 -64.73 -0.08
C ALA J 140 44.08 -65.28 -0.10
N ARG J 141 44.30 -66.38 -0.83
CA ARG J 141 45.65 -66.92 -0.98
C ARG J 141 46.56 -65.93 -1.71
N ILE J 142 46.03 -65.26 -2.74
CA ILE J 142 46.79 -64.26 -3.49
C ILE J 142 47.20 -63.11 -2.59
N ILE J 143 46.24 -62.56 -1.83
CA ILE J 143 46.53 -61.40 -1.00
C ILE J 143 47.37 -61.79 0.21
N GLN J 144 47.35 -63.06 0.62
CA GLN J 144 48.32 -63.54 1.59
C GLN J 144 49.71 -63.59 1.00
N LYS J 145 49.83 -64.01 -0.26
CA LYS J 145 51.15 -64.17 -0.86
C LYS J 145 51.74 -62.88 -1.42
N ILE J 146 50.96 -61.79 -1.53
CA ILE J 146 51.55 -60.59 -2.10
C ILE J 146 52.19 -59.74 -1.02
N GLY J 147 51.39 -59.15 -0.13
CA GLY J 147 51.97 -58.31 0.90
C GLY J 147 51.25 -58.20 2.22
N PHE J 148 50.18 -58.96 2.43
CA PHE J 148 49.28 -58.67 3.54
C PHE J 148 48.81 -59.97 4.18
N ALA J 149 48.25 -59.85 5.39
CA ALA J 149 47.65 -61.01 6.04
C ALA J 149 46.24 -61.25 5.51
N ALA J 150 45.33 -60.31 5.77
CA ALA J 150 44.00 -60.22 5.14
C ALA J 150 43.20 -61.52 5.32
N LYS J 151 42.84 -61.79 6.57
CA LYS J 151 42.14 -63.01 6.91
C LYS J 151 40.77 -63.08 6.25
N PHE J 152 40.45 -64.24 5.68
CA PHE J 152 39.19 -64.47 4.97
C PHE J 152 38.14 -64.99 5.95
N THR J 153 37.13 -64.18 6.24
CA THR J 153 36.03 -64.56 7.12
C THR J 153 34.74 -64.00 6.54
N ASP J 154 33.68 -64.06 7.36
CA ASP J 154 32.37 -63.42 7.21
C ASP J 154 31.84 -63.37 5.78
N PHE J 155 31.68 -64.57 5.19
CA PHE J 155 31.05 -64.67 3.89
C PHE J 155 29.59 -64.28 3.96
N LYS J 156 29.12 -63.57 2.94
CA LYS J 156 27.74 -63.10 2.88
C LYS J 156 27.32 -62.98 1.42
N ILE J 157 26.16 -63.54 1.08
CA ILE J 157 25.62 -63.49 -0.27
C ILE J 157 24.51 -62.44 -0.30
N GLN J 158 24.59 -61.53 -1.26
CA GLN J 158 23.65 -60.41 -1.33
C GLN J 158 22.55 -60.60 -2.36
N ASN J 159 22.82 -61.29 -3.47
CA ASN J 159 21.85 -61.40 -4.54
C ASN J 159 22.17 -62.62 -5.39
N ILE J 160 21.13 -63.33 -5.81
CA ILE J 160 21.26 -64.49 -6.69
C ILE J 160 20.35 -64.28 -7.88
N VAL J 161 20.91 -64.36 -9.09
CA VAL J 161 20.19 -64.10 -10.32
C VAL J 161 20.02 -65.41 -11.07
N GLY J 162 18.79 -65.68 -11.52
CA GLY J 162 18.50 -66.89 -12.25
C GLY J 162 17.57 -66.61 -13.41
N SER J 163 17.66 -67.47 -14.43
CA SER J 163 16.84 -67.35 -15.63
C SER J 163 16.28 -68.71 -16.02
N CYS J 164 15.03 -68.72 -16.44
CA CYS J 164 14.36 -69.95 -16.86
C CYS J 164 13.17 -69.60 -17.75
N ASP J 165 12.74 -70.57 -18.54
CA ASP J 165 11.62 -70.42 -19.45
C ASP J 165 10.42 -71.21 -18.94
N VAL J 166 9.22 -70.69 -19.21
CA VAL J 166 7.99 -71.27 -18.68
C VAL J 166 7.28 -72.14 -19.73
N LYS J 167 7.67 -72.03 -21.00
CA LYS J 167 7.31 -72.85 -22.17
C LYS J 167 5.88 -72.59 -22.68
N PHE J 168 5.10 -71.72 -22.05
CA PHE J 168 3.84 -71.32 -22.65
C PHE J 168 3.74 -69.80 -22.63
N PRO J 169 3.08 -69.19 -23.61
CA PRO J 169 3.09 -67.72 -23.70
C PRO J 169 2.27 -67.08 -22.59
N ILE J 170 2.69 -65.86 -22.22
CA ILE J 170 2.11 -65.13 -21.10
C ILE J 170 1.53 -63.83 -21.62
N ARG J 171 0.31 -63.51 -21.19
CA ARG J 171 -0.23 -62.18 -21.44
C ARG J 171 0.46 -61.18 -20.54
N LEU J 172 0.91 -60.06 -21.12
CA LEU J 172 1.66 -59.05 -20.38
C LEU J 172 0.95 -57.71 -20.29
N GLU J 173 0.26 -57.29 -21.35
CA GLU J 173 -0.56 -56.08 -21.26
C GLU J 173 -1.70 -56.25 -20.26
N GLY J 174 -2.31 -57.43 -20.24
CA GLY J 174 -3.25 -57.75 -19.18
C GLY J 174 -2.57 -57.86 -17.83
N LEU J 175 -1.35 -58.40 -17.81
CA LEU J 175 -0.61 -58.53 -16.56
C LEU J 175 -0.22 -57.16 -16.01
N ALA J 176 0.13 -56.22 -16.90
CA ALA J 176 0.48 -54.88 -16.46
C ALA J 176 -0.70 -54.19 -15.81
N PHE J 177 -1.89 -54.31 -16.40
CA PHE J 177 -3.07 -53.69 -15.82
C PHE J 177 -3.55 -54.42 -14.58
N SER J 178 -3.34 -55.74 -14.50
CA SER J 178 -3.85 -56.51 -13.38
C SER J 178 -2.93 -56.41 -12.16
N HIS J 179 -1.66 -56.78 -12.32
CA HIS J 179 -0.69 -56.78 -11.23
C HIS J 179 0.09 -55.48 -11.14
N GLY J 180 -0.51 -54.35 -11.54
CA GLY J 180 0.17 -53.08 -11.56
C GLY J 180 0.62 -52.57 -10.21
N THR J 181 0.10 -53.14 -9.12
CA THR J 181 0.61 -52.83 -7.80
C THR J 181 2.07 -53.25 -7.65
N PHE J 182 2.40 -54.44 -8.12
CA PHE J 182 3.76 -54.97 -8.03
C PHE J 182 4.53 -54.86 -9.34
N SER J 183 3.92 -54.31 -10.39
CA SER J 183 4.55 -54.22 -11.69
C SER J 183 4.86 -52.78 -12.05
N SER J 184 5.80 -52.62 -12.99
CA SER J 184 6.16 -51.31 -13.52
C SER J 184 6.41 -51.48 -15.01
N TYR J 185 5.39 -51.23 -15.82
CA TYR J 185 5.43 -51.47 -17.25
C TYR J 185 5.74 -50.17 -17.98
N GLU J 186 6.78 -50.20 -18.81
CA GLU J 186 7.16 -49.04 -19.62
C GLU J 186 7.68 -49.52 -20.96
N PRO J 187 6.81 -49.65 -21.96
CA PRO J 187 7.25 -50.13 -23.28
C PRO J 187 8.18 -49.16 -24.00
N GLU J 188 8.17 -47.88 -23.62
CA GLU J 188 9.03 -46.90 -24.26
C GLU J 188 10.49 -47.10 -23.88
N LEU J 189 10.75 -47.75 -22.75
CA LEU J 189 12.09 -47.90 -22.22
C LEU J 189 12.55 -49.34 -22.17
N PHE J 190 11.79 -50.23 -21.52
CA PHE J 190 12.19 -51.60 -21.31
C PHE J 190 11.08 -52.54 -21.80
N PRO J 191 11.37 -53.48 -22.70
CA PRO J 191 10.32 -54.38 -23.19
C PRO J 191 9.67 -55.24 -22.12
N GLY J 192 10.42 -55.66 -21.10
CA GLY J 192 9.87 -56.56 -20.11
C GLY J 192 9.11 -55.84 -19.00
N LEU J 193 8.37 -56.63 -18.24
CA LEU J 193 7.66 -56.14 -17.06
C LEU J 193 8.52 -56.40 -15.83
N ILE J 194 8.71 -55.38 -15.00
CA ILE J 194 9.51 -55.49 -13.78
C ILE J 194 8.53 -55.75 -12.64
N TYR J 195 8.49 -56.98 -12.16
CA TYR J 195 7.62 -57.37 -11.06
C TYR J 195 8.36 -57.12 -9.75
N ARG J 196 7.94 -56.09 -9.02
CA ARG J 196 8.59 -55.71 -7.76
C ARG J 196 7.79 -56.32 -6.61
N MET J 197 8.07 -57.59 -6.33
CA MET J 197 7.40 -58.28 -5.23
C MET J 197 7.96 -57.82 -3.89
N VAL J 198 7.08 -57.75 -2.89
CA VAL J 198 7.44 -57.25 -1.56
C VAL J 198 7.77 -58.42 -0.65
N LYS J 199 6.83 -59.33 -0.45
CA LYS J 199 7.01 -60.47 0.44
C LYS J 199 6.78 -61.77 -0.33
N PRO J 200 7.81 -62.59 -0.58
CA PRO J 200 9.21 -62.31 -0.24
C PRO J 200 9.90 -61.42 -1.27
N LYS J 201 10.99 -60.76 -0.87
CA LYS J 201 11.60 -59.70 -1.66
C LYS J 201 12.43 -60.31 -2.78
N ILE J 202 11.78 -60.60 -3.91
CA ILE J 202 12.44 -61.04 -5.13
C ILE J 202 11.82 -60.29 -6.29
N VAL J 203 12.65 -59.70 -7.14
CA VAL J 203 12.18 -58.90 -8.26
C VAL J 203 12.30 -59.71 -9.54
N LEU J 204 11.18 -59.90 -10.23
CA LEU J 204 11.14 -60.74 -11.42
C LEU J 204 10.93 -59.89 -12.66
N LEU J 205 11.50 -60.35 -13.76
CA LEU J 205 11.39 -59.69 -15.07
C LEU J 205 10.53 -60.58 -15.95
N ILE J 206 9.24 -60.30 -16.01
CA ILE J 206 8.31 -61.10 -16.78
C ILE J 206 8.35 -60.67 -18.24
N PHE J 207 8.41 -61.64 -19.15
CA PHE J 207 8.44 -61.39 -20.57
C PHE J 207 7.37 -62.21 -21.26
N VAL J 208 6.98 -61.78 -22.46
CA VAL J 208 6.03 -62.55 -23.25
C VAL J 208 6.69 -63.83 -23.78
N SER J 209 8.02 -63.83 -23.90
CA SER J 209 8.74 -65.01 -24.35
C SER J 209 8.81 -66.10 -23.30
N GLY J 210 8.52 -65.79 -22.04
CA GLY J 210 8.56 -66.77 -20.98
C GLY J 210 9.88 -66.88 -20.26
N LYS J 211 10.93 -66.23 -20.75
CA LYS J 211 12.22 -66.25 -20.06
C LYS J 211 12.22 -65.19 -18.98
N ILE J 212 12.28 -65.62 -17.73
CA ILE J 212 12.09 -64.74 -16.57
C ILE J 212 13.41 -64.60 -15.85
N VAL J 213 13.85 -63.36 -15.68
CA VAL J 213 14.99 -63.06 -14.82
C VAL J 213 14.50 -63.02 -13.38
N LEU J 214 15.27 -63.63 -12.48
CA LEU J 214 14.83 -63.94 -11.12
C LEU J 214 15.86 -63.45 -10.10
N THR J 215 16.26 -62.19 -10.24
CA THR J 215 17.19 -61.57 -9.30
C THR J 215 16.47 -61.15 -8.02
N GLY J 216 17.25 -60.91 -6.97
CA GLY J 216 16.69 -60.36 -5.75
C GLY J 216 16.95 -61.16 -4.49
N ALA J 217 16.91 -62.49 -4.58
CA ALA J 217 17.08 -63.33 -3.40
C ALA J 217 18.55 -63.61 -3.13
N LYS J 218 18.86 -63.85 -1.86
CA LYS J 218 20.20 -64.21 -1.43
C LYS J 218 20.38 -65.71 -1.24
N GLN J 219 19.34 -66.50 -1.51
CA GLN J 219 19.40 -67.95 -1.30
C GLN J 219 18.84 -68.69 -2.52
N ARG J 220 18.69 -70.01 -2.40
CA ARG J 220 18.07 -70.82 -3.45
C ARG J 220 16.66 -71.25 -3.09
N GLU J 221 16.41 -71.53 -1.81
CA GLU J 221 15.04 -71.84 -1.38
C GLU J 221 14.13 -70.64 -1.54
N GLU J 222 14.66 -69.44 -1.34
CA GLU J 222 13.90 -68.22 -1.60
C GLU J 222 13.57 -68.09 -3.07
N ILE J 223 14.53 -68.45 -3.94
CA ILE J 223 14.31 -68.43 -5.38
C ILE J 223 13.20 -69.41 -5.77
N TYR J 224 13.26 -70.63 -5.23
CA TYR J 224 12.24 -71.63 -5.53
C TYR J 224 10.87 -71.23 -5.00
N GLN J 225 10.83 -70.63 -3.81
CA GLN J 225 9.57 -70.15 -3.25
C GLN J 225 8.98 -69.03 -4.10
N ALA J 226 9.82 -68.11 -4.58
CA ALA J 226 9.34 -67.06 -5.47
C ALA J 226 8.80 -67.62 -6.77
N PHE J 227 9.48 -68.63 -7.34
CA PHE J 227 9.01 -69.21 -8.59
C PHE J 227 7.69 -69.94 -8.41
N GLU J 228 7.55 -70.73 -7.34
CA GLU J 228 6.29 -71.43 -7.11
C GLU J 228 5.19 -70.47 -6.68
N ALA J 229 5.54 -69.31 -6.13
CA ALA J 229 4.53 -68.30 -5.80
C ALA J 229 4.01 -67.60 -7.04
N ILE J 230 4.90 -67.30 -7.99
CA ILE J 230 4.47 -66.55 -9.18
C ILE J 230 3.99 -67.47 -10.30
N TYR J 231 4.22 -68.78 -10.18
CA TYR J 231 3.70 -69.71 -11.19
C TYR J 231 2.18 -69.68 -11.36
N PRO J 232 1.34 -69.59 -10.31
CA PRO J 232 -0.10 -69.41 -10.57
C PRO J 232 -0.45 -68.14 -11.33
N VAL J 233 0.32 -67.06 -11.16
CA VAL J 233 0.06 -65.82 -11.89
C VAL J 233 0.21 -66.05 -13.38
N LEU J 234 1.29 -66.72 -13.79
CA LEU J 234 1.46 -67.08 -15.20
C LEU J 234 0.50 -68.19 -15.61
N SER J 235 0.00 -68.98 -14.66
CA SER J 235 -0.96 -70.03 -14.99
C SER J 235 -2.29 -69.45 -15.43
N GLU J 236 -2.80 -68.46 -14.68
CA GLU J 236 -4.00 -67.76 -15.13
C GLU J 236 -3.71 -66.78 -16.25
N PHE J 237 -2.46 -66.34 -16.43
CA PHE J 237 -2.09 -65.49 -17.55
C PHE J 237 -1.50 -66.33 -18.69
N ARG J 238 -2.31 -67.25 -19.19
CA ARG J 238 -1.95 -68.08 -20.32
C ARG J 238 -2.50 -67.50 -21.61
N LYS J 239 -2.10 -68.10 -22.73
CA LYS J 239 -2.58 -67.71 -24.05
C LYS J 239 -3.26 -68.91 -24.69
N MET J 240 -4.49 -68.70 -25.18
CA MET J 240 -5.24 -69.75 -25.83
C MET J 240 -5.27 -69.54 -27.34
N SER K 71 9.28 -18.20 7.62
CA SER K 71 8.50 -19.27 8.24
C SER K 71 8.63 -20.58 7.46
N ALA K 72 8.13 -21.66 8.06
CA ALA K 72 8.14 -22.95 7.38
C ALA K 72 7.25 -22.93 6.14
N LEU K 73 6.09 -22.27 6.24
CA LEU K 73 5.20 -22.15 5.09
C LEU K 73 5.70 -21.15 4.06
N GLU K 74 6.54 -20.20 4.50
CA GLU K 74 7.06 -19.19 3.58
C GLU K 74 8.04 -19.79 2.57
N SER K 75 8.86 -20.75 3.01
CA SER K 75 9.88 -21.33 2.13
C SER K 75 9.26 -22.19 1.04
N ARG K 76 8.07 -22.75 1.29
CA ARG K 76 7.41 -23.60 0.30
C ARG K 76 6.99 -22.80 -0.92
N GLU K 77 6.57 -21.56 -0.71
CA GLU K 77 5.95 -20.77 -1.77
C GLU K 77 6.92 -20.44 -2.89
N ALA K 78 8.17 -20.09 -2.53
CA ALA K 78 9.17 -19.75 -3.55
C ALA K 78 9.52 -20.97 -4.39
N THR K 79 9.67 -22.13 -3.75
CA THR K 79 9.96 -23.36 -4.48
C THR K 79 8.82 -23.74 -5.40
N LEU K 80 7.58 -23.61 -4.93
CA LEU K 80 6.42 -23.90 -5.77
C LEU K 80 6.32 -22.92 -6.93
N ASN K 81 6.66 -21.65 -6.70
CA ASN K 81 6.65 -20.66 -7.76
C ASN K 81 7.70 -20.96 -8.82
N ASN K 82 8.89 -21.39 -8.40
CA ASN K 82 9.92 -21.80 -9.35
C ASN K 82 9.48 -23.01 -10.16
N ALA K 83 8.86 -23.98 -9.48
CA ALA K 83 8.34 -25.17 -10.16
C ALA K 83 7.26 -24.80 -11.18
N ARG K 84 6.36 -23.89 -10.80
CA ARG K 84 5.31 -23.44 -11.70
C ARG K 84 5.90 -22.72 -12.91
N ARG K 85 6.91 -21.88 -12.69
CA ARG K 85 7.54 -21.15 -13.78
C ARG K 85 8.20 -22.10 -14.77
N LYS K 86 8.96 -23.09 -14.26
CA LYS K 86 9.61 -24.04 -15.15
C LYS K 86 8.60 -24.92 -15.87
N LEU K 87 7.56 -25.37 -15.16
CA LEU K 87 6.53 -26.21 -15.75
C LEU K 87 5.78 -25.48 -16.86
N ARG K 88 5.44 -24.21 -16.61
CA ARG K 88 4.78 -23.40 -17.64
C ARG K 88 5.71 -23.13 -18.82
N ALA K 89 7.01 -22.95 -18.55
CA ALA K 89 7.97 -22.73 -19.62
C ALA K 89 8.07 -23.95 -20.54
N VAL K 90 8.07 -25.15 -19.97
CA VAL K 90 8.08 -26.35 -20.81
C VAL K 90 6.73 -26.55 -21.49
N SER K 91 5.63 -26.26 -20.79
CA SER K 91 4.30 -26.44 -21.36
C SER K 91 4.02 -25.48 -22.50
N TYR K 92 4.69 -24.32 -22.51
CA TYR K 92 4.57 -23.38 -23.62
C TYR K 92 5.11 -23.96 -24.92
N ALA K 93 6.04 -24.91 -24.84
CA ALA K 93 6.55 -25.59 -26.01
C ALA K 93 5.93 -26.96 -26.21
N LEU K 94 5.30 -27.53 -25.19
CA LEU K 94 4.69 -28.85 -25.31
C LEU K 94 3.25 -28.81 -25.82
N HIS K 95 2.57 -27.66 -25.68
CA HIS K 95 1.17 -27.47 -26.08
C HIS K 95 0.25 -28.48 -25.39
N ILE K 96 0.19 -28.38 -24.07
CA ILE K 96 -0.67 -29.25 -23.27
C ILE K 96 -1.76 -28.40 -22.62
N PRO K 97 -2.94 -28.96 -22.35
CA PRO K 97 -4.02 -28.16 -21.75
C PRO K 97 -3.73 -27.81 -20.30
N GLU K 98 -4.65 -27.00 -19.74
CA GLU K 98 -4.44 -26.42 -18.42
C GLU K 98 -4.55 -27.47 -17.31
N TYR K 99 -5.54 -28.37 -17.40
CA TYR K 99 -5.75 -29.33 -16.33
C TYR K 99 -4.61 -30.36 -16.25
N ILE K 100 -3.97 -30.64 -17.38
CA ILE K 100 -2.77 -31.48 -17.37
C ILE K 100 -1.65 -30.81 -16.58
N THR K 101 -1.46 -29.51 -16.79
CA THR K 101 -0.46 -28.78 -16.02
C THR K 101 -0.81 -28.70 -14.54
N ASP K 102 -2.11 -28.58 -14.24
CA ASP K 102 -2.55 -28.57 -12.85
C ASP K 102 -2.27 -29.90 -12.17
N ALA K 103 -2.54 -31.01 -12.84
CA ALA K 103 -2.24 -32.32 -12.30
C ALA K 103 -0.73 -32.51 -12.15
N ALA K 104 0.06 -31.99 -13.09
CA ALA K 104 1.51 -32.06 -12.99
C ALA K 104 2.02 -31.27 -11.79
N PHE K 105 1.42 -30.11 -11.53
CA PHE K 105 1.86 -29.32 -10.39
C PHE K 105 1.45 -29.98 -9.07
N GLN K 106 0.28 -30.62 -9.02
CA GLN K 106 -0.07 -31.34 -7.80
C GLN K 106 0.81 -32.58 -7.60
N TRP K 107 1.26 -33.21 -8.70
CA TRP K 107 2.22 -34.29 -8.57
C TRP K 107 3.58 -33.78 -8.11
N TYR K 108 3.95 -32.57 -8.53
CA TYR K 108 5.19 -31.96 -8.05
C TYR K 108 5.10 -31.63 -6.56
N LYS K 109 3.92 -31.19 -6.12
CA LYS K 109 3.69 -30.99 -4.68
C LYS K 109 3.82 -32.29 -3.92
N LEU K 110 3.27 -33.37 -4.48
CA LEU K 110 3.42 -34.69 -3.85
C LEU K 110 4.88 -35.13 -3.83
N ALA K 111 5.64 -34.81 -4.87
CA ALA K 111 7.05 -35.16 -4.92
C ALA K 111 7.84 -34.42 -3.85
N LEU K 112 7.57 -33.12 -3.67
CA LEU K 112 8.18 -32.38 -2.57
C LEU K 112 7.74 -32.91 -1.22
N ALA K 113 6.51 -33.41 -1.11
CA ALA K 113 6.07 -34.00 0.14
C ALA K 113 6.75 -35.34 0.42
N ASN K 114 7.32 -35.99 -0.60
CA ASN K 114 7.99 -37.27 -0.45
C ASN K 114 9.51 -37.12 -0.31
N ASN K 115 9.98 -35.98 0.19
CA ASN K 115 11.40 -35.62 0.23
C ASN K 115 12.01 -35.72 -1.16
N PHE K 116 11.58 -34.76 -2.00
CA PHE K 116 11.96 -34.62 -3.40
C PHE K 116 13.43 -34.91 -3.64
N VAL K 117 13.70 -35.68 -4.69
CA VAL K 117 15.03 -36.15 -5.02
C VAL K 117 15.99 -35.00 -5.31
N GLN K 118 16.98 -34.84 -4.44
CA GLN K 118 17.97 -33.78 -4.58
C GLN K 118 19.12 -34.25 -5.46
N GLY K 119 19.82 -33.29 -6.06
CA GLY K 119 20.94 -33.61 -6.92
C GLY K 119 20.52 -33.89 -8.35
N ARG K 120 19.24 -34.09 -8.57
CA ARG K 120 18.73 -34.30 -9.93
C ARG K 120 18.64 -32.97 -10.67
N ARG K 121 18.73 -33.04 -11.99
CA ARG K 121 18.51 -31.88 -12.82
C ARG K 121 17.05 -31.45 -12.74
N SER K 122 16.82 -30.14 -12.83
CA SER K 122 15.48 -29.60 -12.69
C SER K 122 14.56 -30.07 -13.82
N GLN K 123 15.11 -30.18 -15.04
CA GLN K 123 14.28 -30.56 -16.18
C GLN K 123 13.84 -32.02 -16.10
N ASN K 124 14.60 -32.86 -15.39
CA ASN K 124 14.25 -34.27 -15.28
C ASN K 124 12.96 -34.47 -14.49
N VAL K 125 12.87 -33.84 -13.32
CA VAL K 125 11.73 -34.06 -12.43
C VAL K 125 10.47 -33.41 -13.00
N ILE K 126 10.60 -32.20 -13.57
CA ILE K 126 9.45 -31.55 -14.18
C ILE K 126 9.02 -32.31 -15.43
N ALA K 127 9.96 -32.91 -16.16
CA ALA K 127 9.61 -33.75 -17.31
C ALA K 127 8.87 -35.00 -16.88
N SER K 128 9.31 -35.62 -15.77
CA SER K 128 8.62 -36.79 -15.25
C SER K 128 7.21 -36.46 -14.79
N CYS K 129 7.04 -35.34 -14.08
CA CYS K 129 5.71 -34.93 -13.63
C CYS K 129 4.80 -34.59 -14.81
N LEU K 130 5.35 -33.90 -15.81
CA LEU K 130 4.58 -33.58 -17.01
C LEU K 130 4.17 -34.85 -17.75
N TYR K 131 5.08 -35.83 -17.84
CA TYR K 131 4.75 -37.07 -18.53
C TYR K 131 3.69 -37.86 -17.79
N VAL K 132 3.79 -37.95 -16.46
CA VAL K 132 2.80 -38.73 -15.72
C VAL K 132 1.45 -38.02 -15.73
N ALA K 133 1.44 -36.69 -15.77
CA ALA K 133 0.18 -35.97 -15.89
C ALA K 133 -0.42 -36.14 -17.28
N CYS K 134 0.41 -36.09 -18.32
CA CYS K 134 -0.08 -36.29 -19.67
C CYS K 134 -0.45 -37.74 -19.94
N ARG K 135 0.02 -38.67 -19.12
CA ARG K 135 -0.35 -40.06 -19.28
C ARG K 135 -1.55 -40.47 -18.44
N LYS K 136 -1.82 -39.75 -17.34
CA LYS K 136 -2.97 -40.11 -16.49
C LYS K 136 -4.30 -39.94 -17.23
N GLU K 137 -4.34 -39.08 -18.25
CA GLU K 137 -5.44 -39.00 -19.20
C GLU K 137 -4.88 -39.37 -20.55
N LYS K 138 -5.61 -40.20 -21.29
CA LYS K 138 -5.09 -40.78 -22.54
C LYS K 138 -4.82 -39.70 -23.57
N THR K 139 -3.54 -39.50 -23.87
CA THR K 139 -3.08 -38.47 -24.80
C THR K 139 -2.01 -39.07 -25.70
N HIS K 140 -1.28 -38.21 -26.39
CA HIS K 140 -0.39 -38.62 -27.47
C HIS K 140 1.06 -38.21 -27.30
N HIS K 141 1.40 -37.46 -26.25
CA HIS K 141 2.75 -36.91 -26.14
C HIS K 141 3.76 -38.00 -25.82
N MET K 142 4.96 -37.85 -26.40
CA MET K 142 6.02 -38.84 -26.33
C MET K 142 7.25 -38.20 -25.70
N LEU K 143 8.11 -39.05 -25.10
CA LEU K 143 9.26 -38.57 -24.34
C LEU K 143 10.26 -37.82 -25.21
N ILE K 144 10.28 -38.10 -26.52
CA ILE K 144 11.15 -37.36 -27.43
C ILE K 144 10.74 -35.89 -27.49
N ASP K 145 9.43 -35.63 -27.46
CA ASP K 145 8.95 -34.24 -27.42
C ASP K 145 9.38 -33.54 -26.13
N PHE K 146 9.41 -34.28 -25.02
CA PHE K 146 9.98 -33.74 -23.79
C PHE K 146 11.46 -33.45 -23.95
N SER K 147 12.17 -34.28 -24.72
CA SER K 147 13.61 -34.19 -24.87
C SER K 147 14.03 -33.57 -26.20
N SER K 148 13.22 -32.68 -26.76
CA SER K 148 13.55 -32.07 -28.05
C SER K 148 14.12 -30.67 -27.88
N ARG K 149 15.27 -30.54 -27.19
CA ARG K 149 16.06 -29.31 -27.24
C ARG K 149 17.53 -29.66 -27.47
N LEU K 150 17.84 -30.09 -28.71
CA LEU K 150 19.16 -30.11 -29.35
C LEU K 150 20.21 -31.00 -28.71
N GLN K 151 20.07 -31.30 -27.41
CA GLN K 151 20.80 -32.33 -26.68
C GLN K 151 20.13 -32.51 -25.32
N VAL K 152 19.37 -33.58 -25.12
CA VAL K 152 18.71 -33.80 -23.84
C VAL K 152 18.95 -35.19 -23.26
N SER K 153 19.33 -36.18 -24.08
CA SER K 153 19.58 -37.57 -23.66
C SER K 153 18.33 -38.18 -23.01
N VAL K 154 17.34 -38.40 -23.88
CA VAL K 154 15.97 -38.79 -23.51
C VAL K 154 15.94 -39.96 -22.54
N TYR K 155 16.88 -40.90 -22.67
CA TYR K 155 16.78 -42.12 -21.88
C TYR K 155 17.12 -41.86 -20.41
N SER K 156 17.91 -40.82 -20.15
CA SER K 156 18.12 -40.39 -18.76
C SER K 156 16.83 -39.89 -18.13
N ILE K 157 16.03 -39.15 -18.90
CA ILE K 157 14.71 -38.71 -18.43
C ILE K 157 13.82 -39.91 -18.18
N GLY K 158 13.88 -40.91 -19.07
CA GLY K 158 13.13 -42.14 -18.85
C GLY K 158 13.56 -42.88 -17.59
N ALA K 159 14.86 -42.91 -17.33
CA ALA K 159 15.38 -43.56 -16.12
C ALA K 159 14.94 -42.83 -14.87
N THR K 160 14.95 -41.49 -14.91
CA THR K 160 14.46 -40.72 -13.76
C THR K 160 12.97 -40.96 -13.54
N PHE K 161 12.20 -41.06 -14.63
CA PHE K 161 10.79 -41.39 -14.51
C PHE K 161 10.59 -42.75 -13.89
N LEU K 162 11.38 -43.74 -14.31
CA LEU K 162 11.29 -45.09 -13.75
C LEU K 162 11.63 -45.09 -12.27
N LYS K 163 12.63 -44.30 -11.87
CA LYS K 163 12.95 -44.17 -10.45
C LYS K 163 11.80 -43.53 -9.69
N MET K 164 11.16 -42.51 -10.27
CA MET K 164 10.06 -41.85 -9.60
C MET K 164 8.77 -42.65 -9.63
N VAL K 165 8.71 -43.73 -10.41
CA VAL K 165 7.54 -44.61 -10.37
C VAL K 165 7.40 -45.23 -8.98
N LYS K 166 8.48 -45.79 -8.46
CA LYS K 166 8.44 -46.44 -7.15
C LYS K 166 8.40 -45.43 -6.02
N LYS K 167 9.12 -44.31 -6.18
CA LYS K 167 9.17 -43.31 -5.11
C LYS K 167 7.82 -42.64 -4.91
N LEU K 168 7.18 -42.23 -6.01
CA LEU K 168 5.88 -41.58 -5.90
C LEU K 168 4.72 -42.57 -5.78
N HIS K 169 4.98 -43.87 -5.97
CA HIS K 169 4.01 -44.95 -5.80
C HIS K 169 2.76 -44.71 -6.65
N ILE K 170 2.94 -44.75 -7.96
CA ILE K 170 1.83 -44.53 -8.88
C ILE K 170 0.85 -45.69 -8.81
N THR K 171 -0.43 -45.35 -8.66
CA THR K 171 -1.52 -46.32 -8.67
C THR K 171 -2.54 -45.92 -9.72
N GLU K 172 -3.39 -46.88 -10.08
CA GLU K 172 -4.32 -46.78 -11.20
C GLU K 172 -3.56 -46.41 -12.48
N LEU K 173 -2.70 -47.35 -12.90
CA LEU K 173 -1.79 -47.09 -14.01
C LEU K 173 -2.59 -46.96 -15.32
N PRO K 174 -2.18 -46.07 -16.21
CA PRO K 174 -2.89 -45.92 -17.48
C PRO K 174 -2.48 -46.98 -18.48
N LEU K 175 -3.42 -47.31 -19.37
CA LEU K 175 -3.18 -48.32 -20.39
C LEU K 175 -2.24 -47.78 -21.47
N ALA K 176 -1.71 -48.69 -22.28
CA ALA K 176 -0.83 -48.36 -23.39
C ALA K 176 -1.49 -48.88 -24.66
N ASP K 177 -2.30 -48.02 -25.30
CA ASP K 177 -2.99 -48.37 -26.53
C ASP K 177 -2.66 -47.31 -27.58
N PRO K 178 -2.19 -47.72 -28.76
CA PRO K 178 -1.73 -46.75 -29.77
C PRO K 178 -2.81 -46.18 -30.66
N SER K 179 -4.10 -46.36 -30.32
CA SER K 179 -5.17 -45.80 -31.13
C SER K 179 -5.17 -44.27 -31.08
N LEU K 180 -4.90 -43.70 -29.90
CA LEU K 180 -4.81 -42.24 -29.79
C LEU K 180 -3.53 -41.69 -30.40
N PHE K 181 -2.53 -42.54 -30.62
CA PHE K 181 -1.30 -42.08 -31.27
C PHE K 181 -1.54 -41.71 -32.73
N ILE K 182 -2.37 -42.49 -33.43
CA ILE K 182 -2.58 -42.30 -34.86
C ILE K 182 -3.32 -41.01 -35.13
N GLN K 183 -4.28 -40.66 -34.27
CA GLN K 183 -5.08 -39.45 -34.47
C GLN K 183 -4.24 -38.18 -34.32
N HIS K 184 -3.05 -38.27 -33.73
CA HIS K 184 -2.12 -37.16 -33.64
C HIS K 184 -0.98 -37.25 -34.65
N PHE K 185 -0.56 -38.46 -35.02
CA PHE K 185 0.44 -38.61 -36.06
C PHE K 185 -0.13 -38.39 -37.46
N ALA K 186 -1.46 -38.38 -37.61
CA ALA K 186 -2.06 -38.28 -38.94
C ALA K 186 -1.82 -36.92 -39.58
N GLU K 187 -1.86 -35.84 -38.79
CA GLU K 187 -1.83 -34.50 -39.38
C GLU K 187 -0.44 -34.13 -39.90
N LYS K 188 0.62 -34.64 -39.28
CA LYS K 188 1.97 -34.28 -39.73
C LYS K 188 2.38 -35.07 -40.96
N LEU K 189 2.45 -36.39 -40.83
CA LEU K 189 2.85 -37.27 -41.92
C LEU K 189 1.66 -38.08 -42.40
N ASP K 190 1.53 -38.18 -43.72
CA ASP K 190 0.46 -38.94 -44.39
C ASP K 190 -0.92 -38.40 -44.00
N LEU K 191 -1.14 -37.13 -44.31
CA LEU K 191 -2.42 -36.51 -44.05
C LEU K 191 -3.44 -36.92 -45.12
N ALA K 192 -4.70 -36.63 -44.85
CA ALA K 192 -5.80 -36.98 -45.74
C ALA K 192 -6.68 -35.76 -45.97
N ASP K 193 -7.40 -35.77 -47.09
CA ASP K 193 -8.30 -34.65 -47.42
C ASP K 193 -9.44 -34.56 -46.42
N LYS K 194 -10.05 -35.69 -46.08
CA LYS K 194 -11.12 -35.72 -45.09
C LYS K 194 -10.63 -36.09 -43.69
N LYS K 195 -9.41 -36.63 -43.58
CA LYS K 195 -8.81 -37.08 -42.32
C LYS K 195 -9.66 -38.15 -41.63
N ILE K 196 -10.35 -38.99 -42.42
CA ILE K 196 -11.21 -40.03 -41.85
C ILE K 196 -10.71 -41.39 -42.33
N LYS K 197 -10.10 -41.45 -43.51
CA LYS K 197 -9.81 -42.74 -44.12
C LYS K 197 -8.58 -43.41 -43.49
N VAL K 198 -7.42 -42.75 -43.58
CA VAL K 198 -6.16 -43.41 -43.24
C VAL K 198 -6.04 -43.67 -41.74
N VAL K 199 -6.51 -42.72 -40.91
CA VAL K 199 -6.40 -42.89 -39.46
C VAL K 199 -7.33 -44.00 -38.97
N LYS K 200 -8.55 -44.06 -39.51
CA LYS K 200 -9.48 -45.13 -39.12
C LYS K 200 -8.99 -46.48 -39.62
N ASP K 201 -8.41 -46.53 -40.82
CA ASP K 201 -7.84 -47.78 -41.33
C ASP K 201 -6.71 -48.27 -40.44
N ALA K 202 -5.82 -47.34 -40.03
CA ALA K 202 -4.68 -47.70 -39.20
C ALA K 202 -5.13 -48.19 -37.82
N VAL K 203 -6.08 -47.49 -37.19
CA VAL K 203 -6.53 -47.93 -35.87
C VAL K 203 -7.33 -49.22 -35.97
N LYS K 204 -8.05 -49.42 -37.09
CA LYS K 204 -8.83 -50.65 -37.26
C LYS K 204 -7.91 -51.86 -37.42
N LEU K 205 -6.83 -51.71 -38.20
CA LEU K 205 -5.89 -52.82 -38.31
C LEU K 205 -5.11 -53.02 -37.01
N ALA K 206 -4.79 -51.92 -36.31
CA ALA K 206 -4.04 -52.02 -35.05
C ALA K 206 -4.86 -52.69 -33.95
N GLN K 207 -6.17 -52.48 -33.94
CA GLN K 207 -7.03 -53.08 -32.92
C GLN K 207 -6.99 -54.60 -32.98
N ARG K 208 -6.97 -55.17 -34.18
CA ARG K 208 -6.89 -56.61 -34.33
C ARG K 208 -5.46 -57.13 -34.31
N MET K 209 -4.47 -56.32 -34.68
CA MET K 209 -3.08 -56.74 -34.54
C MET K 209 -2.64 -56.72 -33.08
N SER K 210 -3.33 -55.98 -32.22
CA SER K 210 -2.99 -55.99 -30.80
C SER K 210 -3.43 -57.28 -30.13
N LYS K 211 -4.61 -57.80 -30.50
CA LYS K 211 -5.14 -59.00 -29.85
C LYS K 211 -4.44 -60.28 -30.31
N ASP K 212 -3.58 -60.21 -31.32
CA ASP K 212 -2.80 -61.36 -31.76
C ASP K 212 -1.54 -61.57 -30.92
N TRP K 213 -1.38 -60.80 -29.84
CA TRP K 213 -0.25 -60.90 -28.92
C TRP K 213 1.09 -60.74 -29.62
N MET K 214 1.16 -59.76 -30.52
CA MET K 214 2.37 -59.41 -31.24
C MET K 214 3.03 -58.15 -30.72
N PHE K 215 2.25 -57.12 -30.39
CA PHE K 215 2.77 -55.88 -29.83
C PHE K 215 2.71 -56.00 -28.30
N GLU K 216 3.87 -56.25 -27.70
CA GLU K 216 3.99 -56.36 -26.24
C GLU K 216 5.32 -55.73 -25.85
N GLY K 217 5.28 -54.50 -25.33
CA GLY K 217 6.48 -53.81 -24.91
C GLY K 217 7.42 -53.49 -26.05
N ARG K 218 6.90 -52.95 -27.14
CA ARG K 218 7.66 -52.78 -28.37
C ARG K 218 7.53 -51.36 -28.91
N ARG K 219 7.74 -50.35 -28.04
CA ARG K 219 7.83 -48.93 -28.39
C ARG K 219 6.62 -48.42 -29.18
N PRO K 220 5.48 -48.12 -28.49
CA PRO K 220 4.22 -47.75 -29.14
C PRO K 220 4.28 -46.73 -30.28
N ALA K 221 5.27 -45.84 -30.26
CA ALA K 221 5.50 -44.97 -31.40
C ALA K 221 5.88 -45.77 -32.64
N GLY K 222 6.70 -46.81 -32.46
CA GLY K 222 7.09 -47.64 -33.59
C GLY K 222 5.94 -48.42 -34.18
N ILE K 223 5.11 -49.02 -33.31
CA ILE K 223 3.95 -49.76 -33.82
C ILE K 223 2.94 -48.82 -34.44
N ALA K 224 2.83 -47.58 -33.93
CA ALA K 224 1.94 -46.61 -34.53
C ALA K 224 2.41 -46.21 -35.93
N GLY K 225 3.72 -45.95 -36.09
CA GLY K 225 4.25 -45.63 -37.39
C GLY K 225 4.14 -46.80 -38.37
N ALA K 226 4.36 -48.02 -37.88
CA ALA K 226 4.21 -49.20 -38.73
C ALA K 226 2.77 -49.40 -39.17
N CYS K 227 1.80 -49.16 -38.27
CA CYS K 227 0.40 -49.26 -38.65
C CYS K 227 0.01 -48.19 -39.65
N ILE K 228 0.56 -46.98 -39.50
CA ILE K 228 0.31 -45.91 -40.46
C ILE K 228 0.88 -46.28 -41.83
N LEU K 229 2.08 -46.85 -41.86
CA LEU K 229 2.68 -47.30 -43.12
C LEU K 229 1.86 -48.42 -43.75
N LEU K 230 1.33 -49.34 -42.94
CA LEU K 230 0.49 -50.41 -43.47
C LEU K 230 -0.80 -49.86 -44.05
N ALA K 231 -1.41 -48.89 -43.37
CA ALA K 231 -2.62 -48.25 -43.88
C ALA K 231 -2.35 -47.50 -45.18
N CYS K 232 -1.18 -46.86 -45.28
CA CYS K 232 -0.80 -46.20 -46.52
C CYS K 232 -0.56 -47.21 -47.64
N ARG K 233 0.02 -48.36 -47.30
CA ARG K 233 0.28 -49.39 -48.31
C ARG K 233 -1.02 -49.99 -48.84
N MET K 234 -1.98 -50.29 -47.95
CA MET K 234 -3.23 -50.90 -48.41
C MET K 234 -4.11 -49.88 -49.14
N ASN K 235 -4.05 -48.62 -48.75
CA ASN K 235 -4.82 -47.57 -49.41
C ASN K 235 -3.95 -46.92 -50.50
N ASN K 236 -4.42 -45.79 -51.04
CA ASN K 236 -3.71 -45.06 -52.06
C ASN K 236 -3.26 -43.72 -51.47
N LEU K 237 -1.95 -43.55 -51.35
CA LEU K 237 -1.38 -42.30 -50.84
C LEU K 237 0.06 -42.19 -51.34
N ARG K 238 0.31 -41.19 -52.18
CA ARG K 238 1.64 -40.96 -52.76
C ARG K 238 2.46 -40.16 -51.75
N ARG K 239 3.22 -40.86 -50.92
CA ARG K 239 4.04 -40.24 -49.88
C ARG K 239 5.38 -40.94 -49.82
N THR K 240 6.38 -40.22 -49.31
CA THR K 240 7.72 -40.77 -49.17
C THR K 240 7.78 -41.71 -47.97
N HIS K 241 8.38 -42.89 -48.17
CA HIS K 241 8.47 -43.88 -47.11
C HIS K 241 9.38 -43.42 -45.98
N THR K 242 10.53 -42.82 -46.33
CA THR K 242 11.53 -42.46 -45.33
C THR K 242 11.25 -41.14 -44.63
N GLU K 243 10.26 -40.36 -45.10
CA GLU K 243 9.99 -39.06 -44.50
C GLU K 243 9.32 -39.15 -43.14
N ILE K 244 8.85 -40.34 -42.75
CA ILE K 244 8.11 -40.48 -41.49
C ILE K 244 9.02 -40.40 -40.28
N VAL K 245 10.33 -40.62 -40.44
CA VAL K 245 11.25 -40.60 -39.31
C VAL K 245 11.49 -39.22 -38.73
N ALA K 246 10.88 -38.17 -39.32
CA ALA K 246 11.04 -36.82 -38.78
C ALA K 246 10.38 -36.68 -37.41
N VAL K 247 9.23 -37.33 -37.21
CA VAL K 247 8.50 -37.18 -35.96
C VAL K 247 8.33 -38.53 -35.26
N SER K 248 8.37 -39.62 -36.03
CA SER K 248 8.20 -40.94 -35.43
C SER K 248 9.46 -41.36 -34.67
N HIS K 249 10.64 -41.08 -35.24
CA HIS K 249 11.94 -41.38 -34.64
C HIS K 249 12.10 -42.88 -34.36
N VAL K 250 11.87 -43.69 -35.37
CA VAL K 250 11.95 -45.15 -35.27
C VAL K 250 12.98 -45.65 -36.26
N ALA K 251 13.81 -46.60 -35.82
CA ALA K 251 14.83 -47.18 -36.68
C ALA K 251 14.18 -47.95 -37.83
N GLU K 252 14.85 -47.93 -38.98
CA GLU K 252 14.31 -48.59 -40.17
C GLU K 252 14.34 -50.10 -40.04
N GLU K 253 15.30 -50.65 -39.27
CA GLU K 253 15.42 -52.10 -39.11
C GLU K 253 14.20 -52.68 -38.41
N THR K 254 13.85 -52.14 -37.25
CA THR K 254 12.67 -52.64 -36.53
C THR K 254 11.39 -52.26 -37.25
N LEU K 255 11.39 -51.16 -38.00
CA LEU K 255 10.22 -50.77 -38.78
C LEU K 255 9.92 -51.79 -39.87
N GLN K 256 10.94 -52.13 -40.67
CA GLN K 256 10.73 -53.15 -41.71
C GLN K 256 10.52 -54.52 -41.11
N GLN K 257 11.06 -54.77 -39.90
CA GLN K 257 10.77 -56.01 -39.20
C GLN K 257 9.30 -56.12 -38.83
N ARG K 258 8.71 -55.02 -38.37
CA ARG K 258 7.29 -55.08 -38.03
C ARG K 258 6.42 -55.13 -39.29
N LEU K 259 6.83 -54.43 -40.36
CA LEU K 259 6.07 -54.50 -41.61
C LEU K 259 6.08 -55.90 -42.22
N ASN K 260 7.24 -56.57 -42.28
CA ASN K 260 7.20 -57.91 -42.85
C ASN K 260 6.71 -58.94 -41.85
N GLU K 261 6.67 -58.60 -40.54
CA GLU K 261 5.95 -59.43 -39.59
C GLU K 261 4.45 -59.38 -39.86
N PHE K 262 3.91 -58.19 -40.13
CA PHE K 262 2.51 -58.08 -40.54
C PHE K 262 2.25 -58.77 -41.88
N LYS K 263 3.22 -58.69 -42.81
CA LYS K 263 3.06 -59.39 -44.08
C LYS K 263 3.07 -60.90 -43.89
N ASN K 264 3.87 -61.39 -42.93
CA ASN K 264 3.92 -62.82 -42.65
C ASN K 264 2.63 -63.29 -41.97
N THR K 265 2.13 -62.52 -40.99
CA THR K 265 0.96 -62.95 -40.23
C THR K 265 -0.36 -62.75 -40.98
N LYS K 266 -0.34 -62.10 -42.14
CA LYS K 266 -1.54 -61.87 -42.93
C LYS K 266 -1.42 -62.62 -44.25
N ALA K 267 -2.52 -63.22 -44.70
CA ALA K 267 -2.53 -63.97 -45.94
C ALA K 267 -2.46 -63.09 -47.18
N ALA K 268 -2.65 -61.77 -47.02
CA ALA K 268 -2.64 -60.80 -48.12
C ALA K 268 -3.65 -61.16 -49.21
N LYS K 269 -4.86 -61.56 -48.78
CA LYS K 269 -5.85 -62.05 -49.71
C LYS K 269 -6.39 -60.95 -50.62
N LEU K 270 -6.63 -59.76 -50.07
CA LEU K 270 -7.16 -58.62 -50.81
C LEU K 270 -6.37 -57.37 -50.50
N SER K 271 -5.04 -57.46 -50.58
CA SER K 271 -4.18 -56.35 -50.18
C SER K 271 -4.32 -55.16 -51.12
N VAL K 272 -4.53 -55.42 -52.42
CA VAL K 272 -4.53 -54.34 -53.40
C VAL K 272 -5.78 -53.47 -53.25
N GLN K 273 -6.93 -54.06 -52.90
CA GLN K 273 -8.14 -53.27 -52.75
C GLN K 273 -8.37 -52.81 -51.30
N LYS K 274 -8.56 -53.76 -50.39
CA LYS K 274 -8.94 -53.48 -49.01
C LYS K 274 -8.83 -54.77 -48.21
N PHE K 275 -8.26 -54.69 -47.01
CA PHE K 275 -8.03 -55.87 -46.18
C PHE K 275 -9.35 -56.52 -45.76
N ARG K 276 -9.23 -57.70 -45.17
CA ARG K 276 -10.38 -58.51 -44.79
C ARG K 276 -11.18 -57.82 -43.70
N GLU K 277 -12.50 -57.79 -43.88
CA GLU K 277 -13.40 -57.08 -42.99
C GLU K 277 -13.84 -57.91 -41.78
N ASN K 278 -13.45 -59.19 -41.72
CA ASN K 278 -13.72 -60.05 -40.58
C ASN K 278 -12.39 -60.67 -40.16
N ASP K 279 -11.64 -59.95 -39.35
CA ASP K 279 -10.30 -60.37 -38.93
C ASP K 279 -10.41 -61.02 -37.55
N VAL K 280 -10.28 -62.35 -37.52
CA VAL K 280 -10.30 -63.11 -36.27
C VAL K 280 -9.14 -64.09 -36.32
N GLU K 281 -8.21 -63.98 -35.37
CA GLU K 281 -7.06 -64.88 -35.25
C GLU K 281 -7.04 -65.40 -33.83
N ASP K 282 -7.78 -66.47 -33.57
CA ASP K 282 -7.86 -67.06 -32.24
C ASP K 282 -6.68 -68.01 -32.07
N GLY K 283 -5.71 -67.61 -31.24
CA GLY K 283 -4.48 -68.37 -31.16
C GLY K 283 -3.70 -68.26 -32.45
N GLU K 284 -3.05 -69.36 -32.83
CA GLU K 284 -2.45 -69.63 -34.14
C GLU K 284 -1.19 -68.80 -34.39
N ALA K 285 -0.87 -67.83 -33.53
CA ALA K 285 0.26 -66.95 -33.75
C ALA K 285 1.03 -66.80 -32.45
N ARG K 286 2.32 -66.50 -32.58
CA ARG K 286 3.22 -66.32 -31.45
C ARG K 286 4.05 -65.07 -31.68
N PRO K 287 4.45 -64.38 -30.61
CA PRO K 287 5.33 -63.23 -30.78
C PRO K 287 6.71 -63.69 -31.23
N PRO K 288 7.48 -62.82 -31.91
CA PRO K 288 8.82 -63.21 -32.37
C PRO K 288 9.79 -63.55 -31.26
N SER K 289 9.67 -62.91 -30.09
CA SER K 289 10.57 -63.23 -28.98
C SER K 289 10.29 -64.62 -28.43
N PHE K 290 9.03 -65.07 -28.48
CA PHE K 290 8.70 -66.44 -28.13
C PHE K 290 9.39 -67.42 -29.07
N VAL K 291 9.36 -67.12 -30.37
CA VAL K 291 10.06 -67.94 -31.37
C VAL K 291 11.55 -67.95 -31.10
N LYS K 292 12.10 -66.81 -30.68
CA LYS K 292 13.54 -66.71 -30.42
C LYS K 292 13.95 -67.56 -29.22
N ASN K 293 13.27 -67.40 -28.08
CA ASN K 293 13.75 -68.00 -26.84
C ASN K 293 12.62 -68.65 -26.03
N ARG K 294 11.81 -69.48 -26.68
CA ARG K 294 11.02 -70.46 -25.95
C ARG K 294 11.73 -71.79 -25.86
N LYS K 295 12.23 -72.29 -27.00
CA LYS K 295 13.01 -73.52 -27.04
C LYS K 295 14.38 -73.39 -26.38
N LYS K 296 14.82 -72.15 -26.11
CA LYS K 296 16.09 -71.79 -25.44
C LYS K 296 17.33 -72.38 -26.14
N GLU K 297 17.16 -72.84 -27.39
CA GLU K 297 18.24 -73.41 -28.20
C GLU K 297 17.96 -73.03 -29.64
N ARG K 298 18.64 -73.70 -30.57
CA ARG K 298 18.43 -73.49 -31.99
C ARG K 298 18.24 -74.84 -32.68
N LYS K 299 17.17 -74.96 -33.46
CA LYS K 299 16.86 -76.18 -34.18
C LYS K 299 16.98 -76.04 -35.70
N ILE K 300 16.98 -74.82 -36.22
CA ILE K 300 17.08 -74.51 -37.65
C ILE K 300 16.00 -75.20 -38.47
N PRO K 439 3.73 -76.05 -8.76
CA PRO K 439 3.15 -76.84 -7.68
C PRO K 439 4.02 -78.03 -7.29
N ARG K 440 5.33 -77.85 -7.41
CA ARG K 440 6.26 -78.92 -7.07
C ARG K 440 6.36 -79.08 -5.55
N ASN K 441 6.92 -80.22 -5.14
CA ASN K 441 7.07 -80.51 -3.72
C ASN K 441 8.14 -79.62 -3.09
N LEU K 442 7.95 -79.31 -1.82
CA LEU K 442 8.93 -78.51 -1.08
C LEU K 442 10.20 -79.29 -0.81
N HIS K 443 10.12 -80.62 -0.73
CA HIS K 443 11.30 -81.44 -0.53
C HIS K 443 12.23 -81.39 -1.75
N LEU K 444 11.67 -81.14 -2.94
CA LEU K 444 12.46 -80.99 -4.15
C LEU K 444 13.18 -79.65 -4.22
N LEU K 445 13.11 -78.83 -3.18
CA LEU K 445 13.72 -77.50 -3.15
C LEU K 445 14.78 -77.48 -2.06
N PRO K 446 16.04 -77.76 -2.39
CA PRO K 446 17.08 -77.79 -1.38
C PRO K 446 17.59 -76.40 -1.02
N THR K 447 18.05 -76.28 0.22
CA THR K 447 18.63 -75.04 0.71
C THR K 447 20.10 -74.96 0.31
N THR K 448 20.55 -73.75 -0.02
CA THR K 448 21.91 -73.53 -0.49
C THR K 448 22.91 -73.28 0.62
N ASP K 449 22.50 -73.41 1.89
CA ASP K 449 23.43 -73.23 2.99
C ASP K 449 24.51 -74.32 3.00
N THR K 450 24.13 -75.53 2.60
CA THR K 450 25.11 -76.62 2.53
C THR K 450 26.17 -76.37 1.47
N TYR K 451 25.82 -75.63 0.41
CA TYR K 451 26.80 -75.26 -0.60
C TYR K 451 27.86 -74.33 -0.02
N LEU K 452 27.43 -73.37 0.81
CA LEU K 452 28.39 -72.50 1.48
C LEU K 452 29.19 -73.24 2.54
N SER K 453 28.59 -74.25 3.18
CA SER K 453 29.33 -74.99 4.20
C SER K 453 30.31 -75.98 3.59
N LYS K 454 30.14 -76.33 2.30
CA LYS K 454 31.03 -77.29 1.65
C LYS K 454 32.46 -76.77 1.59
N VAL K 455 32.64 -75.50 1.24
CA VAL K 455 33.96 -74.90 1.22
C VAL K 455 34.36 -74.50 2.63
N SER K 456 35.51 -74.97 3.08
CA SER K 456 35.96 -74.72 4.44
C SER K 456 36.62 -73.35 4.55
N ASP K 457 36.17 -72.56 5.52
CA ASP K 457 36.74 -71.24 5.80
C ASP K 457 37.78 -71.29 6.90
N ASP K 458 38.43 -72.44 7.08
CA ASP K 458 39.41 -72.61 8.15
C ASP K 458 40.64 -71.75 7.88
N PRO K 459 41.24 -71.17 8.93
CA PRO K 459 42.49 -70.40 8.73
C PRO K 459 43.64 -71.23 8.18
N ASP K 460 43.68 -72.53 8.47
CA ASP K 460 44.76 -73.38 7.98
C ASP K 460 44.51 -73.91 6.58
N ASN K 461 43.35 -73.64 6.00
CA ASN K 461 43.00 -74.17 4.67
C ASN K 461 43.54 -73.26 3.57
N LEU K 462 44.84 -72.99 3.58
CA LEU K 462 45.47 -72.12 2.60
C LEU K 462 46.12 -72.87 1.46
N GLU K 463 46.04 -74.21 1.46
CA GLU K 463 46.70 -75.01 0.43
C GLU K 463 45.73 -75.95 -0.26
N ASP K 464 44.43 -75.63 -0.26
CA ASP K 464 43.42 -76.43 -0.95
C ASP K 464 43.19 -75.96 -2.38
N VAL K 465 43.92 -74.96 -2.84
CA VAL K 465 43.70 -74.38 -4.16
C VAL K 465 44.92 -74.61 -5.03
N ASP K 466 45.62 -75.72 -4.80
CA ASP K 466 46.82 -76.06 -5.57
C ASP K 466 46.40 -76.80 -6.84
N ASP K 467 46.11 -76.03 -7.88
CA ASP K 467 45.81 -76.55 -9.21
C ASP K 467 46.61 -75.77 -10.25
N GLU K 468 47.92 -75.62 -9.99
CA GLU K 468 48.91 -74.79 -10.66
C GLU K 468 48.66 -73.30 -10.44
N GLU K 469 47.67 -72.94 -9.62
CA GLU K 469 47.48 -71.54 -9.25
C GLU K 469 48.60 -71.06 -8.35
N LEU K 470 49.15 -71.95 -7.52
CA LEU K 470 50.20 -71.56 -6.58
C LEU K 470 51.48 -71.12 -7.27
N ASN K 471 51.70 -71.56 -8.50
CA ASN K 471 52.85 -71.11 -9.27
C ASN K 471 52.58 -69.86 -10.09
N ALA K 472 51.33 -69.41 -10.17
CA ALA K 472 50.98 -68.32 -11.07
C ALA K 472 49.94 -67.36 -10.50
N HIS K 473 49.96 -67.10 -9.19
CA HIS K 473 49.03 -66.11 -8.64
C HIS K 473 49.34 -64.71 -9.16
N LEU K 474 50.63 -64.35 -9.22
CA LEU K 474 51.04 -62.99 -9.56
C LEU K 474 52.14 -63.03 -10.62
N LEU K 475 52.47 -61.86 -11.12
CA LEU K 475 53.54 -61.72 -12.09
C LEU K 475 54.89 -62.04 -11.47
N ASN K 476 55.78 -62.62 -12.27
CA ASN K 476 57.13 -62.94 -11.81
C ASN K 476 57.94 -61.67 -11.56
N GLU K 477 58.83 -61.73 -10.57
CA GLU K 477 59.61 -60.56 -10.19
C GLU K 477 60.76 -60.29 -11.15
N GLU K 478 61.11 -61.24 -12.02
CA GLU K 478 62.18 -61.02 -12.98
C GLU K 478 61.76 -60.04 -14.06
N ALA K 479 60.46 -59.97 -14.38
CA ALA K 479 59.94 -59.04 -15.37
C ALA K 479 59.33 -57.80 -14.73
N SER K 480 59.52 -57.61 -13.42
CA SER K 480 59.00 -56.43 -12.74
C SER K 480 59.63 -55.15 -13.28
N LYS K 481 60.95 -55.17 -13.50
CA LYS K 481 61.62 -54.00 -14.07
C LYS K 481 61.22 -53.78 -15.52
N LEU K 482 61.00 -54.86 -16.26
CA LEU K 482 60.54 -54.73 -17.65
C LEU K 482 59.15 -54.10 -17.71
N LYS K 483 58.26 -54.49 -16.79
CA LYS K 483 56.97 -53.81 -16.68
C LYS K 483 57.15 -52.36 -16.25
N GLU K 484 58.06 -52.12 -15.31
CA GLU K 484 58.25 -50.78 -14.74
C GLU K 484 58.79 -49.81 -15.77
N ARG K 485 59.55 -50.30 -16.76
CA ARG K 485 60.05 -49.43 -17.83
C ARG K 485 58.91 -48.76 -18.59
N ILE K 486 58.01 -49.57 -19.16
CA ILE K 486 56.86 -49.00 -19.86
C ILE K 486 55.87 -48.37 -18.90
N TRP K 487 55.89 -48.76 -17.61
CA TRP K 487 55.03 -48.13 -16.61
C TRP K 487 55.43 -46.68 -16.39
N ILE K 488 56.72 -46.42 -16.13
CA ILE K 488 57.16 -45.04 -16.00
C ILE K 488 57.18 -44.34 -17.35
N GLY K 489 57.18 -45.09 -18.45
CA GLY K 489 56.99 -44.47 -19.76
C GLY K 489 55.60 -43.89 -19.94
N LEU K 490 54.56 -44.63 -19.53
CA LEU K 490 53.18 -44.21 -19.78
C LEU K 490 52.39 -43.95 -18.50
N ASN K 491 52.36 -44.91 -17.58
CA ASN K 491 51.54 -44.82 -16.36
C ASN K 491 52.31 -44.13 -15.23
N ALA K 492 52.83 -42.94 -15.51
CA ALA K 492 53.65 -42.20 -14.55
C ALA K 492 52.95 -40.97 -14.00
N ASP K 493 52.47 -40.08 -14.88
CA ASP K 493 51.70 -38.92 -14.44
C ASP K 493 50.30 -39.29 -13.98
N PHE K 494 49.86 -40.53 -14.23
CA PHE K 494 48.55 -41.01 -13.84
C PHE K 494 48.41 -41.23 -12.34
N LEU K 495 49.53 -41.18 -11.59
CA LEU K 495 49.52 -41.39 -10.15
C LEU K 495 49.84 -40.15 -9.34
N LEU K 496 50.46 -39.14 -9.94
CA LEU K 496 50.91 -37.97 -9.19
C LEU K 496 49.74 -37.11 -8.71
N GLU K 497 48.60 -37.19 -9.39
CA GLU K 497 47.43 -36.42 -8.99
C GLU K 497 46.86 -36.91 -7.67
#